data_7GAH
# 
_entry.id   7GAH 
# 
_audit_conform.dict_name       mmcif_pdbx.dic 
_audit_conform.dict_version    5.396 
_audit_conform.dict_location   http://mmcif.pdb.org/dictionaries/ascii/mmcif_pdbx.dic 
# 
loop_
_database_2.database_id 
_database_2.database_code 
_database_2.pdbx_database_accession 
_database_2.pdbx_DOI 
PDB   7GAH         pdb_00007gah 10.2210/pdb7gah/pdb 
WWPDB D_1001405938 ?            ?                   
# 
_pdbx_audit_revision_history.ordinal             1 
_pdbx_audit_revision_history.data_content_type   'Structure model' 
_pdbx_audit_revision_history.major_revision      1 
_pdbx_audit_revision_history.minor_revision      0 
_pdbx_audit_revision_history.revision_date       2024-09-04 
# 
_pdbx_audit_revision_details.ordinal             1 
_pdbx_audit_revision_details.revision_ordinal    1 
_pdbx_audit_revision_details.data_content_type   'Structure model' 
_pdbx_audit_revision_details.provider            repository 
_pdbx_audit_revision_details.type                'Initial release' 
_pdbx_audit_revision_details.description         ? 
_pdbx_audit_revision_details.details             ? 
# 
_pdbx_database_status.entry_id                        7GAH 
_pdbx_database_status.status_code                     REL 
_pdbx_database_status.status_code_sf                  REL 
_pdbx_database_status.status_code_mr                  ? 
_pdbx_database_status.status_code_cs                  ? 
_pdbx_database_status.recvd_initial_deposition_date   2023-08-10 
_pdbx_database_status.status_code_nmr_data            ? 
_pdbx_database_status.deposit_site                    RCSB 
_pdbx_database_status.process_site                    RCSB 
_pdbx_database_status.SG_entry                        ? 
_pdbx_database_status.pdb_format_compatible           Y 
_pdbx_database_status.methods_development_category    ? 
# 
_pdbx_contact_author.id                 1 
_pdbx_contact_author.email              knapp@pharmchem.uni-frankfurt.de 
_pdbx_contact_author.name_first         Stefan 
_pdbx_contact_author.name_last          Knapp 
_pdbx_contact_author.role               'principal investigator/group leader' 
_pdbx_contact_author.identifier_ORCID   0000-0001-5995-6494 
_pdbx_contact_author.name_mi            ? 
# 
loop_
_audit_author.name 
_audit_author.pdbx_ordinal 
_audit_author.identifier_ORCID 
'Kumar, A.'                            1 ? 
'Marples, P.G.'                        2 ? 
'Tomlinson, C.W.E.'                    3 ? 
'Fearon, D.'                           4 ? 
'von-Delft, F.'                        5 ? 
'Knapp, S.'                            6 ? 
'Structural Genomics Consortium (SGC)' 7 ? 
# 
_citation.id                        primary 
_citation.title                     'PanDDA analysis group deposition' 
_citation.journal_abbrev            'To Be Published' 
_citation.journal_volume            ? 
_citation.page_first                ? 
_citation.page_last                 ? 
_citation.year                      ? 
_citation.journal_id_ASTM           ? 
_citation.country                   ? 
_citation.journal_id_ISSN           ? 
_citation.journal_id_CSD            0353 
_citation.book_publisher            ? 
_citation.pdbx_database_id_PubMed   ? 
_citation.pdbx_database_id_DOI      ? 
# 
loop_
_citation_author.citation_id 
_citation_author.name 
_citation_author.identifier_ORCID 
_citation_author.ordinal 
primary 'Kumar, A.'                            ? 1 
primary 'Knapp, S.'                            ? 2 
primary 'Structural Genomics Consortium (SGC)' ? 3 
# 
loop_
_entity.id 
_entity.type 
_entity.src_method 
_entity.pdbx_description 
_entity.formula_weight 
_entity.pdbx_number_of_molecules 
_entity.pdbx_ec 
_entity.pdbx_mutation 
_entity.pdbx_fragment 
_entity.details 
1 polymer     man 'Microtubule-associated proteins 1A/1B light chain 3B'            14237.361 1  ? TruncationafterGly120 ? ? 
2 non-polymer syn 'N~2~-(4-cyano-3-methyl-1,2-thiazol-5-yl)-N~2~-methylglycinamide' 210.256   1  ? ?                     ? ? 
3 non-polymer syn 1,2-ETHANEDIOL                                                    62.068    9  ? ?                     ? ? 
4 non-polymer syn 'CHLORIDE ION'                                                    35.453    1  ? ?                     ? ? 
5 water       nat water                                                             18.015    92 ? ?                     ? ? 
# 
_entity_name_com.entity_id   1 
_entity_name_com.name        
;Autophagy-related protein LC3 B,Autophagy-related ubiquitin-like modifier LC3 B,MAP1 light chain 3-like protein 2,MAP1A/MAP1B light chain 3 B,MAP1A/MAP1B LC3 B,Microtubule-associated protein 1 light chain 3 beta
;
# 
_entity_poly.entity_id                      1 
_entity_poly.type                           'polypeptide(L)' 
_entity_poly.nstd_linkage                   no 
_entity_poly.nstd_monomer                   no 
_entity_poly.pdbx_seq_one_letter_code       
;SMPSEKTFKQRRTFEQRVEDVRLIREQHPTKIPVIIERYKGEKQLPVLDKTKFLVPDHVNMSELIKIIRRRLQLNANQAF
FLLVNGHSMVSVSTPISEVYESEKDEDGFLYMVYASQETFG
;
_entity_poly.pdbx_seq_one_letter_code_can   
;SMPSEKTFKQRRTFEQRVEDVRLIREQHPTKIPVIIERYKGEKQLPVLDKTKFLVPDHVNMSELIKIIRRRLQLNANQAF
FLLVNGHSMVSVSTPISEVYESEKDEDGFLYMVYASQETFG
;
_entity_poly.pdbx_strand_id                 A 
_entity_poly.pdbx_target_identifier         ? 
# 
loop_
_pdbx_entity_nonpoly.entity_id 
_pdbx_entity_nonpoly.name 
_pdbx_entity_nonpoly.comp_id 
2 'N~2~-(4-cyano-3-methyl-1,2-thiazol-5-yl)-N~2~-methylglycinamide' LRF 
3 1,2-ETHANEDIOL                                                    EDO 
4 'CHLORIDE ION'                                                    CL  
5 water                                                             HOH 
# 
loop_
_entity_poly_seq.entity_id 
_entity_poly_seq.num 
_entity_poly_seq.mon_id 
_entity_poly_seq.hetero 
1 1   SER n 
1 2   MET n 
1 3   PRO n 
1 4   SER n 
1 5   GLU n 
1 6   LYS n 
1 7   THR n 
1 8   PHE n 
1 9   LYS n 
1 10  GLN n 
1 11  ARG n 
1 12  ARG n 
1 13  THR n 
1 14  PHE n 
1 15  GLU n 
1 16  GLN n 
1 17  ARG n 
1 18  VAL n 
1 19  GLU n 
1 20  ASP n 
1 21  VAL n 
1 22  ARG n 
1 23  LEU n 
1 24  ILE n 
1 25  ARG n 
1 26  GLU n 
1 27  GLN n 
1 28  HIS n 
1 29  PRO n 
1 30  THR n 
1 31  LYS n 
1 32  ILE n 
1 33  PRO n 
1 34  VAL n 
1 35  ILE n 
1 36  ILE n 
1 37  GLU n 
1 38  ARG n 
1 39  TYR n 
1 40  LYS n 
1 41  GLY n 
1 42  GLU n 
1 43  LYS n 
1 44  GLN n 
1 45  LEU n 
1 46  PRO n 
1 47  VAL n 
1 48  LEU n 
1 49  ASP n 
1 50  LYS n 
1 51  THR n 
1 52  LYS n 
1 53  PHE n 
1 54  LEU n 
1 55  VAL n 
1 56  PRO n 
1 57  ASP n 
1 58  HIS n 
1 59  VAL n 
1 60  ASN n 
1 61  MET n 
1 62  SER n 
1 63  GLU n 
1 64  LEU n 
1 65  ILE n 
1 66  LYS n 
1 67  ILE n 
1 68  ILE n 
1 69  ARG n 
1 70  ARG n 
1 71  ARG n 
1 72  LEU n 
1 73  GLN n 
1 74  LEU n 
1 75  ASN n 
1 76  ALA n 
1 77  ASN n 
1 78  GLN n 
1 79  ALA n 
1 80  PHE n 
1 81  PHE n 
1 82  LEU n 
1 83  LEU n 
1 84  VAL n 
1 85  ASN n 
1 86  GLY n 
1 87  HIS n 
1 88  SER n 
1 89  MET n 
1 90  VAL n 
1 91  SER n 
1 92  VAL n 
1 93  SER n 
1 94  THR n 
1 95  PRO n 
1 96  ILE n 
1 97  SER n 
1 98  GLU n 
1 99  VAL n 
1 100 TYR n 
1 101 GLU n 
1 102 SER n 
1 103 GLU n 
1 104 LYS n 
1 105 ASP n 
1 106 GLU n 
1 107 ASP n 
1 108 GLY n 
1 109 PHE n 
1 110 LEU n 
1 111 TYR n 
1 112 MET n 
1 113 VAL n 
1 114 TYR n 
1 115 ALA n 
1 116 SER n 
1 117 GLN n 
1 118 GLU n 
1 119 THR n 
1 120 PHE n 
1 121 GLY n 
# 
_entity_src_gen.entity_id                          1 
_entity_src_gen.pdbx_src_id                        1 
_entity_src_gen.pdbx_alt_source_flag               sample 
_entity_src_gen.pdbx_seq_type                      'Biological sequence' 
_entity_src_gen.pdbx_beg_seq_num                   1 
_entity_src_gen.pdbx_end_seq_num                   121 
_entity_src_gen.gene_src_common_name               human 
_entity_src_gen.gene_src_genus                     ? 
_entity_src_gen.pdbx_gene_src_gene                 'MAP1LC3B, MAP1ALC3' 
_entity_src_gen.gene_src_species                   ? 
_entity_src_gen.gene_src_strain                    ? 
_entity_src_gen.gene_src_tissue                    ? 
_entity_src_gen.gene_src_tissue_fraction           ? 
_entity_src_gen.gene_src_details                   ? 
_entity_src_gen.pdbx_gene_src_fragment             ? 
_entity_src_gen.pdbx_gene_src_scientific_name      'Homo sapiens' 
_entity_src_gen.pdbx_gene_src_ncbi_taxonomy_id     9606 
_entity_src_gen.pdbx_gene_src_variant              ? 
_entity_src_gen.pdbx_gene_src_cell_line            ? 
_entity_src_gen.pdbx_gene_src_atcc                 ? 
_entity_src_gen.pdbx_gene_src_organ                ? 
_entity_src_gen.pdbx_gene_src_organelle            ? 
_entity_src_gen.pdbx_gene_src_cell                 ? 
_entity_src_gen.pdbx_gene_src_cellular_location    ? 
_entity_src_gen.host_org_common_name               ? 
_entity_src_gen.pdbx_host_org_scientific_name      'Escherichia coli' 
_entity_src_gen.pdbx_host_org_ncbi_taxonomy_id     562 
_entity_src_gen.host_org_genus                     ? 
_entity_src_gen.pdbx_host_org_gene                 ? 
_entity_src_gen.pdbx_host_org_organ                ? 
_entity_src_gen.host_org_species                   ? 
_entity_src_gen.pdbx_host_org_tissue               ? 
_entity_src_gen.pdbx_host_org_tissue_fraction      ? 
_entity_src_gen.pdbx_host_org_strain               ? 
_entity_src_gen.pdbx_host_org_variant              ? 
_entity_src_gen.pdbx_host_org_cell_line            ? 
_entity_src_gen.pdbx_host_org_atcc                 ? 
_entity_src_gen.pdbx_host_org_culture_collection   ? 
_entity_src_gen.pdbx_host_org_cell                 ? 
_entity_src_gen.pdbx_host_org_organelle            ? 
_entity_src_gen.pdbx_host_org_cellular_location    ? 
_entity_src_gen.pdbx_host_org_vector_type          ? 
_entity_src_gen.pdbx_host_org_vector               ? 
_entity_src_gen.host_org_details                   ? 
_entity_src_gen.expression_system_id               ? 
_entity_src_gen.plasmid_name                       ? 
_entity_src_gen.plasmid_details                    ? 
_entity_src_gen.pdbx_description                   ? 
# 
loop_
_chem_comp.id 
_chem_comp.type 
_chem_comp.mon_nstd_flag 
_chem_comp.name 
_chem_comp.pdbx_synonyms 
_chem_comp.formula 
_chem_comp.formula_weight 
ALA 'L-peptide linking' y ALANINE                                                           ?                 'C3 H7 N O2'     
89.093  
ARG 'L-peptide linking' y ARGININE                                                          ?                 'C6 H15 N4 O2 1' 
175.209 
ASN 'L-peptide linking' y ASPARAGINE                                                        ?                 'C4 H8 N2 O3'    
132.118 
ASP 'L-peptide linking' y 'ASPARTIC ACID'                                                   ?                 'C4 H7 N O4'     
133.103 
CL  non-polymer         . 'CHLORIDE ION'                                                    ?                 'Cl -1'          
35.453  
EDO non-polymer         . 1,2-ETHANEDIOL                                                    'ETHYLENE GLYCOL' 'C2 H6 O2'       
62.068  
GLN 'L-peptide linking' y GLUTAMINE                                                         ?                 'C5 H10 N2 O3'   
146.144 
GLU 'L-peptide linking' y 'GLUTAMIC ACID'                                                   ?                 'C5 H9 N O4'     
147.129 
GLY 'peptide linking'   y GLYCINE                                                           ?                 'C2 H5 N O2'     
75.067  
HIS 'L-peptide linking' y HISTIDINE                                                         ?                 'C6 H10 N3 O2 1' 
156.162 
HOH non-polymer         . WATER                                                             ?                 'H2 O'           
18.015  
ILE 'L-peptide linking' y ISOLEUCINE                                                        ?                 'C6 H13 N O2'    
131.173 
LEU 'L-peptide linking' y LEUCINE                                                           ?                 'C6 H13 N O2'    
131.173 
LRF non-polymer         . 'N~2~-(4-cyano-3-methyl-1,2-thiazol-5-yl)-N~2~-methylglycinamide' ?                 'C8 H10 N4 O S'  
210.256 
LYS 'L-peptide linking' y LYSINE                                                            ?                 'C6 H15 N2 O2 1' 
147.195 
MET 'L-peptide linking' y METHIONINE                                                        ?                 'C5 H11 N O2 S'  
149.211 
PHE 'L-peptide linking' y PHENYLALANINE                                                     ?                 'C9 H11 N O2'    
165.189 
PRO 'L-peptide linking' y PROLINE                                                           ?                 'C5 H9 N O2'     
115.130 
SER 'L-peptide linking' y SERINE                                                            ?                 'C3 H7 N O3'     
105.093 
THR 'L-peptide linking' y THREONINE                                                         ?                 'C4 H9 N O3'     
119.119 
TYR 'L-peptide linking' y TYROSINE                                                          ?                 'C9 H11 N O3'    
181.189 
VAL 'L-peptide linking' y VALINE                                                            ?                 'C5 H11 N O2'    
117.146 
# 
loop_
_pdbx_poly_seq_scheme.asym_id 
_pdbx_poly_seq_scheme.entity_id 
_pdbx_poly_seq_scheme.seq_id 
_pdbx_poly_seq_scheme.mon_id 
_pdbx_poly_seq_scheme.ndb_seq_num 
_pdbx_poly_seq_scheme.pdb_seq_num 
_pdbx_poly_seq_scheme.auth_seq_num 
_pdbx_poly_seq_scheme.pdb_mon_id 
_pdbx_poly_seq_scheme.auth_mon_id 
_pdbx_poly_seq_scheme.pdb_strand_id 
_pdbx_poly_seq_scheme.pdb_ins_code 
_pdbx_poly_seq_scheme.hetero 
A 1 1   SER 1   0   ?   ?   ?   A . n 
A 1 2   MET 2   1   ?   ?   ?   A . n 
A 1 3   PRO 3   2   ?   ?   ?   A . n 
A 1 4   SER 4   3   ?   ?   ?   A . n 
A 1 5   GLU 5   4   ?   ?   ?   A . n 
A 1 6   LYS 6   5   5   LYS LYS A . n 
A 1 7   THR 7   6   6   THR THR A . n 
A 1 8   PHE 8   7   7   PHE PHE A . n 
A 1 9   LYS 9   8   8   LYS LYS A . n 
A 1 10  GLN 10  9   9   GLN GLN A . n 
A 1 11  ARG 11  10  10  ARG ARG A . n 
A 1 12  ARG 12  11  11  ARG ARG A . n 
A 1 13  THR 13  12  12  THR THR A . n 
A 1 14  PHE 14  13  13  PHE PHE A . n 
A 1 15  GLU 15  14  14  GLU GLU A . n 
A 1 16  GLN 16  15  15  GLN GLN A . n 
A 1 17  ARG 17  16  16  ARG ARG A . n 
A 1 18  VAL 18  17  17  VAL VAL A . n 
A 1 19  GLU 19  18  18  GLU GLU A . n 
A 1 20  ASP 20  19  19  ASP ASP A . n 
A 1 21  VAL 21  20  20  VAL VAL A . n 
A 1 22  ARG 22  21  21  ARG ARG A . n 
A 1 23  LEU 23  22  22  LEU LEU A . n 
A 1 24  ILE 24  23  23  ILE ILE A . n 
A 1 25  ARG 25  24  24  ARG ARG A . n 
A 1 26  GLU 26  25  25  GLU GLU A . n 
A 1 27  GLN 27  26  26  GLN GLN A . n 
A 1 28  HIS 28  27  27  HIS HIS A . n 
A 1 29  PRO 29  28  28  PRO PRO A . n 
A 1 30  THR 30  29  29  THR THR A . n 
A 1 31  LYS 31  30  30  LYS LYS A . n 
A 1 32  ILE 32  31  31  ILE ILE A . n 
A 1 33  PRO 33  32  32  PRO PRO A . n 
A 1 34  VAL 34  33  33  VAL VAL A . n 
A 1 35  ILE 35  34  34  ILE ILE A . n 
A 1 36  ILE 36  35  35  ILE ILE A . n 
A 1 37  GLU 37  36  36  GLU GLU A . n 
A 1 38  ARG 38  37  37  ARG ARG A . n 
A 1 39  TYR 39  38  38  TYR TYR A . n 
A 1 40  LYS 40  39  39  LYS LYS A . n 
A 1 41  GLY 41  40  40  GLY GLY A . n 
A 1 42  GLU 42  41  41  GLU GLU A . n 
A 1 43  LYS 43  42  42  LYS LYS A . n 
A 1 44  GLN 44  43  43  GLN GLN A . n 
A 1 45  LEU 45  44  44  LEU LEU A . n 
A 1 46  PRO 46  45  45  PRO PRO A . n 
A 1 47  VAL 47  46  46  VAL VAL A . n 
A 1 48  LEU 48  47  47  LEU LEU A . n 
A 1 49  ASP 49  48  48  ASP ASP A . n 
A 1 50  LYS 50  49  49  LYS LYS A . n 
A 1 51  THR 51  50  50  THR THR A . n 
A 1 52  LYS 52  51  51  LYS LYS A . n 
A 1 53  PHE 53  52  52  PHE PHE A . n 
A 1 54  LEU 54  53  53  LEU LEU A . n 
A 1 55  VAL 55  54  54  VAL VAL A . n 
A 1 56  PRO 56  55  55  PRO PRO A . n 
A 1 57  ASP 57  56  56  ASP ASP A . n 
A 1 58  HIS 58  57  57  HIS HIS A . n 
A 1 59  VAL 59  58  58  VAL VAL A . n 
A 1 60  ASN 60  59  59  ASN ASN A . n 
A 1 61  MET 61  60  60  MET MET A . n 
A 1 62  SER 62  61  61  SER SER A . n 
A 1 63  GLU 63  62  62  GLU GLU A . n 
A 1 64  LEU 64  63  63  LEU LEU A . n 
A 1 65  ILE 65  64  64  ILE ILE A . n 
A 1 66  LYS 66  65  65  LYS LYS A . n 
A 1 67  ILE 67  66  66  ILE ILE A . n 
A 1 68  ILE 68  67  67  ILE ILE A . n 
A 1 69  ARG 69  68  68  ARG ARG A . n 
A 1 70  ARG 70  69  69  ARG ARG A . n 
A 1 71  ARG 71  70  70  ARG ARG A . n 
A 1 72  LEU 72  71  71  LEU LEU A . n 
A 1 73  GLN 73  72  72  GLN GLN A . n 
A 1 74  LEU 74  73  73  LEU LEU A . n 
A 1 75  ASN 75  74  74  ASN ASN A . n 
A 1 76  ALA 76  75  75  ALA ALA A . n 
A 1 77  ASN 77  76  76  ASN ASN A . n 
A 1 78  GLN 78  77  77  GLN GLN A . n 
A 1 79  ALA 79  78  78  ALA ALA A . n 
A 1 80  PHE 80  79  79  PHE PHE A . n 
A 1 81  PHE 81  80  80  PHE PHE A . n 
A 1 82  LEU 82  81  81  LEU LEU A . n 
A 1 83  LEU 83  82  82  LEU LEU A . n 
A 1 84  VAL 84  83  83  VAL VAL A . n 
A 1 85  ASN 85  84  84  ASN ASN A . n 
A 1 86  GLY 86  85  85  GLY GLY A . n 
A 1 87  HIS 87  86  86  HIS HIS A . n 
A 1 88  SER 88  87  87  SER SER A . n 
A 1 89  MET 89  88  88  MET MET A . n 
A 1 90  VAL 90  89  89  VAL VAL A . n 
A 1 91  SER 91  90  90  SER SER A . n 
A 1 92  VAL 92  91  91  VAL VAL A . n 
A 1 93  SER 93  92  92  SER SER A . n 
A 1 94  THR 94  93  93  THR THR A . n 
A 1 95  PRO 95  94  94  PRO PRO A . n 
A 1 96  ILE 96  95  95  ILE ILE A . n 
A 1 97  SER 97  96  96  SER SER A . n 
A 1 98  GLU 98  97  97  GLU GLU A . n 
A 1 99  VAL 99  98  98  VAL VAL A . n 
A 1 100 TYR 100 99  99  TYR TYR A . n 
A 1 101 GLU 101 100 100 GLU GLU A . n 
A 1 102 SER 102 101 101 SER SER A . n 
A 1 103 GLU 103 102 102 GLU GLU A . n 
A 1 104 LYS 104 103 103 LYS LYS A . n 
A 1 105 ASP 105 104 104 ASP ASP A . n 
A 1 106 GLU 106 105 105 GLU GLU A . n 
A 1 107 ASP 107 106 106 ASP ASP A . n 
A 1 108 GLY 108 107 107 GLY GLY A . n 
A 1 109 PHE 109 108 108 PHE PHE A . n 
A 1 110 LEU 110 109 109 LEU LEU A . n 
A 1 111 TYR 111 110 110 TYR TYR A . n 
A 1 112 MET 112 111 111 MET MET A . n 
A 1 113 VAL 113 112 112 VAL VAL A . n 
A 1 114 TYR 114 113 113 TYR TYR A . n 
A 1 115 ALA 115 114 114 ALA ALA A . n 
A 1 116 SER 116 115 115 SER SER A . n 
A 1 117 GLN 117 116 116 GLN GLN A . n 
A 1 118 GLU 118 117 117 GLU GLU A . n 
A 1 119 THR 119 118 118 THR THR A . n 
A 1 120 PHE 120 119 119 PHE PHE A . n 
A 1 121 GLY 121 120 ?   ?   ?   A . n 
# 
_pdbx_entity_instance_feature.ordinal        1 
_pdbx_entity_instance_feature.comp_id        LRF 
_pdbx_entity_instance_feature.asym_id        ? 
_pdbx_entity_instance_feature.seq_num        ? 
_pdbx_entity_instance_feature.auth_comp_id   LRF 
_pdbx_entity_instance_feature.auth_asym_id   ? 
_pdbx_entity_instance_feature.auth_seq_num   ? 
_pdbx_entity_instance_feature.feature_type   'SUBJECT OF INVESTIGATION' 
_pdbx_entity_instance_feature.details        ? 
# 
loop_
_pdbx_nonpoly_scheme.asym_id 
_pdbx_nonpoly_scheme.entity_id 
_pdbx_nonpoly_scheme.mon_id 
_pdbx_nonpoly_scheme.ndb_seq_num 
_pdbx_nonpoly_scheme.pdb_seq_num 
_pdbx_nonpoly_scheme.auth_seq_num 
_pdbx_nonpoly_scheme.pdb_mon_id 
_pdbx_nonpoly_scheme.auth_mon_id 
_pdbx_nonpoly_scheme.pdb_strand_id 
_pdbx_nonpoly_scheme.pdb_ins_code 
B 2 LRF 1  201 201 LRF LIG A . 
C 3 EDO 1  202 105 EDO EDO A . 
D 3 EDO 1  203 106 EDO EDO A . 
E 3 EDO 1  204 107 EDO EDO A . 
F 3 EDO 1  205 108 EDO EDO A . 
G 3 EDO 1  206 109 EDO EDO A . 
H 3 EDO 1  207 110 EDO EDO A . 
I 3 EDO 1  208 111 EDO EDO A . 
J 3 EDO 1  209 112 EDO EDO A . 
K 3 EDO 1  210 113 EDO EDO A . 
L 4 CL  1  211 114 CL  CL  A . 
M 5 HOH 1  301 40  HOH HOH A . 
M 5 HOH 2  302 56  HOH HOH A . 
M 5 HOH 3  303 86  HOH HOH A . 
M 5 HOH 4  304 43  HOH HOH A . 
M 5 HOH 5  305 22  HOH HOH A . 
M 5 HOH 6  306 55  HOH HOH A . 
M 5 HOH 7  307 51  HOH HOH A . 
M 5 HOH 8  308 10  HOH HOH A . 
M 5 HOH 9  309 33  HOH HOH A . 
M 5 HOH 10 310 21  HOH HOH A . 
M 5 HOH 11 311 52  HOH HOH A . 
M 5 HOH 12 312 42  HOH HOH A . 
M 5 HOH 13 313 57  HOH HOH A . 
M 5 HOH 14 314 82  HOH HOH A . 
M 5 HOH 15 315 62  HOH HOH A . 
M 5 HOH 16 316 48  HOH HOH A . 
M 5 HOH 17 317 8   HOH HOH A . 
M 5 HOH 18 318 91  HOH HOH A . 
M 5 HOH 19 319 49  HOH HOH A . 
M 5 HOH 20 320 59  HOH HOH A . 
M 5 HOH 21 321 19  HOH HOH A . 
M 5 HOH 22 322 9   HOH HOH A . 
M 5 HOH 23 323 34  HOH HOH A . 
M 5 HOH 24 324 38  HOH HOH A . 
M 5 HOH 25 325 41  HOH HOH A . 
M 5 HOH 26 326 27  HOH HOH A . 
M 5 HOH 27 327 20  HOH HOH A . 
M 5 HOH 28 328 45  HOH HOH A . 
M 5 HOH 29 329 4   HOH HOH A . 
M 5 HOH 30 330 2   HOH HOH A . 
M 5 HOH 31 331 12  HOH HOH A . 
M 5 HOH 32 332 17  HOH HOH A . 
M 5 HOH 33 333 16  HOH HOH A . 
M 5 HOH 34 334 23  HOH HOH A . 
M 5 HOH 35 335 93  HOH HOH A . 
M 5 HOH 36 336 25  HOH HOH A . 
M 5 HOH 37 337 7   HOH HOH A . 
M 5 HOH 38 338 83  HOH HOH A . 
M 5 HOH 39 339 18  HOH HOH A . 
M 5 HOH 40 340 77  HOH HOH A . 
M 5 HOH 41 341 63  HOH HOH A . 
M 5 HOH 42 342 69  HOH HOH A . 
M 5 HOH 43 343 71  HOH HOH A . 
M 5 HOH 44 344 53  HOH HOH A . 
M 5 HOH 45 345 84  HOH HOH A . 
M 5 HOH 46 346 15  HOH HOH A . 
M 5 HOH 47 347 35  HOH HOH A . 
M 5 HOH 48 348 1   HOH HOH A . 
M 5 HOH 49 349 31  HOH HOH A . 
M 5 HOH 50 350 64  HOH HOH A . 
M 5 HOH 51 351 92  HOH HOH A . 
M 5 HOH 52 352 81  HOH HOH A . 
M 5 HOH 53 353 13  HOH HOH A . 
M 5 HOH 54 354 89  HOH HOH A . 
M 5 HOH 55 355 14  HOH HOH A . 
M 5 HOH 56 356 5   HOH HOH A . 
M 5 HOH 57 357 6   HOH HOH A . 
M 5 HOH 58 358 11  HOH HOH A . 
M 5 HOH 59 359 66  HOH HOH A . 
M 5 HOH 60 360 32  HOH HOH A . 
M 5 HOH 61 361 44  HOH HOH A . 
M 5 HOH 62 362 3   HOH HOH A . 
M 5 HOH 63 363 75  HOH HOH A . 
M 5 HOH 64 364 60  HOH HOH A . 
M 5 HOH 65 365 72  HOH HOH A . 
M 5 HOH 66 366 47  HOH HOH A . 
M 5 HOH 67 367 46  HOH HOH A . 
M 5 HOH 68 368 24  HOH HOH A . 
M 5 HOH 69 369 79  HOH HOH A . 
M 5 HOH 70 370 30  HOH HOH A . 
M 5 HOH 71 371 36  HOH HOH A . 
M 5 HOH 72 372 37  HOH HOH A . 
M 5 HOH 73 373 61  HOH HOH A . 
M 5 HOH 74 374 68  HOH HOH A . 
M 5 HOH 75 375 67  HOH HOH A . 
M 5 HOH 76 376 78  HOH HOH A . 
M 5 HOH 77 377 80  HOH HOH A . 
M 5 HOH 78 378 76  HOH HOH A . 
M 5 HOH 79 379 90  HOH HOH A . 
M 5 HOH 80 380 26  HOH HOH A . 
M 5 HOH 81 381 65  HOH HOH A . 
M 5 HOH 82 382 94  HOH HOH A . 
M 5 HOH 83 383 85  HOH HOH A . 
M 5 HOH 84 384 28  HOH HOH A . 
M 5 HOH 85 385 88  HOH HOH A . 
M 5 HOH 86 386 70  HOH HOH A . 
M 5 HOH 87 387 29  HOH HOH A . 
M 5 HOH 88 388 50  HOH HOH A . 
M 5 HOH 89 389 39  HOH HOH A . 
M 5 HOH 90 390 58  HOH HOH A . 
M 5 HOH 91 391 87  HOH HOH A . 
M 5 HOH 92 392 54  HOH HOH A . 
# 
loop_
_pdbx_unobs_or_zero_occ_atoms.id 
_pdbx_unobs_or_zero_occ_atoms.PDB_model_num 
_pdbx_unobs_or_zero_occ_atoms.polymer_flag 
_pdbx_unobs_or_zero_occ_atoms.occupancy_flag 
_pdbx_unobs_or_zero_occ_atoms.auth_asym_id 
_pdbx_unobs_or_zero_occ_atoms.auth_comp_id 
_pdbx_unobs_or_zero_occ_atoms.auth_seq_id 
_pdbx_unobs_or_zero_occ_atoms.PDB_ins_code 
_pdbx_unobs_or_zero_occ_atoms.auth_atom_id 
_pdbx_unobs_or_zero_occ_atoms.label_alt_id 
_pdbx_unobs_or_zero_occ_atoms.label_asym_id 
_pdbx_unobs_or_zero_occ_atoms.label_comp_id 
_pdbx_unobs_or_zero_occ_atoms.label_seq_id 
_pdbx_unobs_or_zero_occ_atoms.label_atom_id 
1 1 Y 1 A GLN 116 ? CG  ? A GLN 117 CG  
2 1 Y 1 A GLN 116 ? CD  ? A GLN 117 CD  
3 1 Y 1 A GLN 116 ? OE1 ? A GLN 117 OE1 
4 1 Y 1 A GLN 116 ? NE2 ? A GLN 117 NE2 
5 1 Y 1 A THR 118 ? OG1 ? A THR 119 OG1 
6 1 Y 1 A THR 118 ? CG2 ? A THR 119 CG2 
# 
loop_
_software.pdbx_ordinal 
_software.name 
_software.version 
_software.date 
_software.type 
_software.contact_author 
_software.contact_author_email 
_software.classification 
_software.location 
_software.language 
_software.citation_id 
1 REFMAC      5.8.0267 ?               program 'Garib N. Murshudov' garib@ysbl.york.ac.uk    refinement        
http://www.ccp4.ac.uk/dist/html/refmac5.html        Fortran_77 ? 
2 Aimless     0.7.9    10/06/22        program 'Phil Evans'         ?                        'data scaling'    
http://www.mrc-lmb.cam.ac.uk/harry/pre/aimless.html ?          ? 
3 PDB_EXTRACT 3.23     'SEP. 23, 2016' package PDB                  deposit@deposit.rcsb.org 'data extraction' 
http://sw-tools.pdb.org/apps/PDB_EXTRACT/           C++        ? 
4 XDS         .        ?               program ?                    ?                        'data reduction'  ? ?          ? 
5 REFMAC      .        ?               program ?                    ?                        phasing           ? ?          ? 
# 
_cell.entry_id           7GAH 
_cell.length_a           61.200 
_cell.length_b           61.200 
_cell.length_c           35.270 
_cell.angle_alpha        90.000 
_cell.angle_beta         90.000 
_cell.angle_gamma        90.000 
_cell.Z_PDB              4 
_cell.pdbx_unique_axis   ? 
# 
_symmetry.entry_id                         7GAH 
_symmetry.Int_Tables_number                78 
_symmetry.space_group_name_H-M             'P 43' 
_symmetry.pdbx_full_space_group_name_H-M   ? 
_symmetry.cell_setting                     ? 
# 
_exptl.crystals_number   1 
_exptl.entry_id          7GAH 
_exptl.method            'X-RAY DIFFRACTION' 
# 
_exptl_crystal.id                    1 
_exptl_crystal.pdbx_mosaicity        0.000 
_exptl_crystal.pdbx_mosaicity_esd    ? 
_exptl_crystal.density_Matthews      2.23 
_exptl_crystal.density_diffrn        ? 
_exptl_crystal.density_meas          ? 
_exptl_crystal.density_meas_temp     ? 
_exptl_crystal.density_percent_sol   44.89 
_exptl_crystal.size_max              ? 
_exptl_crystal.size_mid              ? 
_exptl_crystal.size_min              ? 
_exptl_crystal.size_rad              ? 
_exptl_crystal.description           ? 
# 
_exptl_crystal_grow.crystal_id      1 
_exptl_crystal_grow.method          'VAPOR DIFFUSION, SITTING DROP' 
_exptl_crystal_grow.pH              4.7 
_exptl_crystal_grow.temp            293 
_exptl_crystal_grow.pdbx_details    '36% PEG 8000, 0.1M acetate pH 4.7' 
_exptl_crystal_grow.temp_details    ? 
_exptl_crystal_grow.pdbx_pH_range   ? 
# 
_diffrn.id                     1 
_diffrn.ambient_temp           100 
_diffrn.crystal_id             1 
_diffrn.ambient_temp_details   ? 
# 
_diffrn_detector.detector               PIXEL 
_diffrn_detector.type                   'DECTRIS PILATUS 6M' 
_diffrn_detector.pdbx_collection_date   2023-02-09 
_diffrn_detector.diffrn_id              1 
_diffrn_detector.details                ? 
# 
_diffrn_radiation.diffrn_id                        1 
_diffrn_radiation.wavelength_id                    1 
_diffrn_radiation.pdbx_diffrn_protocol             'SINGLE WAVELENGTH' 
_diffrn_radiation.pdbx_monochromatic_or_laue_m_l   ? 
_diffrn_radiation.monochromator                    ? 
_diffrn_radiation.pdbx_scattering_type             x-ray 
# 
_diffrn_radiation_wavelength.id           1 
_diffrn_radiation_wavelength.wavelength   0.92124 
_diffrn_radiation_wavelength.wt           1.0 
# 
_diffrn_source.diffrn_id                   1 
_diffrn_source.source                      SYNCHROTRON 
_diffrn_source.type                        'DIAMOND BEAMLINE I04-1' 
_diffrn_source.pdbx_wavelength_list        0.92124 
_diffrn_source.pdbx_synchrotron_site       Diamond 
_diffrn_source.pdbx_synchrotron_beamline   I04-1 
_diffrn_source.pdbx_wavelength             ? 
# 
_reflns.entry_id                     7GAH 
_reflns.pdbx_diffrn_id               1 
_reflns.pdbx_ordinal                 1 
_reflns.observed_criterion_sigma_I   ? 
_reflns.observed_criterion_sigma_F   ? 
_reflns.d_resolution_low             30.600 
_reflns.d_resolution_high            1.900 
_reflns.number_obs                   10488 
_reflns.number_all                   ? 
_reflns.percent_possible_obs         100.000 
_reflns.pdbx_Rmerge_I_obs            0.127 
_reflns.pdbx_Rsym_value              ? 
_reflns.pdbx_netI_over_sigmaI        15.000 
_reflns.B_iso_Wilson_estimate        ? 
_reflns.pdbx_redundancy              13.200 
_reflns.pdbx_Rrim_I_all              0.133 
_reflns.pdbx_Rpim_I_all              0.038 
_reflns.pdbx_CC_half                 0.997 
_reflns.pdbx_netI_over_av_sigmaI     ? 
_reflns.pdbx_number_measured_all     138579 
_reflns.pdbx_scaling_rejects         3888 
_reflns.pdbx_chi_squared             ? 
_reflns.Rmerge_F_all                 ? 
_reflns.Rmerge_F_obs                 ? 
_reflns.observed_criterion_F_max     ? 
_reflns.observed_criterion_F_min     ? 
_reflns.observed_criterion_I_max     ? 
_reflns.observed_criterion_I_min     ? 
_reflns.pdbx_d_res_high_opt          ? 
_reflns.pdbx_d_res_low_opt           ? 
_reflns.details                      ? 
_reflns.pdbx_CC_star                 ? 
# 
loop_
_reflns_shell.pdbx_diffrn_id 
_reflns_shell.pdbx_ordinal 
_reflns_shell.d_res_high 
_reflns_shell.d_res_low 
_reflns_shell.number_measured_obs 
_reflns_shell.number_measured_all 
_reflns_shell.number_unique_obs 
_reflns_shell.pdbx_rejects 
_reflns_shell.Rmerge_I_obs 
_reflns_shell.meanI_over_sigI_obs 
_reflns_shell.pdbx_Rsym_value 
_reflns_shell.pdbx_chi_squared 
_reflns_shell.pdbx_redundancy 
_reflns_shell.percent_possible_obs 
_reflns_shell.pdbx_netI_over_sigmaI_obs 
_reflns_shell.number_possible 
_reflns_shell.number_unique_all 
_reflns_shell.Rmerge_F_all 
_reflns_shell.Rmerge_F_obs 
_reflns_shell.Rmerge_I_all 
_reflns_shell.meanI_over_sigI_all 
_reflns_shell.percent_possible_all 
_reflns_shell.pdbx_Rrim_I_all 
_reflns_shell.pdbx_Rpim_I_all 
_reflns_shell.pdbx_CC_half 
_reflns_shell.pdbx_CC_star 
1 1 1.900 1.950  ? 11039 771 ? 2.878 ? ? ? 14.300 ? 1.000  ? ? ? ? ? ? 100.000 2.985 0.787 0.365 ? 
1 2 8.500 30.600 ? 1261  124 ? 0.054 ? ? ? 10.200 ? 37.000 ? ? ? ? ? ? 98.100  0.057 0.017 0.998 ? 
# 
_refine.entry_id                                 7GAH 
_refine.pdbx_refine_id                           'X-RAY DIFFRACTION' 
_refine.ls_d_res_high                            1.9000 
_refine.ls_d_res_low                             30.5800 
_refine.pdbx_ls_sigma_F                          0.000 
_refine.pdbx_data_cutoff_high_absF               ? 
_refine.pdbx_data_cutoff_low_absF                ? 
_refine.ls_percent_reflns_obs                    99.8700 
_refine.ls_number_reflns_obs                     10053 
_refine.ls_number_reflns_all                     ? 
_refine.pdbx_ls_cross_valid_method               THROUGHOUT 
_refine.ls_matrix_type                           ? 
_refine.pdbx_R_Free_selection_details            RANDOM 
_refine.details                                  
'HYDROGENS HAVE BEEN ADDED IN THE RIDING POSITIONS U VALUES      : REFINED INDIVIDUALLY' 
_refine.ls_R_factor_all                          ? 
_refine.ls_R_factor_obs                          0.2008 
_refine.ls_R_factor_R_work                       0.1986 
_refine.ls_wR_factor_R_work                      ? 
_refine.ls_R_factor_R_free                       0.2541 
_refine.ls_wR_factor_R_free                      ? 
_refine.ls_percent_reflns_R_free                 4.0000 
_refine.ls_number_reflns_R_free                  421 
_refine.ls_number_reflns_R_work                  ? 
_refine.ls_R_factor_R_free_error                 ? 
_refine.B_iso_mean                               47.2760 
_refine.solvent_model_param_bsol                 ? 
_refine.solvent_model_param_ksol                 ? 
_refine.pdbx_isotropic_thermal_model             ? 
_refine.aniso_B[1][1]                            -0.5400 
_refine.aniso_B[2][2]                            -0.5400 
_refine.aniso_B[3][3]                            1.0700 
_refine.aniso_B[1][2]                            0.0000 
_refine.aniso_B[1][3]                            0.0000 
_refine.aniso_B[2][3]                            0.0000 
_refine.correlation_coeff_Fo_to_Fc               0.9660 
_refine.correlation_coeff_Fo_to_Fc_free          0.9460 
_refine.overall_SU_R_Cruickshank_DPI             ? 
_refine.pdbx_overall_SU_R_free_Cruickshank_DPI   ? 
_refine.pdbx_overall_SU_R_Blow_DPI               ? 
_refine.pdbx_overall_SU_R_free_Blow_DPI          ? 
_refine.overall_SU_R_free                        ? 
_refine.pdbx_overall_ESU_R                       0.1950 
_refine.pdbx_overall_ESU_R_Free                  0.1750 
_refine.overall_SU_ML                            0.1570 
_refine.overall_SU_B                             5.5800 
_refine.solvent_model_details                    MASK 
_refine.pdbx_solvent_vdw_probe_radii             1.2000 
_refine.pdbx_solvent_ion_probe_radii             0.8000 
_refine.pdbx_solvent_shrinkage_radii             0.8000 
_refine.ls_number_parameters                     ? 
_refine.ls_number_restraints                     ? 
_refine.pdbx_starting_model                      8Q53 
_refine.pdbx_method_to_determine_struct          'FOURIER SYNTHESIS' 
_refine.pdbx_stereochemistry_target_values       'MAXIMUM LIKELIHOOD' 
_refine.pdbx_stereochem_target_val_spec_case     ? 
_refine.overall_FOM_work_R_set                   ? 
_refine.B_iso_max                                148.500 
_refine.B_iso_min                                27.670 
_refine.pdbx_overall_phase_error                 ? 
_refine.occupancy_max                            ? 
_refine.occupancy_min                            ? 
_refine.pdbx_diffrn_id                           1 
_refine.pdbx_TLS_residual_ADP_flag               ? 
_refine.pdbx_ls_sigma_I                          ? 
_refine.pdbx_data_cutoff_high_rms_absF           ? 
_refine.ls_R_factor_R_free_error_details         ? 
# 
_refine_hist.cycle_id                         final 
_refine_hist.pdbx_refine_id                   'X-RAY DIFFRACTION' 
_refine_hist.d_res_high                       1.9000 
_refine_hist.d_res_low                        30.5800 
_refine_hist.pdbx_number_atoms_ligand         51 
_refine_hist.number_atoms_solvent             92 
_refine_hist.number_atoms_total               1097 
_refine_hist.pdbx_number_residues_total       113 
_refine_hist.pdbx_B_iso_mean_ligand           72.31 
_refine_hist.pdbx_B_iso_mean_solvent          58.86 
_refine_hist.pdbx_number_atoms_protein        954 
_refine_hist.pdbx_number_atoms_nucleic_acid   0 
# 
loop_
_refine_ls_restr.pdbx_refine_id 
_refine_ls_restr.type 
_refine_ls_restr.number 
_refine_ls_restr.dev_ideal 
_refine_ls_restr.dev_ideal_target 
_refine_ls_restr.weight 
_refine_ls_restr.pdbx_restraint_function 
'X-RAY DIFFRACTION' r_bond_refined_d       1344 0.009  0.014  ? ? 
'X-RAY DIFFRACTION' r_bond_other_d         1202 0.001  0.014  ? ? 
'X-RAY DIFFRACTION' r_angle_refined_deg    1652 1.628  1.678  ? ? 
'X-RAY DIFFRACTION' r_angle_other_deg      2751 1.239  1.581  ? ? 
'X-RAY DIFFRACTION' r_dihedral_angle_1_deg 156  6.119  5.000  ? ? 
'X-RAY DIFFRACTION' r_dihedral_angle_2_deg 78   26.882 18.462 ? ? 
'X-RAY DIFFRACTION' r_dihedral_angle_3_deg 224  14.916 15.000 ? ? 
'X-RAY DIFFRACTION' r_dihedral_angle_4_deg 15   20.499 15.000 ? ? 
'X-RAY DIFFRACTION' r_chiral_restr         152  0.073  0.200  ? ? 
'X-RAY DIFFRACTION' r_gen_planes_refined   1435 0.006  0.020  ? ? 
'X-RAY DIFFRACTION' r_gen_planes_other     303  0.002  0.020  ? ? 
'X-RAY DIFFRACTION' r_mcbond_it            622  3.469  4.501  ? ? 
'X-RAY DIFFRACTION' r_mcbond_other         619  3.465  4.495  ? ? 
'X-RAY DIFFRACTION' r_mcangle_it           740  4.922  6.740  ? ? 
# 
_refine_ls_shell.d_res_high                       1.9000 
_refine_ls_shell.d_res_low                        1.9490 
_refine_ls_shell.pdbx_total_number_of_bins_used   20 
_refine_ls_shell.percent_reflns_obs               99.6100 
_refine_ls_shell.number_reflns_R_work             733 
_refine_ls_shell.R_factor_all                     ? 
_refine_ls_shell.R_factor_R_work                  0.4410 
_refine_ls_shell.R_factor_R_free                  0.4380 
_refine_ls_shell.percent_reflns_R_free            ? 
_refine_ls_shell.number_reflns_R_free             37 
_refine_ls_shell.R_factor_R_free_error            ? 
_refine_ls_shell.number_reflns_all                770 
_refine_ls_shell.number_reflns_obs                ? 
_refine_ls_shell.pdbx_refine_id                   'X-RAY DIFFRACTION' 
_refine_ls_shell.R_factor_obs                     ? 
# 
_struct.entry_id                  7GAH 
_struct.title                     'PanDDA analysis group deposition -- Crystal Structure of MAP1LC3B in complex with Z2033637875' 
_struct.pdbx_model_details        ? 
_struct.pdbx_CASP_flag            ? 
_struct.pdbx_model_type_details   ? 
# 
_struct_keywords.entry_id        7GAH 
_struct_keywords.text            'SGC - Diamond I04-1 fragment screening, PanDDA, XChemExplorer, STRUCTURAL PROTEIN' 
_struct_keywords.pdbx_keywords   'STRUCTURAL PROTEIN' 
# 
loop_
_struct_asym.id 
_struct_asym.pdbx_blank_PDB_chainid_flag 
_struct_asym.pdbx_modified 
_struct_asym.entity_id 
_struct_asym.details 
A N N 1 ? 
B N N 2 ? 
C N N 3 ? 
D N N 3 ? 
E N N 3 ? 
F N N 3 ? 
G N N 3 ? 
H N N 3 ? 
I N N 3 ? 
J N N 3 ? 
K N N 3 ? 
L N N 4 ? 
M N N 5 ? 
# 
_struct_ref.id                         1 
_struct_ref.db_name                    UNP 
_struct_ref.db_code                    MLP3B_HUMAN 
_struct_ref.pdbx_db_accession          Q9GZQ8 
_struct_ref.pdbx_db_isoform            ? 
_struct_ref.entity_id                  1 
_struct_ref.pdbx_seq_one_letter_code   
;MPSEKTFKQRRTFEQRVEDVRLIREQHPTKIPVIIERYKGEKQLPVLDKTKFLVPDHVNMSELIKIIRRRLQLNANQAFF
LLVNGHSMVSVSTPISEVYESEKDEDGFLYMVYASQETFG
;
_struct_ref.pdbx_align_begin           1 
# 
_struct_ref_seq.align_id                      1 
_struct_ref_seq.ref_id                        1 
_struct_ref_seq.pdbx_PDB_id_code              7GAH 
_struct_ref_seq.pdbx_strand_id                A 
_struct_ref_seq.seq_align_beg                 2 
_struct_ref_seq.pdbx_seq_align_beg_ins_code   ? 
_struct_ref_seq.seq_align_end                 121 
_struct_ref_seq.pdbx_seq_align_end_ins_code   ? 
_struct_ref_seq.pdbx_db_accession             Q9GZQ8 
_struct_ref_seq.db_align_beg                  1 
_struct_ref_seq.pdbx_db_align_beg_ins_code    ? 
_struct_ref_seq.db_align_end                  120 
_struct_ref_seq.pdbx_db_align_end_ins_code    ? 
_struct_ref_seq.pdbx_auth_seq_align_beg       1 
_struct_ref_seq.pdbx_auth_seq_align_end       120 
# 
_struct_ref_seq_dif.align_id                     1 
_struct_ref_seq_dif.pdbx_pdb_id_code             7GAH 
_struct_ref_seq_dif.mon_id                       SER 
_struct_ref_seq_dif.pdbx_pdb_strand_id           A 
_struct_ref_seq_dif.seq_num                      1 
_struct_ref_seq_dif.pdbx_pdb_ins_code            ? 
_struct_ref_seq_dif.pdbx_seq_db_name             UNP 
_struct_ref_seq_dif.pdbx_seq_db_accession_code   Q9GZQ8 
_struct_ref_seq_dif.db_mon_id                    ? 
_struct_ref_seq_dif.pdbx_seq_db_seq_num          ? 
_struct_ref_seq_dif.details                      'expression tag' 
_struct_ref_seq_dif.pdbx_auth_seq_num            0 
_struct_ref_seq_dif.pdbx_ordinal                 1 
# 
_pdbx_struct_assembly.id                   1 
_pdbx_struct_assembly.details              author_and_software_defined_assembly 
_pdbx_struct_assembly.method_details       PISA 
_pdbx_struct_assembly.oligomeric_details   monomeric 
_pdbx_struct_assembly.oligomeric_count     1 
# 
_pdbx_struct_assembly_gen.assembly_id       1 
_pdbx_struct_assembly_gen.oper_expression   1 
_pdbx_struct_assembly_gen.asym_id_list      A,B,C,D,E,F,G,H,I,J,K,L,M 
# 
_pdbx_struct_oper_list.id                   1 
_pdbx_struct_oper_list.type                 'identity operation' 
_pdbx_struct_oper_list.name                 1_555 
_pdbx_struct_oper_list.symmetry_operation   x,y,z 
_pdbx_struct_oper_list.matrix[1][1]         1.0000000000 
_pdbx_struct_oper_list.matrix[1][2]         0.0000000000 
_pdbx_struct_oper_list.matrix[1][3]         0.0000000000 
_pdbx_struct_oper_list.vector[1]            0.0000000000 
_pdbx_struct_oper_list.matrix[2][1]         0.0000000000 
_pdbx_struct_oper_list.matrix[2][2]         1.0000000000 
_pdbx_struct_oper_list.matrix[2][3]         0.0000000000 
_pdbx_struct_oper_list.vector[2]            0.0000000000 
_pdbx_struct_oper_list.matrix[3][1]         0.0000000000 
_pdbx_struct_oper_list.matrix[3][2]         0.0000000000 
_pdbx_struct_oper_list.matrix[3][3]         1.0000000000 
_pdbx_struct_oper_list.vector[3]            0.0000000000 
# 
loop_
_struct_conf.conf_type_id 
_struct_conf.id 
_struct_conf.pdbx_PDB_helix_id 
_struct_conf.beg_label_comp_id 
_struct_conf.beg_label_asym_id 
_struct_conf.beg_label_seq_id 
_struct_conf.pdbx_beg_PDB_ins_code 
_struct_conf.end_label_comp_id 
_struct_conf.end_label_asym_id 
_struct_conf.end_label_seq_id 
_struct_conf.pdbx_end_PDB_ins_code 
_struct_conf.beg_auth_comp_id 
_struct_conf.beg_auth_asym_id 
_struct_conf.beg_auth_seq_id 
_struct_conf.end_auth_comp_id 
_struct_conf.end_auth_asym_id 
_struct_conf.end_auth_seq_id 
_struct_conf.pdbx_PDB_helix_class 
_struct_conf.details 
_struct_conf.pdbx_PDB_helix_length 
HELX_P HELX_P1 AA1 THR A 7  ? ARG A 12  ? THR A 6  ARG A 11  1 ? 6  
HELX_P HELX_P2 AA2 THR A 13 ? HIS A 28  ? THR A 12 HIS A 27  1 ? 16 
HELX_P HELX_P3 AA3 ASN A 60 ? GLN A 73  ? ASN A 59 GLN A 72  1 ? 14 
HELX_P HELX_P4 AA4 PRO A 95 ? LYS A 104 ? PRO A 94 LYS A 103 1 ? 10 
# 
_struct_conf_type.id          HELX_P 
_struct_conf_type.criteria    ? 
_struct_conf_type.reference   ? 
# 
_struct_sheet.id               AA1 
_struct_sheet.type             ? 
_struct_sheet.number_strands   5 
_struct_sheet.details          ? 
# 
loop_
_struct_sheet_order.sheet_id 
_struct_sheet_order.range_id_1 
_struct_sheet_order.range_id_2 
_struct_sheet_order.offset 
_struct_sheet_order.sense 
AA1 1 2 ? anti-parallel 
AA1 2 3 ? parallel      
AA1 3 4 ? anti-parallel 
AA1 4 5 ? anti-parallel 
# 
loop_
_struct_sheet_range.sheet_id 
_struct_sheet_range.id 
_struct_sheet_range.beg_label_comp_id 
_struct_sheet_range.beg_label_asym_id 
_struct_sheet_range.beg_label_seq_id 
_struct_sheet_range.pdbx_beg_PDB_ins_code 
_struct_sheet_range.end_label_comp_id 
_struct_sheet_range.end_label_asym_id 
_struct_sheet_range.end_label_seq_id 
_struct_sheet_range.pdbx_end_PDB_ins_code 
_struct_sheet_range.beg_auth_comp_id 
_struct_sheet_range.beg_auth_asym_id 
_struct_sheet_range.beg_auth_seq_id 
_struct_sheet_range.end_auth_comp_id 
_struct_sheet_range.end_auth_asym_id 
_struct_sheet_range.end_auth_seq_id 
AA1 1 LYS A 52  ? PRO A 56  ? LYS A 51  PRO A 55  
AA1 2 LYS A 31  ? ARG A 38  ? LYS A 30  ARG A 37  
AA1 3 LEU A 110 ? ALA A 115 ? LEU A 109 ALA A 114 
AA1 4 PHE A 81  ? VAL A 84  ? PHE A 80  VAL A 83  
AA1 5 HIS A 87  ? SER A 88  ? HIS A 86  SER A 87  
# 
loop_
_pdbx_struct_sheet_hbond.sheet_id 
_pdbx_struct_sheet_hbond.range_id_1 
_pdbx_struct_sheet_hbond.range_id_2 
_pdbx_struct_sheet_hbond.range_1_label_atom_id 
_pdbx_struct_sheet_hbond.range_1_label_comp_id 
_pdbx_struct_sheet_hbond.range_1_label_asym_id 
_pdbx_struct_sheet_hbond.range_1_label_seq_id 
_pdbx_struct_sheet_hbond.range_1_PDB_ins_code 
_pdbx_struct_sheet_hbond.range_1_auth_atom_id 
_pdbx_struct_sheet_hbond.range_1_auth_comp_id 
_pdbx_struct_sheet_hbond.range_1_auth_asym_id 
_pdbx_struct_sheet_hbond.range_1_auth_seq_id 
_pdbx_struct_sheet_hbond.range_2_label_atom_id 
_pdbx_struct_sheet_hbond.range_2_label_comp_id 
_pdbx_struct_sheet_hbond.range_2_label_asym_id 
_pdbx_struct_sheet_hbond.range_2_label_seq_id 
_pdbx_struct_sheet_hbond.range_2_PDB_ins_code 
_pdbx_struct_sheet_hbond.range_2_auth_atom_id 
_pdbx_struct_sheet_hbond.range_2_auth_comp_id 
_pdbx_struct_sheet_hbond.range_2_auth_asym_id 
_pdbx_struct_sheet_hbond.range_2_auth_seq_id 
AA1 1 2 O VAL A 55  ? O VAL A 54  N ILE A 32  ? N ILE A 31  
AA1 2 3 N ILE A 35  ? N ILE A 34  O LEU A 110 ? O LEU A 109 
AA1 3 4 O VAL A 113 ? O VAL A 112 N LEU A 83  ? N LEU A 82  
AA1 4 5 N VAL A 84  ? N VAL A 83  O HIS A 87  ? O HIS A 86  
# 
_pdbx_entry_details.entry_id                   7GAH 
_pdbx_entry_details.compound_details           ? 
_pdbx_entry_details.source_details             ? 
_pdbx_entry_details.nonpolymer_details         ? 
_pdbx_entry_details.sequence_details           ? 
_pdbx_entry_details.has_ligand_of_interest     Y 
_pdbx_entry_details.has_protein_modification   ? 
# 
loop_
_pdbx_validate_close_contact.id 
_pdbx_validate_close_contact.PDB_model_num 
_pdbx_validate_close_contact.auth_atom_id_1 
_pdbx_validate_close_contact.auth_asym_id_1 
_pdbx_validate_close_contact.auth_comp_id_1 
_pdbx_validate_close_contact.auth_seq_id_1 
_pdbx_validate_close_contact.PDB_ins_code_1 
_pdbx_validate_close_contact.label_alt_id_1 
_pdbx_validate_close_contact.auth_atom_id_2 
_pdbx_validate_close_contact.auth_asym_id_2 
_pdbx_validate_close_contact.auth_comp_id_2 
_pdbx_validate_close_contact.auth_seq_id_2 
_pdbx_validate_close_contact.PDB_ins_code_2 
_pdbx_validate_close_contact.label_alt_id_2 
_pdbx_validate_close_contact.dist 
1 1 O   A HOH 370 ? ? O A HOH 371 ? ? 1.74 
2 1 OE1 A GLN 72  ? ? O A HOH 301 ? ? 1.76 
3 1 OG1 A THR 6   ? ? O A HOH 302 ? ? 2.05 
# 
_pdbx_validate_symm_contact.id                1 
_pdbx_validate_symm_contact.PDB_model_num     1 
_pdbx_validate_symm_contact.auth_atom_id_1    O 
_pdbx_validate_symm_contact.auth_asym_id_1    A 
_pdbx_validate_symm_contact.auth_comp_id_1    HOH 
_pdbx_validate_symm_contact.auth_seq_id_1     376 
_pdbx_validate_symm_contact.PDB_ins_code_1    ? 
_pdbx_validate_symm_contact.label_alt_id_1    ? 
_pdbx_validate_symm_contact.site_symmetry_1   1_555 
_pdbx_validate_symm_contact.auth_atom_id_2    O 
_pdbx_validate_symm_contact.auth_asym_id_2    A 
_pdbx_validate_symm_contact.auth_comp_id_2    HOH 
_pdbx_validate_symm_contact.auth_seq_id_2     382 
_pdbx_validate_symm_contact.PDB_ins_code_2    ? 
_pdbx_validate_symm_contact.label_alt_id_2    ? 
_pdbx_validate_symm_contact.site_symmetry_2   1_554 
_pdbx_validate_symm_contact.dist              2.02 
# 
_phasing.method   MR 
# 
loop_
_pdbx_unobs_or_zero_occ_residues.id 
_pdbx_unobs_or_zero_occ_residues.PDB_model_num 
_pdbx_unobs_or_zero_occ_residues.polymer_flag 
_pdbx_unobs_or_zero_occ_residues.occupancy_flag 
_pdbx_unobs_or_zero_occ_residues.auth_asym_id 
_pdbx_unobs_or_zero_occ_residues.auth_comp_id 
_pdbx_unobs_or_zero_occ_residues.auth_seq_id 
_pdbx_unobs_or_zero_occ_residues.PDB_ins_code 
_pdbx_unobs_or_zero_occ_residues.label_asym_id 
_pdbx_unobs_or_zero_occ_residues.label_comp_id 
_pdbx_unobs_or_zero_occ_residues.label_seq_id 
1 1 Y 1 A SER 0   ? A SER 1   
2 1 Y 1 A MET 1   ? A MET 2   
3 1 Y 1 A PRO 2   ? A PRO 3   
4 1 Y 1 A SER 3   ? A SER 4   
5 1 Y 1 A GLU 4   ? A GLU 5   
6 1 Y 1 A GLY 120 ? A GLY 121 
# 
loop_
_chem_comp_atom.comp_id 
_chem_comp_atom.atom_id 
_chem_comp_atom.type_symbol 
_chem_comp_atom.pdbx_aromatic_flag 
_chem_comp_atom.pdbx_stereo_config 
_chem_comp_atom.pdbx_ordinal 
ALA N    N  N N 1   
ALA CA   C  N S 2   
ALA C    C  N N 3   
ALA O    O  N N 4   
ALA CB   C  N N 5   
ALA OXT  O  N N 6   
ALA H    H  N N 7   
ALA H2   H  N N 8   
ALA HA   H  N N 9   
ALA HB1  H  N N 10  
ALA HB2  H  N N 11  
ALA HB3  H  N N 12  
ALA HXT  H  N N 13  
ARG N    N  N N 14  
ARG CA   C  N S 15  
ARG C    C  N N 16  
ARG O    O  N N 17  
ARG CB   C  N N 18  
ARG CG   C  N N 19  
ARG CD   C  N N 20  
ARG NE   N  N N 21  
ARG CZ   C  N N 22  
ARG NH1  N  N N 23  
ARG NH2  N  N N 24  
ARG OXT  O  N N 25  
ARG H    H  N N 26  
ARG H2   H  N N 27  
ARG HA   H  N N 28  
ARG HB2  H  N N 29  
ARG HB3  H  N N 30  
ARG HG2  H  N N 31  
ARG HG3  H  N N 32  
ARG HD2  H  N N 33  
ARG HD3  H  N N 34  
ARG HE   H  N N 35  
ARG HH11 H  N N 36  
ARG HH12 H  N N 37  
ARG HH21 H  N N 38  
ARG HH22 H  N N 39  
ARG HXT  H  N N 40  
ASN N    N  N N 41  
ASN CA   C  N S 42  
ASN C    C  N N 43  
ASN O    O  N N 44  
ASN CB   C  N N 45  
ASN CG   C  N N 46  
ASN OD1  O  N N 47  
ASN ND2  N  N N 48  
ASN OXT  O  N N 49  
ASN H    H  N N 50  
ASN H2   H  N N 51  
ASN HA   H  N N 52  
ASN HB2  H  N N 53  
ASN HB3  H  N N 54  
ASN HD21 H  N N 55  
ASN HD22 H  N N 56  
ASN HXT  H  N N 57  
ASP N    N  N N 58  
ASP CA   C  N S 59  
ASP C    C  N N 60  
ASP O    O  N N 61  
ASP CB   C  N N 62  
ASP CG   C  N N 63  
ASP OD1  O  N N 64  
ASP OD2  O  N N 65  
ASP OXT  O  N N 66  
ASP H    H  N N 67  
ASP H2   H  N N 68  
ASP HA   H  N N 69  
ASP HB2  H  N N 70  
ASP HB3  H  N N 71  
ASP HD2  H  N N 72  
ASP HXT  H  N N 73  
CL  CL   CL N N 74  
EDO C1   C  N N 75  
EDO O1   O  N N 76  
EDO C2   C  N N 77  
EDO O2   O  N N 78  
EDO H11  H  N N 79  
EDO H12  H  N N 80  
EDO HO1  H  N N 81  
EDO H21  H  N N 82  
EDO H22  H  N N 83  
EDO HO2  H  N N 84  
GLN N    N  N N 85  
GLN CA   C  N S 86  
GLN C    C  N N 87  
GLN O    O  N N 88  
GLN CB   C  N N 89  
GLN CG   C  N N 90  
GLN CD   C  N N 91  
GLN OE1  O  N N 92  
GLN NE2  N  N N 93  
GLN OXT  O  N N 94  
GLN H    H  N N 95  
GLN H2   H  N N 96  
GLN HA   H  N N 97  
GLN HB2  H  N N 98  
GLN HB3  H  N N 99  
GLN HG2  H  N N 100 
GLN HG3  H  N N 101 
GLN HE21 H  N N 102 
GLN HE22 H  N N 103 
GLN HXT  H  N N 104 
GLU N    N  N N 105 
GLU CA   C  N S 106 
GLU C    C  N N 107 
GLU O    O  N N 108 
GLU CB   C  N N 109 
GLU CG   C  N N 110 
GLU CD   C  N N 111 
GLU OE1  O  N N 112 
GLU OE2  O  N N 113 
GLU OXT  O  N N 114 
GLU H    H  N N 115 
GLU H2   H  N N 116 
GLU HA   H  N N 117 
GLU HB2  H  N N 118 
GLU HB3  H  N N 119 
GLU HG2  H  N N 120 
GLU HG3  H  N N 121 
GLU HE2  H  N N 122 
GLU HXT  H  N N 123 
GLY N    N  N N 124 
GLY CA   C  N N 125 
GLY C    C  N N 126 
GLY O    O  N N 127 
GLY OXT  O  N N 128 
GLY H    H  N N 129 
GLY H2   H  N N 130 
GLY HA2  H  N N 131 
GLY HA3  H  N N 132 
GLY HXT  H  N N 133 
HIS N    N  N N 134 
HIS CA   C  N S 135 
HIS C    C  N N 136 
HIS O    O  N N 137 
HIS CB   C  N N 138 
HIS CG   C  Y N 139 
HIS ND1  N  Y N 140 
HIS CD2  C  Y N 141 
HIS CE1  C  Y N 142 
HIS NE2  N  Y N 143 
HIS OXT  O  N N 144 
HIS H    H  N N 145 
HIS H2   H  N N 146 
HIS HA   H  N N 147 
HIS HB2  H  N N 148 
HIS HB3  H  N N 149 
HIS HD1  H  N N 150 
HIS HD2  H  N N 151 
HIS HE1  H  N N 152 
HIS HE2  H  N N 153 
HIS HXT  H  N N 154 
HOH O    O  N N 155 
HOH H1   H  N N 156 
HOH H2   H  N N 157 
ILE N    N  N N 158 
ILE CA   C  N S 159 
ILE C    C  N N 160 
ILE O    O  N N 161 
ILE CB   C  N S 162 
ILE CG1  C  N N 163 
ILE CG2  C  N N 164 
ILE CD1  C  N N 165 
ILE OXT  O  N N 166 
ILE H    H  N N 167 
ILE H2   H  N N 168 
ILE HA   H  N N 169 
ILE HB   H  N N 170 
ILE HG12 H  N N 171 
ILE HG13 H  N N 172 
ILE HG21 H  N N 173 
ILE HG22 H  N N 174 
ILE HG23 H  N N 175 
ILE HD11 H  N N 176 
ILE HD12 H  N N 177 
ILE HD13 H  N N 178 
ILE HXT  H  N N 179 
LEU N    N  N N 180 
LEU CA   C  N S 181 
LEU C    C  N N 182 
LEU O    O  N N 183 
LEU CB   C  N N 184 
LEU CG   C  N N 185 
LEU CD1  C  N N 186 
LEU CD2  C  N N 187 
LEU OXT  O  N N 188 
LEU H    H  N N 189 
LEU H2   H  N N 190 
LEU HA   H  N N 191 
LEU HB2  H  N N 192 
LEU HB3  H  N N 193 
LEU HG   H  N N 194 
LEU HD11 H  N N 195 
LEU HD12 H  N N 196 
LEU HD13 H  N N 197 
LEU HD21 H  N N 198 
LEU HD22 H  N N 199 
LEU HD23 H  N N 200 
LEU HXT  H  N N 201 
LRF N1   N  N N 202 
LRF N3   N  Y N 203 
LRF C4   C  Y N 204 
LRF C5   C  Y N 205 
LRF C6   C  N N 206 
LRF C7   C  Y N 207 
LRF C8   C  N N 208 
LRF C1   C  N N 209 
LRF C2   C  N N 210 
LRF C3   C  N N 211 
LRF O1   O  N N 212 
LRF N2   N  N N 213 
LRF S1   S  Y N 214 
LRF N4   N  N N 215 
LRF H9   H  N N 216 
LRF H8   H  N N 217 
LRF H10  H  N N 218 
LRF H3   H  N N 219 
LRF H1   H  N N 220 
LRF H2   H  N N 221 
LRF H5   H  N N 222 
LRF H4   H  N N 223 
LRF H6   H  N N 224 
LRF H7   H  N N 225 
LYS N    N  N N 226 
LYS CA   C  N S 227 
LYS C    C  N N 228 
LYS O    O  N N 229 
LYS CB   C  N N 230 
LYS CG   C  N N 231 
LYS CD   C  N N 232 
LYS CE   C  N N 233 
LYS NZ   N  N N 234 
LYS OXT  O  N N 235 
LYS H    H  N N 236 
LYS H2   H  N N 237 
LYS HA   H  N N 238 
LYS HB2  H  N N 239 
LYS HB3  H  N N 240 
LYS HG2  H  N N 241 
LYS HG3  H  N N 242 
LYS HD2  H  N N 243 
LYS HD3  H  N N 244 
LYS HE2  H  N N 245 
LYS HE3  H  N N 246 
LYS HZ1  H  N N 247 
LYS HZ2  H  N N 248 
LYS HZ3  H  N N 249 
LYS HXT  H  N N 250 
MET N    N  N N 251 
MET CA   C  N S 252 
MET C    C  N N 253 
MET O    O  N N 254 
MET CB   C  N N 255 
MET CG   C  N N 256 
MET SD   S  N N 257 
MET CE   C  N N 258 
MET OXT  O  N N 259 
MET H    H  N N 260 
MET H2   H  N N 261 
MET HA   H  N N 262 
MET HB2  H  N N 263 
MET HB3  H  N N 264 
MET HG2  H  N N 265 
MET HG3  H  N N 266 
MET HE1  H  N N 267 
MET HE2  H  N N 268 
MET HE3  H  N N 269 
MET HXT  H  N N 270 
PHE N    N  N N 271 
PHE CA   C  N S 272 
PHE C    C  N N 273 
PHE O    O  N N 274 
PHE CB   C  N N 275 
PHE CG   C  Y N 276 
PHE CD1  C  Y N 277 
PHE CD2  C  Y N 278 
PHE CE1  C  Y N 279 
PHE CE2  C  Y N 280 
PHE CZ   C  Y N 281 
PHE OXT  O  N N 282 
PHE H    H  N N 283 
PHE H2   H  N N 284 
PHE HA   H  N N 285 
PHE HB2  H  N N 286 
PHE HB3  H  N N 287 
PHE HD1  H  N N 288 
PHE HD2  H  N N 289 
PHE HE1  H  N N 290 
PHE HE2  H  N N 291 
PHE HZ   H  N N 292 
PHE HXT  H  N N 293 
PRO N    N  N N 294 
PRO CA   C  N S 295 
PRO C    C  N N 296 
PRO O    O  N N 297 
PRO CB   C  N N 298 
PRO CG   C  N N 299 
PRO CD   C  N N 300 
PRO OXT  O  N N 301 
PRO H    H  N N 302 
PRO HA   H  N N 303 
PRO HB2  H  N N 304 
PRO HB3  H  N N 305 
PRO HG2  H  N N 306 
PRO HG3  H  N N 307 
PRO HD2  H  N N 308 
PRO HD3  H  N N 309 
PRO HXT  H  N N 310 
SER N    N  N N 311 
SER CA   C  N S 312 
SER C    C  N N 313 
SER O    O  N N 314 
SER CB   C  N N 315 
SER OG   O  N N 316 
SER OXT  O  N N 317 
SER H    H  N N 318 
SER H2   H  N N 319 
SER HA   H  N N 320 
SER HB2  H  N N 321 
SER HB3  H  N N 322 
SER HG   H  N N 323 
SER HXT  H  N N 324 
THR N    N  N N 325 
THR CA   C  N S 326 
THR C    C  N N 327 
THR O    O  N N 328 
THR CB   C  N R 329 
THR OG1  O  N N 330 
THR CG2  C  N N 331 
THR OXT  O  N N 332 
THR H    H  N N 333 
THR H2   H  N N 334 
THR HA   H  N N 335 
THR HB   H  N N 336 
THR HG1  H  N N 337 
THR HG21 H  N N 338 
THR HG22 H  N N 339 
THR HG23 H  N N 340 
THR HXT  H  N N 341 
TYR N    N  N N 342 
TYR CA   C  N S 343 
TYR C    C  N N 344 
TYR O    O  N N 345 
TYR CB   C  N N 346 
TYR CG   C  Y N 347 
TYR CD1  C  Y N 348 
TYR CD2  C  Y N 349 
TYR CE1  C  Y N 350 
TYR CE2  C  Y N 351 
TYR CZ   C  Y N 352 
TYR OH   O  N N 353 
TYR OXT  O  N N 354 
TYR H    H  N N 355 
TYR H2   H  N N 356 
TYR HA   H  N N 357 
TYR HB2  H  N N 358 
TYR HB3  H  N N 359 
TYR HD1  H  N N 360 
TYR HD2  H  N N 361 
TYR HE1  H  N N 362 
TYR HE2  H  N N 363 
TYR HH   H  N N 364 
TYR HXT  H  N N 365 
VAL N    N  N N 366 
VAL CA   C  N S 367 
VAL C    C  N N 368 
VAL O    O  N N 369 
VAL CB   C  N N 370 
VAL CG1  C  N N 371 
VAL CG2  C  N N 372 
VAL OXT  O  N N 373 
VAL H    H  N N 374 
VAL H2   H  N N 375 
VAL HA   H  N N 376 
VAL HB   H  N N 377 
VAL HG11 H  N N 378 
VAL HG12 H  N N 379 
VAL HG13 H  N N 380 
VAL HG21 H  N N 381 
VAL HG22 H  N N 382 
VAL HG23 H  N N 383 
VAL HXT  H  N N 384 
# 
loop_
_chem_comp_bond.comp_id 
_chem_comp_bond.atom_id_1 
_chem_comp_bond.atom_id_2 
_chem_comp_bond.value_order 
_chem_comp_bond.pdbx_aromatic_flag 
_chem_comp_bond.pdbx_stereo_config 
_chem_comp_bond.pdbx_ordinal 
ALA N   CA   sing N N 1   
ALA N   H    sing N N 2   
ALA N   H2   sing N N 3   
ALA CA  C    sing N N 4   
ALA CA  CB   sing N N 5   
ALA CA  HA   sing N N 6   
ALA C   O    doub N N 7   
ALA C   OXT  sing N N 8   
ALA CB  HB1  sing N N 9   
ALA CB  HB2  sing N N 10  
ALA CB  HB3  sing N N 11  
ALA OXT HXT  sing N N 12  
ARG N   CA   sing N N 13  
ARG N   H    sing N N 14  
ARG N   H2   sing N N 15  
ARG CA  C    sing N N 16  
ARG CA  CB   sing N N 17  
ARG CA  HA   sing N N 18  
ARG C   O    doub N N 19  
ARG C   OXT  sing N N 20  
ARG CB  CG   sing N N 21  
ARG CB  HB2  sing N N 22  
ARG CB  HB3  sing N N 23  
ARG CG  CD   sing N N 24  
ARG CG  HG2  sing N N 25  
ARG CG  HG3  sing N N 26  
ARG CD  NE   sing N N 27  
ARG CD  HD2  sing N N 28  
ARG CD  HD3  sing N N 29  
ARG NE  CZ   sing N N 30  
ARG NE  HE   sing N N 31  
ARG CZ  NH1  sing N N 32  
ARG CZ  NH2  doub N N 33  
ARG NH1 HH11 sing N N 34  
ARG NH1 HH12 sing N N 35  
ARG NH2 HH21 sing N N 36  
ARG NH2 HH22 sing N N 37  
ARG OXT HXT  sing N N 38  
ASN N   CA   sing N N 39  
ASN N   H    sing N N 40  
ASN N   H2   sing N N 41  
ASN CA  C    sing N N 42  
ASN CA  CB   sing N N 43  
ASN CA  HA   sing N N 44  
ASN C   O    doub N N 45  
ASN C   OXT  sing N N 46  
ASN CB  CG   sing N N 47  
ASN CB  HB2  sing N N 48  
ASN CB  HB3  sing N N 49  
ASN CG  OD1  doub N N 50  
ASN CG  ND2  sing N N 51  
ASN ND2 HD21 sing N N 52  
ASN ND2 HD22 sing N N 53  
ASN OXT HXT  sing N N 54  
ASP N   CA   sing N N 55  
ASP N   H    sing N N 56  
ASP N   H2   sing N N 57  
ASP CA  C    sing N N 58  
ASP CA  CB   sing N N 59  
ASP CA  HA   sing N N 60  
ASP C   O    doub N N 61  
ASP C   OXT  sing N N 62  
ASP CB  CG   sing N N 63  
ASP CB  HB2  sing N N 64  
ASP CB  HB3  sing N N 65  
ASP CG  OD1  doub N N 66  
ASP CG  OD2  sing N N 67  
ASP OD2 HD2  sing N N 68  
ASP OXT HXT  sing N N 69  
EDO C1  O1   sing N N 70  
EDO C1  C2   sing N N 71  
EDO C1  H11  sing N N 72  
EDO C1  H12  sing N N 73  
EDO O1  HO1  sing N N 74  
EDO C2  O2   sing N N 75  
EDO C2  H21  sing N N 76  
EDO C2  H22  sing N N 77  
EDO O2  HO2  sing N N 78  
GLN N   CA   sing N N 79  
GLN N   H    sing N N 80  
GLN N   H2   sing N N 81  
GLN CA  C    sing N N 82  
GLN CA  CB   sing N N 83  
GLN CA  HA   sing N N 84  
GLN C   O    doub N N 85  
GLN C   OXT  sing N N 86  
GLN CB  CG   sing N N 87  
GLN CB  HB2  sing N N 88  
GLN CB  HB3  sing N N 89  
GLN CG  CD   sing N N 90  
GLN CG  HG2  sing N N 91  
GLN CG  HG3  sing N N 92  
GLN CD  OE1  doub N N 93  
GLN CD  NE2  sing N N 94  
GLN NE2 HE21 sing N N 95  
GLN NE2 HE22 sing N N 96  
GLN OXT HXT  sing N N 97  
GLU N   CA   sing N N 98  
GLU N   H    sing N N 99  
GLU N   H2   sing N N 100 
GLU CA  C    sing N N 101 
GLU CA  CB   sing N N 102 
GLU CA  HA   sing N N 103 
GLU C   O    doub N N 104 
GLU C   OXT  sing N N 105 
GLU CB  CG   sing N N 106 
GLU CB  HB2  sing N N 107 
GLU CB  HB3  sing N N 108 
GLU CG  CD   sing N N 109 
GLU CG  HG2  sing N N 110 
GLU CG  HG3  sing N N 111 
GLU CD  OE1  doub N N 112 
GLU CD  OE2  sing N N 113 
GLU OE2 HE2  sing N N 114 
GLU OXT HXT  sing N N 115 
GLY N   CA   sing N N 116 
GLY N   H    sing N N 117 
GLY N   H2   sing N N 118 
GLY CA  C    sing N N 119 
GLY CA  HA2  sing N N 120 
GLY CA  HA3  sing N N 121 
GLY C   O    doub N N 122 
GLY C   OXT  sing N N 123 
GLY OXT HXT  sing N N 124 
HIS N   CA   sing N N 125 
HIS N   H    sing N N 126 
HIS N   H2   sing N N 127 
HIS CA  C    sing N N 128 
HIS CA  CB   sing N N 129 
HIS CA  HA   sing N N 130 
HIS C   O    doub N N 131 
HIS C   OXT  sing N N 132 
HIS CB  CG   sing N N 133 
HIS CB  HB2  sing N N 134 
HIS CB  HB3  sing N N 135 
HIS CG  ND1  sing Y N 136 
HIS CG  CD2  doub Y N 137 
HIS ND1 CE1  doub Y N 138 
HIS ND1 HD1  sing N N 139 
HIS CD2 NE2  sing Y N 140 
HIS CD2 HD2  sing N N 141 
HIS CE1 NE2  sing Y N 142 
HIS CE1 HE1  sing N N 143 
HIS NE2 HE2  sing N N 144 
HIS OXT HXT  sing N N 145 
HOH O   H1   sing N N 146 
HOH O   H2   sing N N 147 
ILE N   CA   sing N N 148 
ILE N   H    sing N N 149 
ILE N   H2   sing N N 150 
ILE CA  C    sing N N 151 
ILE CA  CB   sing N N 152 
ILE CA  HA   sing N N 153 
ILE C   O    doub N N 154 
ILE C   OXT  sing N N 155 
ILE CB  CG1  sing N N 156 
ILE CB  CG2  sing N N 157 
ILE CB  HB   sing N N 158 
ILE CG1 CD1  sing N N 159 
ILE CG1 HG12 sing N N 160 
ILE CG1 HG13 sing N N 161 
ILE CG2 HG21 sing N N 162 
ILE CG2 HG22 sing N N 163 
ILE CG2 HG23 sing N N 164 
ILE CD1 HD11 sing N N 165 
ILE CD1 HD12 sing N N 166 
ILE CD1 HD13 sing N N 167 
ILE OXT HXT  sing N N 168 
LEU N   CA   sing N N 169 
LEU N   H    sing N N 170 
LEU N   H2   sing N N 171 
LEU CA  C    sing N N 172 
LEU CA  CB   sing N N 173 
LEU CA  HA   sing N N 174 
LEU C   O    doub N N 175 
LEU C   OXT  sing N N 176 
LEU CB  CG   sing N N 177 
LEU CB  HB2  sing N N 178 
LEU CB  HB3  sing N N 179 
LEU CG  CD1  sing N N 180 
LEU CG  CD2  sing N N 181 
LEU CG  HG   sing N N 182 
LEU CD1 HD11 sing N N 183 
LEU CD1 HD12 sing N N 184 
LEU CD1 HD13 sing N N 185 
LEU CD2 HD21 sing N N 186 
LEU CD2 HD22 sing N N 187 
LEU CD2 HD23 sing N N 188 
LEU OXT HXT  sing N N 189 
LRF C1  N1   sing N N 190 
LRF N1  C2   sing N N 191 
LRF C2  C3   sing N N 192 
LRF C3  O1   doub N N 193 
LRF C3  N2   sing N N 194 
LRF N1  C4   sing N N 195 
LRF C4  S1   sing Y N 196 
LRF S1  N3   sing Y N 197 
LRF N3  C5   doub Y N 198 
LRF C5  C6   sing N N 199 
LRF C5  C7   sing Y N 200 
LRF C7  C8   sing N N 201 
LRF C8  N4   trip N N 202 
LRF C4  C7   doub Y N 203 
LRF C6  H9   sing N N 204 
LRF C6  H8   sing N N 205 
LRF C6  H10  sing N N 206 
LRF C1  H3   sing N N 207 
LRF C1  H1   sing N N 208 
LRF C1  H2   sing N N 209 
LRF C2  H5   sing N N 210 
LRF C2  H4   sing N N 211 
LRF N2  H6   sing N N 212 
LRF N2  H7   sing N N 213 
LYS N   CA   sing N N 214 
LYS N   H    sing N N 215 
LYS N   H2   sing N N 216 
LYS CA  C    sing N N 217 
LYS CA  CB   sing N N 218 
LYS CA  HA   sing N N 219 
LYS C   O    doub N N 220 
LYS C   OXT  sing N N 221 
LYS CB  CG   sing N N 222 
LYS CB  HB2  sing N N 223 
LYS CB  HB3  sing N N 224 
LYS CG  CD   sing N N 225 
LYS CG  HG2  sing N N 226 
LYS CG  HG3  sing N N 227 
LYS CD  CE   sing N N 228 
LYS CD  HD2  sing N N 229 
LYS CD  HD3  sing N N 230 
LYS CE  NZ   sing N N 231 
LYS CE  HE2  sing N N 232 
LYS CE  HE3  sing N N 233 
LYS NZ  HZ1  sing N N 234 
LYS NZ  HZ2  sing N N 235 
LYS NZ  HZ3  sing N N 236 
LYS OXT HXT  sing N N 237 
MET N   CA   sing N N 238 
MET N   H    sing N N 239 
MET N   H2   sing N N 240 
MET CA  C    sing N N 241 
MET CA  CB   sing N N 242 
MET CA  HA   sing N N 243 
MET C   O    doub N N 244 
MET C   OXT  sing N N 245 
MET CB  CG   sing N N 246 
MET CB  HB2  sing N N 247 
MET CB  HB3  sing N N 248 
MET CG  SD   sing N N 249 
MET CG  HG2  sing N N 250 
MET CG  HG3  sing N N 251 
MET SD  CE   sing N N 252 
MET CE  HE1  sing N N 253 
MET CE  HE2  sing N N 254 
MET CE  HE3  sing N N 255 
MET OXT HXT  sing N N 256 
PHE N   CA   sing N N 257 
PHE N   H    sing N N 258 
PHE N   H2   sing N N 259 
PHE CA  C    sing N N 260 
PHE CA  CB   sing N N 261 
PHE CA  HA   sing N N 262 
PHE C   O    doub N N 263 
PHE C   OXT  sing N N 264 
PHE CB  CG   sing N N 265 
PHE CB  HB2  sing N N 266 
PHE CB  HB3  sing N N 267 
PHE CG  CD1  doub Y N 268 
PHE CG  CD2  sing Y N 269 
PHE CD1 CE1  sing Y N 270 
PHE CD1 HD1  sing N N 271 
PHE CD2 CE2  doub Y N 272 
PHE CD2 HD2  sing N N 273 
PHE CE1 CZ   doub Y N 274 
PHE CE1 HE1  sing N N 275 
PHE CE2 CZ   sing Y N 276 
PHE CE2 HE2  sing N N 277 
PHE CZ  HZ   sing N N 278 
PHE OXT HXT  sing N N 279 
PRO N   CA   sing N N 280 
PRO N   CD   sing N N 281 
PRO N   H    sing N N 282 
PRO CA  C    sing N N 283 
PRO CA  CB   sing N N 284 
PRO CA  HA   sing N N 285 
PRO C   O    doub N N 286 
PRO C   OXT  sing N N 287 
PRO CB  CG   sing N N 288 
PRO CB  HB2  sing N N 289 
PRO CB  HB3  sing N N 290 
PRO CG  CD   sing N N 291 
PRO CG  HG2  sing N N 292 
PRO CG  HG3  sing N N 293 
PRO CD  HD2  sing N N 294 
PRO CD  HD3  sing N N 295 
PRO OXT HXT  sing N N 296 
SER N   CA   sing N N 297 
SER N   H    sing N N 298 
SER N   H2   sing N N 299 
SER CA  C    sing N N 300 
SER CA  CB   sing N N 301 
SER CA  HA   sing N N 302 
SER C   O    doub N N 303 
SER C   OXT  sing N N 304 
SER CB  OG   sing N N 305 
SER CB  HB2  sing N N 306 
SER CB  HB3  sing N N 307 
SER OG  HG   sing N N 308 
SER OXT HXT  sing N N 309 
THR N   CA   sing N N 310 
THR N   H    sing N N 311 
THR N   H2   sing N N 312 
THR CA  C    sing N N 313 
THR CA  CB   sing N N 314 
THR CA  HA   sing N N 315 
THR C   O    doub N N 316 
THR C   OXT  sing N N 317 
THR CB  OG1  sing N N 318 
THR CB  CG2  sing N N 319 
THR CB  HB   sing N N 320 
THR OG1 HG1  sing N N 321 
THR CG2 HG21 sing N N 322 
THR CG2 HG22 sing N N 323 
THR CG2 HG23 sing N N 324 
THR OXT HXT  sing N N 325 
TYR N   CA   sing N N 326 
TYR N   H    sing N N 327 
TYR N   H2   sing N N 328 
TYR CA  C    sing N N 329 
TYR CA  CB   sing N N 330 
TYR CA  HA   sing N N 331 
TYR C   O    doub N N 332 
TYR C   OXT  sing N N 333 
TYR CB  CG   sing N N 334 
TYR CB  HB2  sing N N 335 
TYR CB  HB3  sing N N 336 
TYR CG  CD1  doub Y N 337 
TYR CG  CD2  sing Y N 338 
TYR CD1 CE1  sing Y N 339 
TYR CD1 HD1  sing N N 340 
TYR CD2 CE2  doub Y N 341 
TYR CD2 HD2  sing N N 342 
TYR CE1 CZ   doub Y N 343 
TYR CE1 HE1  sing N N 344 
TYR CE2 CZ   sing Y N 345 
TYR CE2 HE2  sing N N 346 
TYR CZ  OH   sing N N 347 
TYR OH  HH   sing N N 348 
TYR OXT HXT  sing N N 349 
VAL N   CA   sing N N 350 
VAL N   H    sing N N 351 
VAL N   H2   sing N N 352 
VAL CA  C    sing N N 353 
VAL CA  CB   sing N N 354 
VAL CA  HA   sing N N 355 
VAL C   O    doub N N 356 
VAL C   OXT  sing N N 357 
VAL CB  CG1  sing N N 358 
VAL CB  CG2  sing N N 359 
VAL CB  HB   sing N N 360 
VAL CG1 HG11 sing N N 361 
VAL CG1 HG12 sing N N 362 
VAL CG1 HG13 sing N N 363 
VAL CG2 HG21 sing N N 364 
VAL CG2 HG22 sing N N 365 
VAL CG2 HG23 sing N N 366 
VAL OXT HXT  sing N N 367 
# 
_pdbx_audit_support.ordinal                1 
_pdbx_audit_support.funding_organization   'European Union (EU)' 
_pdbx_audit_support.grant_number           875510 
_pdbx_audit_support.country                'European Union' 
# 
_pdbx_deposit_group.group_id            G_1002273 
_pdbx_deposit_group.group_description   
;MAP1LC3B screened against the DSi-poised Fragment Library by X-ray Crystallography at the XChem facility of Diamond Light Source beamline I04-1
;
_pdbx_deposit_group.group_title         'PanDDA analysis group deposition' 
_pdbx_deposit_group.group_type          'changed state' 
# 
_atom_sites.entry_id                    7GAH 
_atom_sites.fract_transf_matrix[1][1]   0.00188813 
_atom_sites.fract_transf_matrix[1][2]   -0.01556146 
_atom_sites.fract_transf_matrix[1][3]   -0.00461211 
_atom_sites.fract_transf_matrix[2][1]   0.00091441 
_atom_sites.fract_transf_matrix[2][2]   0.00473783 
_atom_sites.fract_transf_matrix[2][3]   -0.01561129 
_atom_sites.fract_transf_matrix[3][1]   0.02811834 
_atom_sites.fract_transf_matrix[3][2]   0.00268230 
_atom_sites.fract_transf_matrix[3][3]   0.00246105 
_atom_sites.fract_transf_vector[1]      0.185122 
_atom_sites.fract_transf_vector[2]      -0.380598 
_atom_sites.fract_transf_vector[3]      0.022332 
# 
loop_
_atom_type.symbol 
C  
CL 
N  
O  
S  
# 
loop_
_atom_site.group_PDB 
_atom_site.id 
_atom_site.type_symbol 
_atom_site.label_atom_id 
_atom_site.label_alt_id 
_atom_site.label_comp_id 
_atom_site.label_asym_id 
_atom_site.label_entity_id 
_atom_site.label_seq_id 
_atom_site.pdbx_PDB_ins_code 
_atom_site.Cartn_x 
_atom_site.Cartn_y 
_atom_site.Cartn_z 
_atom_site.occupancy 
_atom_site.B_iso_or_equiv 
_atom_site.pdbx_formal_charge 
_atom_site.auth_seq_id 
_atom_site.auth_comp_id 
_atom_site.auth_asym_id 
_atom_site.auth_atom_id 
_atom_site.pdbx_PDB_model_num 
ATOM   1    N  N   . LYS A 1 6   ? -11.787 11.389  -5.370  1.00 80.15  ? 5   LYS A N   1 
ATOM   2    C  CA  . LYS A 1 6   ? -10.718 10.720  -6.164  1.00 83.28  ? 5   LYS A CA  1 
ATOM   3    C  C   . LYS A 1 6   ? -10.003 9.653   -5.311  1.00 76.14  ? 5   LYS A C   1 
ATOM   4    O  O   . LYS A 1 6   ? -10.002 8.485   -5.738  1.00 69.57  ? 5   LYS A O   1 
ATOM   5    C  CB  . LYS A 1 6   ? -9.743  11.759  -6.726  1.00 84.90  ? 5   LYS A CB  1 
ATOM   6    C  CG  . LYS A 1 6   ? -9.970  12.103  -8.189  1.00 90.64  ? 5   LYS A CG  1 
ATOM   7    C  CD  . LYS A 1 6   ? -9.824  10.916  -9.120  1.00 91.58  ? 5   LYS A CD  1 
ATOM   8    C  CE  . LYS A 1 6   ? -9.441  11.333  -10.520 1.00 94.18  ? 5   LYS A CE  1 
ATOM   9    N  NZ  . LYS A 1 6   ? -10.275 12.468  -10.983 1.00 98.62  ? 5   LYS A NZ  1 
ATOM   10   N  N   . THR A 1 7   ? -9.435  10.010  -4.150  1.00 72.63  ? 6   THR A N   1 
ATOM   11   C  CA  . THR A 1 7   ? -8.669  9.065   -3.283  1.00 62.71  ? 6   THR A CA  1 
ATOM   12   C  C   . THR A 1 7   ? -9.638  8.062   -2.662  1.00 60.20  ? 6   THR A C   1 
ATOM   13   O  O   . THR A 1 7   ? -10.873 8.364   -2.604  1.00 51.61  ? 6   THR A O   1 
ATOM   14   C  CB  . THR A 1 7   ? -7.838  9.746   -2.182  1.00 65.15  ? 6   THR A CB  1 
ATOM   15   O  OG1 . THR A 1 7   ? -8.691  10.240  -1.145  1.00 55.33  ? 6   THR A OG1 1 
ATOM   16   C  CG2 . THR A 1 7   ? -6.954  10.858  -2.709  1.00 66.92  ? 6   THR A CG2 1 
ATOM   17   N  N   . PHE A 1 8   ? -9.099  6.908   -2.239  1.00 51.70  ? 7   PHE A N   1 
ATOM   18   C  CA  . PHE A 1 8   ? -9.820  5.856   -1.472  1.00 48.88  ? 7   PHE A CA  1 
ATOM   19   C  C   . PHE A 1 8   ? -10.573 6.484   -0.298  1.00 43.98  ? 7   PHE A C   1 
ATOM   20   O  O   . PHE A 1 8   ? -11.781 6.146   -0.111  1.00 46.53  ? 7   PHE A O   1 
ATOM   21   C  CB  . PHE A 1 8   ? -8.868  4.756   -0.976  1.00 43.38  ? 7   PHE A CB  1 
ATOM   22   C  CG  . PHE A 1 8   ? -9.577  3.573   -0.375  1.00 45.75  ? 7   PHE A CG  1 
ATOM   23   C  CD1 . PHE A 1 8   ? -10.335 2.717   -1.163  1.00 44.88  ? 7   PHE A CD1 1 
ATOM   24   C  CD2 . PHE A 1 8   ? -9.531  3.342   0.993   1.00 41.53  ? 7   PHE A CD2 1 
ATOM   25   C  CE1 . PHE A 1 8   ? -10.985 1.624   -0.604  1.00 43.21  ? 7   PHE A CE1 1 
ATOM   26   C  CE2 . PHE A 1 8   ? -10.208 2.269   1.556   1.00 41.28  ? 7   PHE A CE2 1 
ATOM   27   C  CZ  . PHE A 1 8   ? -10.925 1.400   0.759   1.00 43.98  ? 7   PHE A CZ  1 
ATOM   28   N  N   . LYS A 1 9   ? -9.917  7.341   0.505   1.00 44.98  ? 8   LYS A N   1 
ATOM   29   C  CA  . LYS A 1 9   ? -10.569 7.854   1.744   1.00 45.66  ? 8   LYS A CA  1 
ATOM   30   C  C   . LYS A 1 9   ? -11.794 8.722   1.379   1.00 51.32  ? 8   LYS A C   1 
ATOM   31   O  O   . LYS A 1 9   ? -12.814 8.671   2.122   1.00 54.49  ? 8   LYS A O   1 
ATOM   32   C  CB  . LYS A 1 9   ? -9.591  8.620   2.638   1.00 46.52  ? 8   LYS A CB  1 
ATOM   33   C  CG  . LYS A 1 9   ? -8.639  7.741   3.434   1.00 46.01  ? 8   LYS A CG  1 
ATOM   34   C  CD  . LYS A 1 9   ? -7.944  8.493   4.532   1.00 46.70  ? 8   LYS A CD  1 
ATOM   35   C  CE  . LYS A 1 9   ? -7.202  7.560   5.457   1.00 45.48  ? 8   LYS A CE  1 
ATOM   36   N  NZ  . LYS A 1 9   ? -6.251  8.267   6.343   1.00 44.02  ? 8   LYS A NZ  1 
ATOM   37   N  N   . GLN A 1 10  ? -11.698 9.442   0.261   1.00 51.52  ? 9   GLN A N   1 
ATOM   38   C  CA  . GLN A 1 10  ? -12.768 10.306  -0.329  1.00 59.91  ? 9   GLN A CA  1 
ATOM   39   C  C   . GLN A 1 10  ? -13.942 9.492   -0.909  1.00 55.79  ? 9   GLN A C   1 
ATOM   40   O  O   . GLN A 1 10  ? -15.078 9.982   -0.862  1.00 60.42  ? 9   GLN A O   1 
ATOM   41   C  CB  . GLN A 1 10  ? -12.155 11.189  -1.420  1.00 56.73  ? 9   GLN A CB  1 
ATOM   42   C  CG  . GLN A 1 10  ? -11.148 12.197  -0.876  1.00 64.94  ? 9   GLN A CG  1 
ATOM   43   C  CD  . GLN A 1 10  ? -10.380 12.922  -1.957  1.00 66.28  ? 9   GLN A CD  1 
ATOM   44   O  OE1 . GLN A 1 10  ? -10.375 12.545  -3.134  1.00 69.41  ? 9   GLN A OE1 1 
ATOM   45   N  NE2 . GLN A 1 10  ? -9.730  14.001  -1.564  1.00 75.79  ? 9   GLN A NE2 1 
ATOM   46   N  N   A ARG A 1 11  ? -13.658 8.291   -1.435  0.34 53.42  ? 10  ARG A N   1 
ATOM   47   N  N   B ARG A 1 11  ? -13.671 8.288   -1.421  0.17 54.38  ? 10  ARG A N   1 
ATOM   48   C  CA  A ARG A 1 11  ? -14.630 7.389   -2.113  0.34 53.44  ? 10  ARG A CA  1 
ATOM   49   C  CA  B ARG A 1 11  ? -14.669 7.421   -2.105  0.17 53.61  ? 10  ARG A CA  1 
ATOM   50   C  C   A ARG A 1 11  ? -15.482 6.632   -1.086  0.34 55.09  ? 10  ARG A C   1 
ATOM   51   C  C   B ARG A 1 11  ? -15.490 6.623   -1.084  0.17 53.94  ? 10  ARG A C   1 
ATOM   52   O  O   A ARG A 1 11  ? -16.639 6.315   -1.422  0.34 55.69  ? 10  ARG A O   1 
ATOM   53   O  O   B ARG A 1 11  ? -16.645 6.286   -1.414  0.17 53.99  ? 10  ARG A O   1 
ATOM   54   C  CB  A ARG A 1 11  ? -13.916 6.348   -2.981  0.34 56.59  ? 10  ARG A CB  1 
ATOM   55   C  CB  B ARG A 1 11  ? -13.973 6.458   -3.068  0.17 55.16  ? 10  ARG A CB  1 
ATOM   56   C  CG  A ARG A 1 11  ? -13.313 6.891   -4.270  0.34 59.21  ? 10  ARG A CG  1 
ATOM   57   C  CG  B ARG A 1 11  ? -13.510 7.105   -4.364  0.17 56.45  ? 10  ARG A CG  1 
ATOM   58   C  CD  A ARG A 1 11  ? -12.958 5.788   -5.256  0.34 62.26  ? 10  ARG A CD  1 
ATOM   59   C  CD  B ARG A 1 11  ? -12.766 6.115   -5.236  0.17 57.15  ? 10  ARG A CD  1 
ATOM   60   N  NE  A ARG A 1 11  ? -11.543 5.429   -5.256  0.34 62.75  ? 10  ARG A NE  1 
ATOM   61   N  NE  B ARG A 1 11  ? -11.325 6.230   -5.082  0.17 57.28  ? 10  ARG A NE  1 
ATOM   62   C  CZ  A ARG A 1 11  ? -11.065 4.225   -4.965  0.34 63.94  ? 10  ARG A CZ  1 
ATOM   63   C  CZ  B ARG A 1 11  ? -10.470 5.231   -5.236  0.17 54.49  ? 10  ARG A CZ  1 
ATOM   64   N  NH1 A ARG A 1 11  ? -11.887 3.237   -4.653  0.34 64.90  ? 10  ARG A NH1 1 
ATOM   65   N  NH1 B ARG A 1 11  ? -10.913 4.020   -5.526  0.17 56.23  ? 10  ARG A NH1 1 
ATOM   66   N  NH2 A ARG A 1 11  ? -9.762  4.009   -4.999  0.34 65.76  ? 10  ARG A NH2 1 
ATOM   67   N  NH2 B ARG A 1 11  ? -9.178  5.443   -5.079  0.17 53.90  ? 10  ARG A NH2 1 
ATOM   68   N  N   . ARG A 1 12  ? -14.920 6.311   0.086   1.00 50.24  ? 11  ARG A N   1 
ATOM   69   C  CA  . ARG A 1 12  ? -15.593 5.450   1.105   1.00 52.03  ? 11  ARG A CA  1 
ATOM   70   C  C   . ARG A 1 12  ? -15.642 6.180   2.448   1.00 45.70  ? 11  ARG A C   1 
ATOM   71   O  O   . ARG A 1 12  ? -14.631 6.824   2.810   1.00 44.51  ? 11  ARG A O   1 
ATOM   72   C  CB  . ARG A 1 12  ? -14.883 4.095   1.268   1.00 53.24  ? 11  ARG A CB  1 
ATOM   73   C  CG  . ARG A 1 12  ? -14.572 3.332   -0.020  1.00 53.69  ? 11  ARG A CG  1 
ATOM   74   C  CD  . ARG A 1 12  ? -15.722 2.502   -0.557  1.00 54.26  ? 11  ARG A CD  1 
ATOM   75   N  NE  . ARG A 1 12  ? -16.076 1.362   0.286   1.00 64.79  ? 11  ARG A NE  1 
ATOM   76   C  CZ  . ARG A 1 12  ? -17.236 0.695   0.241   1.00 70.97  ? 11  ARG A CZ  1 
ATOM   77   N  NH1 . ARG A 1 12  ? -18.197 1.039   -0.608  1.00 73.33  ? 11  ARG A NH1 1 
ATOM   78   N  NH2 . ARG A 1 12  ? -17.437 -0.324  1.059   1.00 75.31  ? 11  ARG A NH2 1 
ATOM   79   N  N   . THR A 1 13  ? -16.779 6.060   3.145   1.00 43.13  ? 12  THR A N   1 
ATOM   80   C  CA  . THR A 1 13  ? -17.010 6.610   4.504   1.00 42.87  ? 12  THR A CA  1 
ATOM   81   C  C   . THR A 1 13  ? -16.075 5.865   5.466   1.00 46.07  ? 12  THR A C   1 
ATOM   82   O  O   . THR A 1 13  ? -15.804 4.694   5.214   1.00 43.36  ? 12  THR A O   1 
ATOM   83   C  CB  . THR A 1 13  ? -18.472 6.510   4.946   1.00 40.29  ? 12  THR A CB  1 
ATOM   84   O  OG1 . THR A 1 13  ? -18.855 5.163   5.220   1.00 40.74  ? 12  THR A OG1 1 
ATOM   85   C  CG2 . THR A 1 13  ? -19.474 7.010   3.918   1.00 45.46  ? 12  THR A CG2 1 
ATOM   86   N  N   . PHE A 1 14  ? -15.617 6.512   6.525   1.00 42.58  ? 13  PHE A N   1 
ATOM   87   C  CA  . PHE A 1 14  ? -14.868 5.870   7.632   1.00 45.36  ? 13  PHE A CA  1 
ATOM   88   C  C   . PHE A 1 14  ? -15.581 4.577   8.034   1.00 52.75  ? 13  PHE A C   1 
ATOM   89   O  O   . PHE A 1 14  ? -14.891 3.562   8.248   1.00 42.99  ? 13  PHE A O   1 
ATOM   90   C  CB  . PHE A 1 14  ? -14.706 6.804   8.833   1.00 45.18  ? 13  PHE A CB  1 
ATOM   91   C  CG  . PHE A 1 14  ? -13.878 6.218   9.956   1.00 41.67  ? 13  PHE A CG  1 
ATOM   92   C  CD1 . PHE A 1 14  ? -12.493 6.257   9.893   1.00 43.72  ? 13  PHE A CD1 1 
ATOM   93   C  CD2 . PHE A 1 14  ? -14.480 5.588   11.035  1.00 43.70  ? 13  PHE A CD2 1 
ATOM   94   C  CE1 . PHE A 1 14  ? -11.722 5.693   10.898  1.00 42.49  ? 13  PHE A CE1 1 
ATOM   95   C  CE2 . PHE A 1 14  ? -13.707 5.030   12.048  1.00 45.01  ? 13  PHE A CE2 1 
ATOM   96   C  CZ  . PHE A 1 14  ? -12.332 5.093   11.981  1.00 43.86  ? 13  PHE A CZ  1 
ATOM   97   N  N   . GLU A 1 15  ? -16.907 4.609   8.167   1.00 42.11  ? 14  GLU A N   1 
ATOM   98   C  CA  . GLU A 1 15  ? -17.698 3.438   8.605   1.00 46.62  ? 14  GLU A CA  1 
ATOM   99   C  C   . GLU A 1 15  ? -17.524 2.294   7.588   1.00 42.98  ? 14  GLU A C   1 
ATOM   100  O  O   . GLU A 1 15  ? -17.430 1.112   8.016   1.00 46.43  ? 14  GLU A O   1 
ATOM   101  C  CB  . GLU A 1 15  ? -19.164 3.851   8.763   1.00 50.36  ? 14  GLU A CB  1 
ATOM   102  C  CG  . GLU A 1 15  ? -20.077 2.731   9.224   1.00 57.44  ? 14  GLU A CG  1 
ATOM   103  C  CD  . GLU A 1 15  ? -21.537 3.121   9.383   1.00 61.12  ? 14  GLU A CD  1 
ATOM   104  O  OE1 . GLU A 1 15  ? -21.973 4.082   8.716   1.00 58.84  ? 14  GLU A OE1 1 
ATOM   105  O  OE2 . GLU A 1 15  ? -22.236 2.448   10.158  1.00 66.47  ? 14  GLU A OE2 1 
ATOM   106  N  N   . GLN A 1 16  ? -17.531 2.622   6.295   1.00 41.56  ? 15  GLN A N   1 
ATOM   107  C  CA  . GLN A 1 16  ? -17.411 1.627   5.198   1.00 42.45  ? 15  GLN A CA  1 
ATOM   108  C  C   . GLN A 1 16  ? -15.999 1.019   5.152   1.00 41.78  ? 15  GLN A C   1 
ATOM   109  O  O   . GLN A 1 16  ? -15.853 -0.210  4.835   1.00 41.92  ? 15  GLN A O   1 
ATOM   110  C  CB  . GLN A 1 16  ? -17.720 2.255   3.842   1.00 47.20  ? 15  GLN A CB  1 
ATOM   111  C  CG  . GLN A 1 16  ? -19.221 2.367   3.572   1.00 47.08  ? 15  GLN A CG  1 
ATOM   112  C  CD  . GLN A 1 16  ? -19.484 3.193   2.341   1.00 44.05  ? 15  GLN A CD  1 
ATOM   113  O  OE1 . GLN A 1 16  ? -18.676 4.024   1.945   1.00 39.37  ? 15  GLN A OE1 1 
ATOM   114  N  NE2 . GLN A 1 16  ? -20.624 2.944   1.716   1.00 50.90  ? 15  GLN A NE2 1 
ATOM   115  N  N   A ARG A 1 17  ? -14.975 1.835   5.428   0.15 42.13  ? 16  ARG A N   1 
ATOM   116  N  N   B ARG A 1 17  ? -14.979 1.829   5.442   0.35 40.02  ? 16  ARG A N   1 
ATOM   117  C  CA  A ARG A 1 17  ? -13.552 1.398   5.446   0.15 43.55  ? 16  ARG A CA  1 
ATOM   118  C  CA  B ARG A 1 17  ? -13.560 1.380   5.448   0.35 42.16  ? 16  ARG A CA  1 
ATOM   119  C  C   A ARG A 1 17  ? -13.344 0.458   6.639   0.15 42.44  ? 16  ARG A C   1 
ATOM   120  C  C   B ARG A 1 17  ? -13.367 0.437   6.638   0.35 41.93  ? 16  ARG A C   1 
ATOM   121  O  O   A ARG A 1 17  ? -12.669 -0.581  6.459   0.15 43.54  ? 16  ARG A O   1 
ATOM   122  O  O   B ARG A 1 17  ? -12.753 -0.644  6.453   0.35 44.12  ? 16  ARG A O   1 
ATOM   123  C  CB  A ARG A 1 17  ? -12.610 2.608   5.476   0.15 44.27  ? 16  ARG A CB  1 
ATOM   124  C  CB  B ARG A 1 17  ? -12.621 2.592   5.427   0.35 40.22  ? 16  ARG A CB  1 
ATOM   125  C  CG  A ARG A 1 17  ? -12.743 3.523   4.267   0.15 45.69  ? 16  ARG A CG  1 
ATOM   126  C  CG  B ARG A 1 17  ? -12.619 3.326   4.095   0.35 40.52  ? 16  ARG A CG  1 
ATOM   127  C  CD  A ARG A 1 17  ? -11.574 4.474   4.061   0.15 47.68  ? 16  ARG A CD  1 
ATOM   128  C  CD  B ARG A 1 17  ? -11.681 4.518   3.987   0.35 41.88  ? 16  ARG A CD  1 
ATOM   129  N  NE  A ARG A 1 17  ? -11.235 5.264   5.238   0.15 50.69  ? 16  ARG A NE  1 
ATOM   130  N  NE  B ARG A 1 17  ? -12.313 5.799   4.302   0.35 44.02  ? 16  ARG A NE  1 
ATOM   131  C  CZ  A ARG A 1 17  ? -11.518 6.554   5.400   0.15 51.44  ? 16  ARG A CZ  1 
ATOM   132  C  CZ  B ARG A 1 17  ? -12.064 6.518   5.396   0.35 46.72  ? 16  ARG A CZ  1 
ATOM   133  N  NH1 A ARG A 1 17  ? -12.159 7.222   4.457   0.15 50.05  ? 16  ARG A NH1 1 
ATOM   134  N  NH1 B ARG A 1 17  ? -11.193 6.085   6.292   0.35 45.09  ? 16  ARG A NH1 1 
ATOM   135  N  NH2 A ARG A 1 17  ? -11.158 7.172   6.512   0.15 52.14  ? 16  ARG A NH2 1 
ATOM   136  N  NH2 B ARG A 1 17  ? -12.690 7.666   5.597   0.35 43.28  ? 16  ARG A NH2 1 
ATOM   137  N  N   . VAL A 1 18  ? -13.921 0.794   7.799   1.00 39.35  ? 17  VAL A N   1 
ATOM   138  C  CA  . VAL A 1 18  ? -13.819 -0.037  9.027   1.00 40.98  ? 17  VAL A CA  1 
ATOM   139  C  C   . VAL A 1 18  ? -14.485 -1.388  8.766   1.00 48.25  ? 17  VAL A C   1 
ATOM   140  O  O   . VAL A 1 18  ? -13.885 -2.446  9.120   1.00 37.12  ? 17  VAL A O   1 
ATOM   141  C  CB  . VAL A 1 18  ? -14.440 0.679   10.225  1.00 41.59  ? 17  VAL A CB  1 
ATOM   142  C  CG1 . VAL A 1 18  ? -14.845 -0.300  11.308  1.00 45.08  ? 17  VAL A CG1 1 
ATOM   143  C  CG2 . VAL A 1 18  ? -13.478 1.741   10.743  1.00 48.89  ? 17  VAL A CG2 1 
ATOM   144  N  N   . GLU A 1 19  ? -15.671 -1.376  8.151   1.00 44.95  ? 18  GLU A N   1 
ATOM   145  C  CA  . GLU A 1 19  ? -16.447 -2.622  7.965   1.00 44.23  ? 18  GLU A CA  1 
ATOM   146  C  C   . GLU A 1 19  ? -15.721 -3.538  6.991   1.00 42.65  ? 18  GLU A C   1 
ATOM   147  O  O   . GLU A 1 19  ? -15.734 -4.761  7.226   1.00 49.72  ? 18  GLU A O   1 
ATOM   148  C  CB  . GLU A 1 19  ? -17.874 -2.337  7.470   1.00 51.48  ? 18  GLU A CB  1 
ATOM   149  C  CG  . GLU A 1 19  ? -18.865 -2.275  8.613   1.00 57.94  ? 18  GLU A CG  1 
ATOM   150  C  CD  . GLU A 1 19  ? -18.748 -3.372  9.659   1.00 67.36  ? 18  GLU A CD  1 
ATOM   151  O  OE1 . GLU A 1 19  ? -18.941 -4.556  9.285   1.00 80.10  ? 18  GLU A OE1 1 
ATOM   152  O  OE2 . GLU A 1 19  ? -18.467 -3.042  10.848  1.00 71.01  ? 18  GLU A OE2 1 
ATOM   153  N  N   . ASP A 1 20  ? -15.127 -2.979  5.940   1.00 39.31  ? 19  ASP A N   1 
ATOM   154  C  CA  . ASP A 1 20  ? -14.400 -3.775  4.927   1.00 42.98  ? 19  ASP A CA  1 
ATOM   155  C  C   . ASP A 1 20  ? -13.192 -4.486  5.547   1.00 43.98  ? 19  ASP A C   1 
ATOM   156  O  O   . ASP A 1 20  ? -13.012 -5.689  5.251   1.00 39.41  ? 19  ASP A O   1 
ATOM   157  C  CB  . ASP A 1 20  ? -13.949 -2.952  3.733   1.00 43.91  ? 19  ASP A CB  1 
ATOM   158  C  CG  . ASP A 1 20  ? -13.617 -3.878  2.576   1.00 56.43  ? 19  ASP A CG  1 
ATOM   159  O  OD1 . ASP A 1 20  ? -12.751 -3.489  1.783   1.00 58.46  ? 19  ASP A OD1 1 
ATOM   160  O  OD2 . ASP A 1 20  ? -14.191 -5.033  2.509   1.00 59.88  ? 19  ASP A OD2 1 
ATOM   161  N  N   . VAL A 1 21  ? -12.412 -3.783  6.376   1.00 38.57  ? 20  VAL A N   1 
ATOM   162  C  CA  . VAL A 1 21  ? -11.252 -4.381  7.087   1.00 38.53  ? 20  VAL A CA  1 
ATOM   163  C  C   . VAL A 1 21  ? -11.762 -5.524  7.972   1.00 42.80  ? 20  VAL A C   1 
ATOM   164  O  O   . VAL A 1 21  ? -11.058 -6.568  8.113   1.00 36.52  ? 20  VAL A O   1 
ATOM   165  C  CB  . VAL A 1 21  ? -10.473 -3.324  7.896   1.00 35.05  ? 20  VAL A CB  1 
ATOM   166  C  CG1 . VAL A 1 21  ? -9.500  -3.970  8.874   1.00 36.01  ? 20  VAL A CG1 1 
ATOM   167  C  CG2 . VAL A 1 21  ? -9.778  -2.325  7.013   1.00 32.05  ? 20  VAL A CG2 1 
ATOM   168  N  N   . ARG A 1 22  ? -12.945 -5.387  8.570   1.00 40.19  ? 21  ARG A N   1 
ATOM   169  C  CA  . ARG A 1 22  ? -13.417 -6.418  9.518   1.00 42.22  ? 21  ARG A CA  1 
ATOM   170  C  C   . ARG A 1 22  ? -13.797 -7.676  8.725   1.00 42.36  ? 21  ARG A C   1 
ATOM   171  O  O   . ARG A 1 22  ? -13.628 -8.784  9.293   1.00 41.35  ? 21  ARG A O   1 
ATOM   172  C  CB  . ARG A 1 22  ? -14.559 -5.878  10.385  1.00 46.03  ? 21  ARG A CB  1 
ATOM   173  C  CG  . ARG A 1 22  ? -14.138 -4.825  11.398  1.00 51.04  ? 21  ARG A CG  1 
ATOM   174  C  CD  . ARG A 1 22  ? -15.357 -4.246  12.106  1.00 49.40  ? 21  ARG A CD  1 
ATOM   175  N  NE  . ARG A 1 22  ? -15.020 -3.261  13.123  1.00 56.76  ? 21  ARG A NE  1 
ATOM   176  C  CZ  . ARG A 1 22  ? -15.907 -2.648  13.908  1.00 55.82  ? 21  ARG A CZ  1 
ATOM   177  N  NH1 . ARG A 1 22  ? -17.199 -2.900  13.780  1.00 54.35  ? 21  ARG A NH1 1 
ATOM   178  N  NH2 . ARG A 1 22  ? -15.494 -1.755  14.787  1.00 59.02  ? 21  ARG A NH2 1 
ATOM   179  N  N   . LEU A 1 23  ? -14.262 -7.512  7.481   1.00 44.26  ? 22  LEU A N   1 
ATOM   180  C  CA  . LEU A 1 23  ? -14.646 -8.625  6.562   1.00 47.93  ? 22  LEU A CA  1 
ATOM   181  C  C   . LEU A 1 23  ? -13.386 -9.354  6.065   1.00 44.70  ? 22  LEU A C   1 
ATOM   182  O  O   . LEU A 1 23  ? -13.440 -10.586 5.973   1.00 44.21  ? 22  LEU A O   1 
ATOM   183  C  CB  . LEU A 1 23  ? -15.426 -8.066  5.362   1.00 48.48  ? 22  LEU A CB  1 
ATOM   184  C  CG  . LEU A 1 23  ? -15.764 -9.056  4.245   1.00 52.61  ? 22  LEU A CG  1 
ATOM   185  C  CD1 . LEU A 1 23  ? -16.806 -10.073 4.698   1.00 50.51  ? 22  LEU A CD1 1 
ATOM   186  C  CD2 . LEU A 1 23  ? -16.218 -8.334  2.990   1.00 55.92  ? 22  LEU A CD2 1 
ATOM   187  N  N   . ILE A 1 24  ? -12.309 -8.625  5.743   1.00 42.60  ? 23  ILE A N   1 
ATOM   188  C  CA  . ILE A 1 24  ? -10.971 -9.213  5.393   1.00 39.03  ? 23  ILE A CA  1 
ATOM   189  C  C   . ILE A 1 24  ? -10.469 -10.026 6.599   1.00 35.87  ? 23  ILE A C   1 
ATOM   190  O  O   . ILE A 1 24  ? -9.965  -11.153 6.401   1.00 38.36  ? 23  ILE A O   1 
ATOM   191  C  CB  . ILE A 1 24  ? -10.024 -8.108  4.901   1.00 40.87  ? 23  ILE A CB  1 
ATOM   192  C  CG1 . ILE A 1 24  ? -10.670 -7.382  3.712   1.00 42.97  ? 23  ILE A CG1 1 
ATOM   193  C  CG2 . ILE A 1 24  ? -8.645  -8.668  4.576   1.00 39.95  ? 23  ILE A CG2 1 
ATOM   194  C  CD1 . ILE A 1 24  ? -9.880  -6.242  3.097   1.00 45.35  ? 23  ILE A CD1 1 
ATOM   195  N  N   . ARG A 1 25  ? -10.639 -9.533  7.815   1.00 34.45  ? 24  ARG A N   1 
ATOM   196  C  CA  . ARG A 1 25  ? -10.303 -10.288 9.042   1.00 39.50  ? 24  ARG A CA  1 
ATOM   197  C  C   . ARG A 1 25  ? -11.068 -11.614 9.011   1.00 43.30  ? 24  ARG A C   1 
ATOM   198  O  O   . ARG A 1 25  ? -10.446 -12.619 9.277   1.00 37.20  ? 24  ARG A O   1 
ATOM   199  C  CB  . ARG A 1 25  ? -10.586 -9.499  10.317  1.00 37.99  ? 24  ARG A CB  1 
ATOM   200  C  CG  . ARG A 1 25  ? -9.498  -8.479  10.618  1.00 42.43  ? 24  ARG A CG  1 
ATOM   201  C  CD  . ARG A 1 25  ? -9.666  -7.735  11.916  1.00 44.01  ? 24  ARG A CD  1 
ATOM   202  N  NE  . ARG A 1 25  ? -8.832  -6.529  11.847  1.00 43.37  ? 24  ARG A NE  1 
ATOM   203  C  CZ  . ARG A 1 25  ? -9.048  -5.402  12.538  1.00 47.80  ? 24  ARG A CZ  1 
ATOM   204  N  NH1 . ARG A 1 25  ? -10.066 -5.299  13.378  1.00 48.79  ? 24  ARG A NH1 1 
ATOM   205  N  NH2 . ARG A 1 25  ? -8.239  -4.373  12.368  1.00 53.26  ? 24  ARG A NH2 1 
ATOM   206  N  N   . GLU A 1 26  ? -12.365 -11.603 8.694   1.00 45.30  ? 25  GLU A N   1 
ATOM   207  C  CA  . GLU A 1 26  ? -13.222 -12.820 8.798   1.00 47.57  ? 25  GLU A CA  1 
ATOM   208  C  C   . GLU A 1 26  ? -12.875 -13.785 7.655   1.00 37.79  ? 25  GLU A C   1 
ATOM   209  O  O   . GLU A 1 26  ? -12.707 -14.962 7.951   1.00 41.42  ? 25  GLU A O   1 
ATOM   210  C  CB  . GLU A 1 26  ? -14.715 -12.460 8.820   1.00 56.28  ? 25  GLU A CB  1 
ATOM   211  C  CG  . GLU A 1 26  ? -15.599 -13.532 9.444   1.00 68.56  ? 25  GLU A CG  1 
ATOM   212  C  CD  . GLU A 1 26  ? -15.481 -13.693 10.954  1.00 77.29  ? 25  GLU A CD  1 
ATOM   213  O  OE1 . GLU A 1 26  ? -14.699 -12.959 11.578  1.00 90.50  ? 25  GLU A OE1 1 
ATOM   214  O  OE2 . GLU A 1 26  ? -16.175 -14.553 11.509  1.00 90.87  ? 25  GLU A OE2 1 
ATOM   215  N  N   . GLN A 1 27  ? -12.768 -13.308 6.422   1.00 35.98  ? 26  GLN A N   1 
ATOM   216  C  CA  . GLN A 1 27  ? -12.641 -14.112 5.195   1.00 38.92  ? 26  GLN A CA  1 
ATOM   217  C  C   . GLN A 1 27  ? -11.187 -14.365 4.775   1.00 43.82  ? 26  GLN A C   1 
ATOM   218  O  O   . GLN A 1 27  ? -10.976 -15.277 3.981   1.00 34.07  ? 26  GLN A O   1 
ATOM   219  C  CB  . GLN A 1 27  ? -13.312 -13.384 4.041   1.00 41.51  ? 26  GLN A CB  1 
ATOM   220  C  CG  . GLN A 1 27  ? -14.817 -13.271 4.233   1.00 52.15  ? 26  GLN A CG  1 
ATOM   221  C  CD  . GLN A 1 27  ? -15.536 -12.808 2.991   1.00 57.73  ? 26  GLN A CD  1 
ATOM   222  O  OE1 . GLN A 1 27  ? -14.981 -12.115 2.130   1.00 59.07  ? 26  GLN A OE1 1 
ATOM   223  N  NE2 . GLN A 1 27  ? -16.806 -13.187 2.906   1.00 67.04  ? 26  GLN A NE2 1 
ATOM   224  N  N   . HIS A 1 28  ? -10.235 -13.504 5.133   1.00 36.71  ? 27  HIS A N   1 
ATOM   225  C  CA  . HIS A 1 28  ? -8.822  -13.691 4.701   1.00 35.65  ? 27  HIS A CA  1 
ATOM   226  C  C   . HIS A 1 28  ? -7.954  -13.347 5.883   1.00 31.42  ? 27  HIS A C   1 
ATOM   227  O  O   . HIS A 1 28  ? -7.229  -12.367 5.823   1.00 31.06  ? 27  HIS A O   1 
ATOM   228  C  CB  . HIS A 1 28  ? -8.498  -12.806 3.507   1.00 38.86  ? 27  HIS A CB  1 
ATOM   229  C  CG  . HIS A 1 28  ? -9.402  -13.029 2.346   1.00 47.18  ? 27  HIS A CG  1 
ATOM   230  N  ND1 . HIS A 1 28  ? -9.193  -14.058 1.441   1.00 38.07  ? 27  HIS A ND1 1 
ATOM   231  C  CD2 . HIS A 1 28  ? -10.505 -12.355 1.940   1.00 47.77  ? 27  HIS A CD2 1 
ATOM   232  C  CE1 . HIS A 1 28  ? -10.155 -14.007 0.530   1.00 51.95  ? 27  HIS A CE1 1 
ATOM   233  N  NE2 . HIS A 1 28  ? -10.974 -12.977 0.823   1.00 45.06  ? 27  HIS A NE2 1 
ATOM   234  N  N   . PRO A 1 29  ? -8.135  -14.070 6.986   1.00 31.18  ? 28  PRO A N   1 
ATOM   235  C  CA  . PRO A 1 29  ? -7.540  -13.709 8.268   1.00 34.45  ? 28  PRO A CA  1 
ATOM   236  C  C   . PRO A 1 29  ? -6.000  -13.642 8.271   1.00 35.84  ? 28  PRO A C   1 
ATOM   237  O  O   . PRO A 1 29  ? -5.472  -12.831 9.065   1.00 36.29  ? 28  PRO A O   1 
ATOM   238  C  CB  . PRO A 1 29  ? -8.020  -14.813 9.210   1.00 34.91  ? 28  PRO A CB  1 
ATOM   239  C  CG  . PRO A 1 29  ? -8.293  -15.981 8.279   1.00 36.84  ? 28  PRO A CG  1 
ATOM   240  C  CD  . PRO A 1 29  ? -8.911  -15.323 7.076   1.00 35.51  ? 28  PRO A CD  1 
ATOM   241  N  N   . THR A 1 30  ? -5.321  -14.343 7.362   1.00 34.06  ? 29  THR A N   1 
ATOM   242  C  CA  . THR A 1 30  ? -3.819  -14.266 7.247   1.00 35.30  ? 29  THR A CA  1 
ATOM   243  C  C   . THR A 1 30  ? -3.345  -13.108 6.348   1.00 31.46  ? 29  THR A C   1 
ATOM   244  O  O   . THR A 1 30  ? -2.087  -12.998 6.146   1.00 33.87  ? 29  THR A O   1 
ATOM   245  C  CB  . THR A 1 30  ? -3.188  -15.574 6.724   1.00 30.02  ? 29  THR A CB  1 
ATOM   246  O  OG1 . THR A 1 30  ? -3.414  -15.732 5.309   1.00 32.19  ? 29  THR A OG1 1 
ATOM   247  C  CG2 . THR A 1 30  ? -3.604  -16.780 7.526   1.00 31.14  ? 29  THR A CG2 1 
ATOM   248  N  N   . LYS A 1 31  ? -4.237  -12.246 5.800   1.00 30.77  ? 30  LYS A N   1 
ATOM   249  C  CA  . LYS A 1 31  ? -3.821  -11.226 4.814   1.00 29.52  ? 30  LYS A CA  1 
ATOM   250  C  C   . LYS A 1 31  ? -3.825  -9.849  5.498   1.00 29.99  ? 30  LYS A C   1 
ATOM   251  O  O   . LYS A 1 31  ? -4.713  -9.545  6.367   1.00 31.15  ? 30  LYS A O   1 
ATOM   252  C  CB  . LYS A 1 31  ? -4.666  -11.254 3.530   1.00 31.53  ? 30  LYS A CB  1 
ATOM   253  C  CG  . LYS A 1 31  ? -4.783  -12.632 2.886   1.00 34.00  ? 30  LYS A CG  1 
ATOM   254  C  CD  . LYS A 1 31  ? -3.432  -13.194 2.426   1.00 36.60  ? 30  LYS A CD  1 
ATOM   255  C  CE  . LYS A 1 31  ? -3.506  -14.588 1.832   1.00 39.71  ? 30  LYS A CE  1 
ATOM   256  N  NZ  . LYS A 1 31  ? -4.368  -14.593 0.647   1.00 35.60  ? 30  LYS A NZ  1 
ATOM   257  N  N   . ILE A 1 32  ? -2.877  -9.018  5.093   1.00 28.19  ? 31  ILE A N   1 
ATOM   258  C  CA  . ILE A 1 32  ? -2.852  -7.581  5.501   1.00 30.54  ? 31  ILE A CA  1 
ATOM   259  C  C   . ILE A 1 32  ? -3.659  -6.792  4.470   1.00 28.18  ? 31  ILE A C   1 
ATOM   260  O  O   . ILE A 1 32  ? -3.388  -6.889  3.276   1.00 30.75  ? 31  ILE A O   1 
ATOM   261  C  CB  . ILE A 1 32  ? -1.399  -7.063  5.629   1.00 29.67  ? 31  ILE A CB  1 
ATOM   262  C  CG1 . ILE A 1 32  ? -0.595  -7.860  6.676   1.00 27.67  ? 31  ILE A CG1 1 
ATOM   263  C  CG2 . ILE A 1 32  ? -1.383  -5.569  5.912   1.00 29.50  ? 31  ILE A CG2 1 
ATOM   264  C  CD1 . ILE A 1 32  ? -1.219  -7.979  8.074   1.00 29.84  ? 31  ILE A CD1 1 
ATOM   265  N  N   . PRO A 1 33  ? -4.629  -5.962  4.906   1.00 28.48  ? 32  PRO A N   1 
ATOM   266  C  CA  . PRO A 1 33  ? -5.341  -5.063  3.989   1.00 31.37  ? 32  PRO A CA  1 
ATOM   267  C  C   . PRO A 1 33  ? -4.578  -3.788  3.639   1.00 33.37  ? 32  PRO A C   1 
ATOM   268  O  O   . PRO A 1 33  ? -4.312  -2.985  4.551   1.00 34.74  ? 32  PRO A O   1 
ATOM   269  C  CB  . PRO A 1 33  ? -6.606  -4.757  4.798   1.00 28.34  ? 32  PRO A CB  1 
ATOM   270  C  CG  . PRO A 1 33  ? -6.151  -4.747  6.228   1.00 31.80  ? 32  PRO A CG  1 
ATOM   271  C  CD  . PRO A 1 33  ? -5.113  -5.849  6.285   1.00 30.02  ? 32  PRO A CD  1 
ATOM   272  N  N   . VAL A 1 34  ? -4.152  -3.665  2.381   1.00 31.85  ? 33  VAL A N   1 
ATOM   273  C  CA  . VAL A 1 34  ? -3.279  -2.547  1.941   1.00 32.75  ? 33  VAL A CA  1 
ATOM   274  C  C   . VAL A 1 34  ? -3.985  -1.680  0.886   1.00 36.62  ? 33  VAL A C   1 
ATOM   275  O  O   . VAL A 1 34  ? -4.579  -2.244  -0.048  1.00 38.07  ? 33  VAL A O   1 
ATOM   276  C  CB  . VAL A 1 34  ? -1.946  -3.119  1.453   1.00 34.00  ? 33  VAL A CB  1 
ATOM   277  C  CG1 . VAL A 1 34  ? -1.019  -1.993  1.045   1.00 36.76  ? 33  VAL A CG1 1 
ATOM   278  C  CG2 . VAL A 1 34  ? -1.325  -3.972  2.554   1.00 30.72  ? 33  VAL A CG2 1 
ATOM   279  N  N   . ILE A 1 35  ? -3.956  -0.360  1.067   1.00 40.43  ? 34  ILE A N   1 
ATOM   280  C  CA  . ILE A 1 35  ? -4.367  0.609   0.006   1.00 36.64  ? 34  ILE A CA  1 
ATOM   281  C  C   . ILE A 1 35  ? -3.098  1.122   -0.636  1.00 35.60  ? 34  ILE A C   1 
ATOM   282  O  O   . ILE A 1 35  ? -2.272  1.606   0.105   1.00 36.89  ? 34  ILE A O   1 
ATOM   283  C  CB  . ILE A 1 35  ? -5.181  1.746   0.625   1.00 41.88  ? 34  ILE A CB  1 
ATOM   284  C  CG1 . ILE A 1 35  ? -6.415  1.208   1.369   1.00 37.45  ? 34  ILE A CG1 1 
ATOM   285  C  CG2 . ILE A 1 35  ? -5.502  2.798   -0.425  1.00 45.17  ? 34  ILE A CG2 1 
ATOM   286  C  CD1 . ILE A 1 35  ? -7.318  0.296   0.563   1.00 39.75  ? 34  ILE A CD1 1 
ATOM   287  N  N   . ILE A 1 36  ? -2.975  0.993   -1.953  1.00 34.44  ? 35  ILE A N   1 
ATOM   288  C  CA  . ILE A 1 36  ? -1.796  1.473   -2.710  1.00 37.81  ? 35  ILE A CA  1 
ATOM   289  C  C   . ILE A 1 36  ? -2.271  2.439   -3.797  1.00 43.17  ? 35  ILE A C   1 
ATOM   290  O  O   . ILE A 1 36  ? -3.056  2.019   -4.634  1.00 42.32  ? 35  ILE A O   1 
ATOM   291  C  CB  . ILE A 1 36  ? -0.986  0.316   -3.302  1.00 37.54  ? 35  ILE A CB  1 
ATOM   292  C  CG1 . ILE A 1 36  ? -0.694  -0.759  -2.246  1.00 38.85  ? 35  ILE A CG1 1 
ATOM   293  C  CG2 . ILE A 1 36  ? 0.287   0.872   -3.929  1.00 33.70  ? 35  ILE A CG2 1 
ATOM   294  C  CD1 . ILE A 1 36  ? -0.123  -2.058  -2.817  1.00 39.63  ? 35  ILE A CD1 1 
ATOM   295  N  N   . GLU A 1 37  ? -1.780  3.679   -3.734  1.00 47.38  ? 36  GLU A N   1 
ATOM   296  C  CA  . GLU A 1 37  ? -2.223  4.826   -4.566  1.00 45.96  ? 36  GLU A CA  1 
ATOM   297  C  C   . GLU A 1 37  ? -1.002  5.506   -5.183  1.00 51.40  ? 36  GLU A C   1 
ATOM   298  O  O   . GLU A 1 37  ? 0.012   5.611   -4.516  1.00 40.79  ? 36  GLU A O   1 
ATOM   299  C  CB  . GLU A 1 37  ? -3.068  5.773   -3.716  1.00 45.75  ? 36  GLU A CB  1 
ATOM   300  C  CG  . GLU A 1 37  ? -4.436  5.169   -3.442  1.00 48.71  ? 36  GLU A CG  1 
ATOM   301  C  CD  . GLU A 1 37  ? -5.408  6.043   -2.678  1.00 50.24  ? 36  GLU A CD  1 
ATOM   302  O  OE1 . GLU A 1 37  ? -5.061  6.537   -1.566  1.00 52.88  ? 36  GLU A OE1 1 
ATOM   303  O  OE2 . GLU A 1 37  ? -6.529  6.215   -3.193  1.00 51.06  ? 36  GLU A OE2 1 
ATOM   304  N  N   . ARG A 1 38  ? -1.128  5.965   -6.426  1.00 51.46  ? 37  ARG A N   1 
ATOM   305  C  CA  . ARG A 1 38  ? -0.105  6.809   -7.065  1.00 50.21  ? 37  ARG A CA  1 
ATOM   306  C  C   . ARG A 1 38  ? -0.174  8.225   -6.472  1.00 56.38  ? 37  ARG A C   1 
ATOM   307  O  O   . ARG A 1 38  ? -1.301  8.715   -6.184  1.00 50.52  ? 37  ARG A O   1 
ATOM   308  C  CB  . ARG A 1 38  ? -0.296  6.838   -8.581  1.00 54.76  ? 37  ARG A CB  1 
ATOM   309  C  CG  . ARG A 1 38  ? 0.873   7.522   -9.276  1.00 55.65  ? 37  ARG A CG  1 
ATOM   310  C  CD  . ARG A 1 38  ? 0.783   7.471   -10.784 1.00 60.48  ? 37  ARG A CD  1 
ATOM   311  N  NE  . ARG A 1 38  ? -0.349  8.238   -11.260 1.00 64.22  ? 37  ARG A NE  1 
ATOM   312  C  CZ  . ARG A 1 38  ? -0.504  8.644   -12.516 1.00 71.66  ? 37  ARG A CZ  1 
ATOM   313  N  NH1 . ARG A 1 38  ? 0.408   8.365   -13.440 1.00 60.87  ? 37  ARG A NH1 1 
ATOM   314  N  NH2 . ARG A 1 38  ? -1.589  9.327   -12.838 1.00 71.38  ? 37  ARG A NH2 1 
ATOM   315  N  N   . TYR A 1 39  ? 0.996   8.837   -6.253  1.00 52.01  ? 38  TYR A N   1 
ATOM   316  C  CA  . TYR A 1 39  ? 1.149   10.268  -5.891  1.00 57.40  ? 38  TYR A CA  1 
ATOM   317  C  C   . TYR A 1 39  ? 0.331   11.097  -6.887  1.00 61.94  ? 38  TYR A C   1 
ATOM   318  O  O   . TYR A 1 39  ? 0.347   10.791  -8.126  1.00 52.50  ? 38  TYR A O   1 
ATOM   319  C  CB  . TYR A 1 39  ? 2.627   10.647  -5.898  1.00 68.08  ? 38  TYR A CB  1 
ATOM   320  C  CG  . TYR A 1 39  ? 2.906   12.081  -5.536  1.00 75.51  ? 38  TYR A CG  1 
ATOM   321  C  CD1 . TYR A 1 39  ? 2.500   12.593  -4.315  1.00 77.48  ? 38  TYR A CD1 1 
ATOM   322  C  CD2 . TYR A 1 39  ? 3.609   12.909  -6.396  1.00 84.52  ? 38  TYR A CD2 1 
ATOM   323  C  CE1 . TYR A 1 39  ? 2.762   13.906  -3.968  1.00 94.60  ? 38  TYR A CE1 1 
ATOM   324  C  CE2 . TYR A 1 39  ? 3.883   14.225  -6.064  1.00 90.76  ? 38  TYR A CE2 1 
ATOM   325  C  CZ  . TYR A 1 39  ? 3.457   14.724  -4.844  1.00 98.97  ? 38  TYR A CZ  1 
ATOM   326  O  OH  . TYR A 1 39  ? 3.716   16.016  -4.493  1.00 119.19 ? 38  TYR A OH  1 
ATOM   327  N  N   . LYS A 1 40  ? -0.419  12.080  -6.380  1.00 67.26  ? 39  LYS A N   1 
ATOM   328  C  CA  . LYS A 1 40  ? -1.350  12.892  -7.212  1.00 72.49  ? 39  LYS A CA  1 
ATOM   329  C  C   . LYS A 1 40  ? -0.518  13.696  -8.222  1.00 67.45  ? 39  LYS A C   1 
ATOM   330  O  O   . LYS A 1 40  ? -0.998  13.849  -9.355  1.00 61.99  ? 39  LYS A O   1 
ATOM   331  C  CB  . LYS A 1 40  ? -2.276  13.742  -6.335  1.00 81.38  ? 39  LYS A CB  1 
ATOM   332  C  CG  . LYS A 1 40  ? -1.593  14.771  -5.439  1.00 94.65  ? 39  LYS A CG  1 
ATOM   333  C  CD  . LYS A 1 40  ? -2.475  15.262  -4.300  1.00 107.12 ? 39  LYS A CD  1 
ATOM   334  C  CE  . LYS A 1 40  ? -3.900  15.585  -4.714  1.00 117.27 ? 39  LYS A CE  1 
ATOM   335  N  NZ  . LYS A 1 40  ? -3.956  16.641  -5.754  1.00 123.60 ? 39  LYS A NZ  1 
ATOM   336  N  N   . GLY A 1 41  ? 0.716   14.087  -7.865  1.00 61.66  ? 40  GLY A N   1 
ATOM   337  C  CA  . GLY A 1 41  ? 1.663   14.784  -8.762  1.00 68.22  ? 40  GLY A CA  1 
ATOM   338  C  C   . GLY A 1 41  ? 2.345   13.906  -9.816  1.00 71.88  ? 40  GLY A C   1 
ATOM   339  O  O   . GLY A 1 41  ? 3.099   14.470  -10.642 1.00 72.98  ? 40  GLY A O   1 
ATOM   340  N  N   . GLU A 1 42  ? 2.123   12.587  -9.839  1.00 70.61  ? 41  GLU A N   1 
ATOM   341  C  CA  . GLU A 1 42  ? 3.041   11.633  -10.532 1.00 66.62  ? 41  GLU A CA  1 
ATOM   342  C  C   . GLU A 1 42  ? 2.881   11.691  -12.064 1.00 69.26  ? 41  GLU A C   1 
ATOM   343  O  O   . GLU A 1 42  ? 1.771   11.425  -12.578 1.00 63.94  ? 41  GLU A O   1 
ATOM   344  C  CB  . GLU A 1 42  ? 2.824   10.210  -10.016 1.00 67.58  ? 41  GLU A CB  1 
ATOM   345  C  CG  . GLU A 1 42  ? 3.711   9.174   -10.696 1.00 61.96  ? 41  GLU A CG  1 
ATOM   346  C  CD  . GLU A 1 42  ? 5.203   9.411   -10.593 1.00 56.31  ? 41  GLU A CD  1 
ATOM   347  O  OE1 . GLU A 1 42  ? 5.662   9.972   -9.577  1.00 60.04  ? 41  GLU A OE1 1 
ATOM   348  O  OE2 . GLU A 1 42  ? 5.902   9.034   -11.538 1.00 54.61  ? 41  GLU A OE2 1 
ATOM   349  N  N   . LYS A 1 43  ? 3.985   11.941  -12.774 1.00 67.29  ? 42  LYS A N   1 
ATOM   350  C  CA  . LYS A 1 43  ? 3.997   12.137  -14.246 1.00 81.81  ? 42  LYS A CA  1 
ATOM   351  C  C   . LYS A 1 43  ? 4.391   10.830  -14.942 1.00 78.56  ? 42  LYS A C   1 
ATOM   352  O  O   . LYS A 1 43  ? 3.742   10.486  -15.951 1.00 82.61  ? 42  LYS A O   1 
ATOM   353  C  CB  . LYS A 1 43  ? 4.933   13.296  -14.612 1.00 90.45  ? 42  LYS A CB  1 
ATOM   354  C  CG  . LYS A 1 43  ? 4.468   14.673  -14.146 1.00 98.68  ? 42  LYS A CG  1 
ATOM   355  C  CD  . LYS A 1 43  ? 2.975   14.921  -14.352 1.00 105.37 ? 42  LYS A CD  1 
ATOM   356  C  CE  . LYS A 1 43  ? 2.589   16.386  -14.312 1.00 105.47 ? 42  LYS A CE  1 
ATOM   357  N  NZ  . LYS A 1 43  ? 1.236   16.607  -14.873 1.00 110.21 ? 42  LYS A NZ  1 
ATOM   358  N  N   . GLN A 1 44  ? 5.395   10.123  -14.420 1.00 73.45  ? 43  GLN A N   1 
ATOM   359  C  CA  . GLN A 1 44  ? 6.116   9.049   -15.158 1.00 69.73  ? 43  GLN A CA  1 
ATOM   360  C  C   . GLN A 1 44  ? 5.399   7.693   -14.973 1.00 67.54  ? 43  GLN A C   1 
ATOM   361  O  O   . GLN A 1 44  ? 4.982   7.106   -15.990 1.00 65.37  ? 43  GLN A O   1 
ATOM   362  C  CB  . GLN A 1 44  ? 7.594   9.008   -14.736 1.00 76.82  ? 43  GLN A CB  1 
ATOM   363  C  CG  . GLN A 1 44  ? 8.256   10.376  -14.530 1.00 92.09  ? 43  GLN A CG  1 
ATOM   364  C  CD  . GLN A 1 44  ? 8.126   11.343  -15.688 1.00 110.62 ? 43  GLN A CD  1 
ATOM   365  O  OE1 . GLN A 1 44  ? 8.159   10.965  -16.859 1.00 123.47 ? 43  GLN A OE1 1 
ATOM   366  N  NE2 . GLN A 1 44  ? 7.992   12.623  -15.370 1.00 117.88 ? 43  GLN A NE2 1 
ATOM   367  N  N   . LEU A 1 45  ? 5.239   7.201   -13.736 1.00 59.72  ? 44  LEU A N   1 
ATOM   368  C  CA  . LEU A 1 45  ? 4.788   5.807   -13.453 1.00 57.79  ? 44  LEU A CA  1 
ATOM   369  C  C   . LEU A 1 45  ? 3.304   5.690   -13.796 1.00 53.60  ? 44  LEU A C   1 
ATOM   370  O  O   . LEU A 1 45  ? 2.547   6.648   -13.644 1.00 57.54  ? 44  LEU A O   1 
ATOM   371  C  CB  . LEU A 1 45  ? 5.031   5.462   -11.973 1.00 61.80  ? 44  LEU A CB  1 
ATOM   372  C  CG  . LEU A 1 45  ? 6.482   5.418   -11.492 1.00 61.59  ? 44  LEU A CG  1 
ATOM   373  C  CD1 . LEU A 1 45  ? 6.541   5.318   -9.975  1.00 60.76  ? 44  LEU A CD1 1 
ATOM   374  C  CD2 . LEU A 1 45  ? 7.257   4.273   -12.125 1.00 57.16  ? 44  LEU A CD2 1 
ATOM   375  N  N   . PRO A 1 46  ? 2.835   4.523   -14.282 1.00 54.41  ? 45  PRO A N   1 
ATOM   376  C  CA  . PRO A 1 46  ? 1.411   4.335   -14.557 1.00 54.23  ? 45  PRO A CA  1 
ATOM   377  C  C   . PRO A 1 46  ? 0.583   4.206   -13.275 1.00 56.78  ? 45  PRO A C   1 
ATOM   378  O  O   . PRO A 1 46  ? 1.173   4.085   -12.225 1.00 57.09  ? 45  PRO A O   1 
ATOM   379  C  CB  . PRO A 1 46  ? 1.343   3.028   -15.350 1.00 52.51  ? 45  PRO A CB  1 
ATOM   380  C  CG  . PRO A 1 46  ? 2.654   2.317   -15.101 1.00 54.06  ? 45  PRO A CG  1 
ATOM   381  C  CD  . PRO A 1 46  ? 3.651   3.355   -14.631 1.00 53.56  ? 45  PRO A CD  1 
ATOM   382  N  N   . VAL A 1 47  ? -0.747  4.197   -13.405 1.00 57.29  ? 46  VAL A N   1 
ATOM   383  C  CA  . VAL A 1 47  ? -1.685  3.822   -12.305 1.00 58.32  ? 46  VAL A CA  1 
ATOM   384  C  C   . VAL A 1 47  ? -1.876  2.295   -12.298 1.00 53.05  ? 46  VAL A C   1 
ATOM   385  O  O   . VAL A 1 47  ? -1.900  1.668   -13.377 1.00 50.38  ? 46  VAL A O   1 
ATOM   386  C  CB  . VAL A 1 47  ? -3.055  4.538   -12.361 1.00 57.41  ? 46  VAL A CB  1 
ATOM   387  C  CG1 . VAL A 1 47  ? -2.925  6.030   -12.138 1.00 56.11  ? 46  VAL A CG1 1 
ATOM   388  C  CG2 . VAL A 1 47  ? -3.841  4.242   -13.631 1.00 62.10  ? 46  VAL A CG2 1 
ATOM   389  N  N   . LEU A 1 48  ? -2.041  1.751   -11.095 1.00 49.43  ? 47  LEU A N   1 
ATOM   390  C  CA  . LEU A 1 48  ? -2.357  0.330   -10.828 1.00 45.29  ? 47  LEU A CA  1 
ATOM   391  C  C   . LEU A 1 48  ? -3.761  0.028   -11.335 1.00 44.94  ? 47  LEU A C   1 
ATOM   392  O  O   . LEU A 1 48  ? -4.573  0.941   -11.444 1.00 45.14  ? 47  LEU A O   1 
ATOM   393  C  CB  . LEU A 1 48  ? -2.302  0.104   -9.312  1.00 47.50  ? 47  LEU A CB  1 
ATOM   394  C  CG  . LEU A 1 48  ? -0.918  -0.027  -8.687  1.00 46.39  ? 47  LEU A CG  1 
ATOM   395  C  CD1 . LEU A 1 48  ? -1.041  -0.101  -7.174  1.00 47.69  ? 47  LEU A CD1 1 
ATOM   396  C  CD2 . LEU A 1 48  ? -0.213  -1.260  -9.200  1.00 45.10  ? 47  LEU A CD2 1 
ATOM   397  N  N   . ASP A 1 49  ? -4.040  -1.246  -11.546 1.00 47.57  ? 48  ASP A N   1 
ATOM   398  C  CA  . ASP A 1 49  ? -5.336  -1.732  -12.056 1.00 46.71  ? 48  ASP A CA  1 
ATOM   399  C  C   . ASP A 1 49  ? -6.347  -1.679  -10.903 1.00 47.70  ? 48  ASP A C   1 
ATOM   400  O  O   . ASP A 1 49  ? -7.542  -1.787  -11.171 1.00 48.61  ? 48  ASP A O   1 
ATOM   401  C  CB  . ASP A 1 49  ? -5.124  -3.109  -12.681 1.00 49.00  ? 48  ASP A CB  1 
ATOM   402  C  CG  . ASP A 1 49  ? -4.484  -4.081  -11.704 1.00 55.48  ? 48  ASP A CG  1 
ATOM   403  O  OD1 . ASP A 1 49  ? -5.233  -4.927  -11.168 1.00 51.48  ? 48  ASP A OD1 1 
ATOM   404  O  OD2 . ASP A 1 49  ? -3.234  -3.970  -11.465 1.00 55.87  ? 48  ASP A OD2 1 
ATOM   405  N  N   . LYS A 1 50  ? -5.888  -1.591  -9.650  1.00 41.03  ? 49  LYS A N   1 
ATOM   406  C  CA  . LYS A 1 50  ? -6.786  -1.568  -8.470  1.00 43.39  ? 49  LYS A CA  1 
ATOM   407  C  C   . LYS A 1 50  ? -6.094  -0.807  -7.337  1.00 41.83  ? 49  LYS A C   1 
ATOM   408  O  O   . LYS A 1 50  ? -4.957  -0.344  -7.523  1.00 41.41  ? 49  LYS A O   1 
ATOM   409  C  CB  . LYS A 1 50  ? -7.238  -2.989  -8.113  1.00 47.06  ? 49  LYS A CB  1 
ATOM   410  C  CG  . LYS A 1 50  ? -6.231  -3.883  -7.403  1.00 47.99  ? 49  LYS A CG  1 
ATOM   411  C  CD  . LYS A 1 50  ? -6.789  -5.268  -7.121  1.00 51.08  ? 49  LYS A CD  1 
ATOM   412  C  CE  . LYS A 1 50  ? -5.841  -6.123  -6.296  1.00 56.74  ? 49  LYS A CE  1 
ATOM   413  N  NZ  . LYS A 1 50  ? -6.513  -7.309  -5.715  1.00 53.98  ? 49  LYS A NZ  1 
ATOM   414  N  N   A THR A 1 51  ? -6.772  -0.649  -6.195  0.06 41.35  ? 50  THR A N   1 
ATOM   415  N  N   B THR A 1 51  ? -6.803  -0.685  -6.210  0.45 42.27  ? 50  THR A N   1 
ATOM   416  C  CA  A THR A 1 51  ? -6.258  0.113   -5.023  0.06 40.98  ? 50  THR A CA  1 
ATOM   417  C  CA  B THR A 1 51  ? -6.442  0.139   -5.027  0.45 42.86  ? 50  THR A CA  1 
ATOM   418  C  C   A THR A 1 51  ? -6.160  -0.790  -3.785  0.06 40.11  ? 50  THR A C   1 
ATOM   419  C  C   B THR A 1 51  ? -6.202  -0.758  -3.806  0.45 39.20  ? 50  THR A C   1 
ATOM   420  O  O   A THR A 1 51  ? -5.181  -0.621  -3.033  0.06 40.08  ? 50  THR A O   1 
ATOM   421  O  O   B THR A 1 51  ? -5.215  -0.511  -3.069  0.45 38.72  ? 50  THR A O   1 
ATOM   422  C  CB  A THR A 1 51  ? -7.100  1.372   -4.773  0.06 41.03  ? 50  THR A CB  1 
ATOM   423  C  CB  B THR A 1 51  ? -7.553  1.155   -4.728  0.45 44.41  ? 50  THR A CB  1 
ATOM   424  O  OG1 A THR A 1 51  ? -6.577  2.035   -3.621  0.06 41.87  ? 50  THR A OG1 1 
ATOM   425  O  OG1 B THR A 1 51  ? -7.719  1.984   -5.878  0.45 49.92  ? 50  THR A OG1 1 
ATOM   426  C  CG2 A THR A 1 51  ? -8.568  1.079   -4.572  0.06 41.06  ? 50  THR A CG2 1 
ATOM   427  C  CG2 B THR A 1 51  ? -7.255  2.018   -3.524  0.45 47.99  ? 50  THR A CG2 1 
ATOM   428  N  N   . LYS A 1 52  ? -7.117  -1.704  -3.578  1.00 39.32  ? 51  LYS A N   1 
ATOM   429  C  CA  . LYS A 1 52  ? -7.150  -2.582  -2.379  1.00 40.15  ? 51  LYS A CA  1 
ATOM   430  C  C   . LYS A 1 52  ? -6.446  -3.928  -2.653  1.00 43.10  ? 51  LYS A C   1 
ATOM   431  O  O   . LYS A 1 52  ? -6.888  -4.681  -3.568  1.00 41.41  ? 51  LYS A O   1 
ATOM   432  C  CB  . LYS A 1 52  ? -8.612  -2.751  -1.953  1.00 39.60  ? 51  LYS A CB  1 
ATOM   433  C  CG  . LYS A 1 52  ? -8.779  -3.407  -0.600  1.00 45.49  ? 51  LYS A CG  1 
ATOM   434  C  CD  . LYS A 1 52  ? -10.214 -3.525  -0.172  1.00 48.42  ? 51  LYS A CD  1 
ATOM   435  C  CE  . LYS A 1 52  ? -10.959 -4.632  -0.900  1.00 48.89  ? 51  LYS A CE  1 
ATOM   436  N  NZ  . LYS A 1 52  ? -12.360 -4.695  -0.424  1.00 51.04  ? 51  LYS A NZ  1 
ATOM   437  N  N   . PHE A 1 53  ? -5.418  -4.255  -1.857  1.00 38.61  ? 52  PHE A N   1 
ATOM   438  C  CA  . PHE A 1 53  ? -4.588  -5.486  -1.998  1.00 34.43  ? 52  PHE A CA  1 
ATOM   439  C  C   . PHE A 1 53  ? -4.627  -6.314  -0.710  1.00 34.97  ? 52  PHE A C   1 
ATOM   440  O  O   . PHE A 1 53  ? -4.643  -5.721  0.386   1.00 33.59  ? 52  PHE A O   1 
ATOM   441  C  CB  . PHE A 1 53  ? -3.163  -5.082  -2.360  1.00 35.88  ? 52  PHE A CB  1 
ATOM   442  C  CG  . PHE A 1 53  ? -3.075  -4.506  -3.747  1.00 40.02  ? 52  PHE A CG  1 
ATOM   443  C  CD1 . PHE A 1 53  ? -3.240  -3.149  -3.961  1.00 37.51  ? 52  PHE A CD1 1 
ATOM   444  C  CD2 . PHE A 1 53  ? -2.882  -5.330  -4.843  1.00 44.53  ? 52  PHE A CD2 1 
ATOM   445  C  CE1 . PHE A 1 53  ? -3.178  -2.610  -5.241  1.00 42.63  ? 52  PHE A CE1 1 
ATOM   446  C  CE2 . PHE A 1 53  ? -2.826  -4.788  -6.129  1.00 48.97  ? 52  PHE A CE2 1 
ATOM   447  C  CZ  . PHE A 1 53  ? -2.997  -3.429  -6.326  1.00 42.07  ? 52  PHE A CZ  1 
ATOM   448  N  N   . LEU A 1 54  ? -4.639  -7.646  -0.822  1.00 32.14  ? 53  LEU A N   1 
ATOM   449  C  CA  . LEU A 1 54  ? -4.577  -8.548  0.340   1.00 33.72  ? 53  LEU A CA  1 
ATOM   450  C  C   . LEU A 1 54  ? -3.170  -9.160  0.337   1.00 35.77  ? 53  LEU A C   1 
ATOM   451  O  O   . LEU A 1 54  ? -2.897  -9.994  -0.491  1.00 36.78  ? 53  LEU A O   1 
ATOM   452  C  CB  . LEU A 1 54  ? -5.704  -9.592  0.280   1.00 38.51  ? 53  LEU A CB  1 
ATOM   453  C  CG  . LEU A 1 54  ? -7.136  -9.051  0.330   1.00 38.35  ? 53  LEU A CG  1 
ATOM   454  C  CD1 . LEU A 1 54  ? -8.093  -10.164 0.707   1.00 43.63  ? 53  LEU A CD1 1 
ATOM   455  C  CD2 . LEU A 1 54  ? -7.321  -7.898  1.284   1.00 42.54  ? 53  LEU A CD2 1 
ATOM   456  N  N   . VAL A 1 55  ? -2.273  -8.665  1.180   1.00 29.29  ? 54  VAL A N   1 
ATOM   457  C  CA  . VAL A 1 55  ? -0.847  -9.105  1.177   1.00 30.59  ? 54  VAL A CA  1 
ATOM   458  C  C   . VAL A 1 55  ? -0.625  -10.199 2.219   1.00 30.70  ? 54  VAL A C   1 
ATOM   459  O  O   . VAL A 1 55  ? -0.956  -10.030 3.381   1.00 34.11  ? 54  VAL A O   1 
ATOM   460  C  CB  . VAL A 1 55  ? 0.096   -7.886  1.343   1.00 29.03  ? 54  VAL A CB  1 
ATOM   461  C  CG1 . VAL A 1 55  ? 1.543   -8.316  1.187   1.00 28.76  ? 54  VAL A CG1 1 
ATOM   462  C  CG2 . VAL A 1 55  ? -0.255  -6.774  0.378   1.00 33.97  ? 54  VAL A CG2 1 
ATOM   463  N  N   . PRO A 1 56  ? -0.047  -11.379 1.863   1.00 36.32  ? 55  PRO A N   1 
ATOM   464  C  CA  . PRO A 1 56  ? 0.336   -12.393 2.847   1.00 33.22  ? 55  PRO A CA  1 
ATOM   465  C  C   . PRO A 1 56  ? 1.181   -11.753 3.934   1.00 30.91  ? 55  PRO A C   1 
ATOM   466  O  O   . PRO A 1 56  ? 2.093   -11.022 3.552   1.00 30.76  ? 55  PRO A O   1 
ATOM   467  C  CB  . PRO A 1 56  ? 1.208   -13.387 2.060   1.00 33.41  ? 55  PRO A CB  1 
ATOM   468  C  CG  . PRO A 1 56  ? 0.650   -13.241 0.644   1.00 38.59  ? 55  PRO A CG  1 
ATOM   469  C  CD  . PRO A 1 56  ? 0.330   -11.779 0.497   1.00 39.85  ? 55  PRO A CD  1 
ATOM   470  N  N   . ASP A 1 57  ? 0.840   -11.996 5.201   1.00 29.76  ? 56  ASP A N   1 
ATOM   471  C  CA  . ASP A 1 57  ? 1.358   -11.223 6.356   1.00 31.95  ? 56  ASP A CA  1 
ATOM   472  C  C   . ASP A 1 57  ? 2.840   -11.550 6.671   1.00 31.45  ? 56  ASP A C   1 
ATOM   473  O  O   . ASP A 1 57  ? 3.378   -10.875 7.527   1.00 34.52  ? 56  ASP A O   1 
ATOM   474  C  CB  . ASP A 1 57  ? 0.464   -11.366 7.573   1.00 29.73  ? 56  ASP A CB  1 
ATOM   475  C  CG  . ASP A 1 57  ? 0.668   -12.597 8.455   1.00 32.81  ? 56  ASP A CG  1 
ATOM   476  O  OD1 . ASP A 1 57  ? 1.189   -13.576 7.967   1.00 32.79  ? 56  ASP A OD1 1 
ATOM   477  O  OD2 . ASP A 1 57  ? 0.259   -12.537 9.624   1.00 32.59  ? 56  ASP A OD2 1 
ATOM   478  N  N   . HIS A 1 58  ? 3.426   -12.558 6.055   1.00 34.13  ? 57  HIS A N   1 
ATOM   479  C  CA  . HIS A 1 58  ? 4.846   -12.964 6.269   1.00 36.22  ? 57  HIS A CA  1 
ATOM   480  C  C   . HIS A 1 58  ? 5.787   -12.273 5.279   1.00 34.84  ? 57  HIS A C   1 
ATOM   481  O  O   . HIS A 1 58  ? 7.055   -12.366 5.496   1.00 35.59  ? 57  HIS A O   1 
ATOM   482  C  CB  . HIS A 1 58  ? 5.023   -14.480 6.126   1.00 37.25  ? 57  HIS A CB  1 
ATOM   483  C  CG  . HIS A 1 58  ? 4.672   -15.000 4.783   1.00 37.98  ? 57  HIS A CG  1 
ATOM   484  N  ND1 . HIS A 1 58  ? 5.607   -15.135 3.777   1.00 38.65  ? 57  HIS A ND1 1 
ATOM   485  C  CD2 . HIS A 1 58  ? 3.482   -15.397 4.281   1.00 40.63  ? 57  HIS A CD2 1 
ATOM   486  C  CE1 . HIS A 1 58  ? 5.009   -15.627 2.714   1.00 52.15  ? 57  HIS A CE1 1 
ATOM   487  N  NE2 . HIS A 1 58  ? 3.704   -15.804 3.006   1.00 46.15  ? 57  HIS A NE2 1 
ATOM   488  N  N   . VAL A 1 59  ? 5.299   -11.639 4.213   1.00 32.94  ? 58  VAL A N   1 
ATOM   489  C  CA  . VAL A 1 59  ? 6.231   -11.054 3.206   1.00 35.04  ? 58  VAL A CA  1 
ATOM   490  C  C   . VAL A 1 59  ? 6.821   -9.756  3.795   1.00 34.11  ? 58  VAL A C   1 
ATOM   491  O  O   . VAL A 1 59  ? 6.098   -9.007  4.425   1.00 33.86  ? 58  VAL A O   1 
ATOM   492  C  CB  . VAL A 1 59  ? 5.620   -10.834 1.803   1.00 41.02  ? 58  VAL A CB  1 
ATOM   493  C  CG1 . VAL A 1 59  ? 4.917   -12.075 1.274   1.00 42.56  ? 58  VAL A CG1 1 
ATOM   494  C  CG2 . VAL A 1 59  ? 4.723   -9.622  1.769   1.00 44.75  ? 58  VAL A CG2 1 
ATOM   495  N  N   . ASN A 1 60  ? 8.088   -9.453  3.528   1.00 36.82  ? 59  ASN A N   1 
ATOM   496  C  CA  . ASN A 1 60  ? 8.723   -8.200  4.024   1.00 38.04  ? 59  ASN A CA  1 
ATOM   497  C  C   . ASN A 1 60  ? 8.581   -7.060  3.018   1.00 39.87  ? 59  ASN A C   1 
ATOM   498  O  O   . ASN A 1 60  ? 8.118   -7.308  1.888   1.00 30.28  ? 59  ASN A O   1 
ATOM   499  C  CB  . ASN A 1 60  ? 10.164  -8.453  4.459   1.00 41.79  ? 59  ASN A CB  1 
ATOM   500  C  CG  . ASN A 1 60  ? 11.120  -8.795  3.346   1.00 44.39  ? 59  ASN A CG  1 
ATOM   501  O  OD1 . ASN A 1 60  ? 10.860  -8.596  2.157   1.00 43.23  ? 59  ASN A OD1 1 
ATOM   502  N  ND2 . ASN A 1 60  ? 12.264  -9.317  3.736   1.00 51.42  ? 59  ASN A ND2 1 
ATOM   503  N  N   . MET A 1 61  ? 8.917   -5.818  3.413   1.00 35.15  ? 60  MET A N   1 
ATOM   504  C  CA  . MET A 1 61  ? 8.615   -4.652  2.548   1.00 36.63  ? 60  MET A CA  1 
ATOM   505  C  C   . MET A 1 61  ? 9.396   -4.705  1.226   1.00 35.69  ? 60  MET A C   1 
ATOM   506  O  O   . MET A 1 61  ? 8.880   -4.203  0.202   1.00 35.05  ? 60  MET A O   1 
ATOM   507  C  CB  . MET A 1 61  ? 8.888   -3.321  3.265   1.00 41.63  ? 60  MET A CB  1 
ATOM   508  C  CG  . MET A 1 61  ? 7.926   -3.026  4.405   1.00 44.42  ? 60  MET A CG  1 
ATOM   509  S  SD  . MET A 1 61  ? 6.193   -3.134  3.925   1.00 52.83  ? 60  MET A SD  1 
ATOM   510  C  CE  . MET A 1 61  ? 6.111   -1.950  2.589   1.00 52.27  ? 60  MET A CE  1 
ATOM   511  N  N   A SER A 1 62  ? 10.607  -5.273  1.248   0.47 36.29  ? 61  SER A N   1 
ATOM   512  N  N   B SER A 1 62  ? 10.602  -5.285  1.249   0.04 35.42  ? 61  SER A N   1 
ATOM   513  C  CA  A SER A 1 62  ? 11.461  -5.479  0.054   0.47 37.40  ? 61  SER A CA  1 
ATOM   514  C  CA  B SER A 1 62  ? 11.475  -5.472  0.061   0.04 35.24  ? 61  SER A CA  1 
ATOM   515  C  C   A SER A 1 62  ? 10.690  -6.311  -0.978  0.47 36.31  ? 61  SER A C   1 
ATOM   516  C  C   B SER A 1 62  ? 10.756  -6.347  -0.974  0.04 35.16  ? 61  SER A C   1 
ATOM   517  O  O   A SER A 1 62  ? 10.684  -5.945  -2.168  0.47 32.91  ? 61  SER A O   1 
ATOM   518  O  O   B SER A 1 62  ? 10.856  -6.035  -2.174  0.04 35.05  ? 61  SER A O   1 
ATOM   519  C  CB  A SER A 1 62  ? 12.747  -6.152  0.432   0.47 40.41  ? 61  SER A CB  1 
ATOM   520  C  CB  B SER A 1 62  ? 12.818  -6.046  0.446   0.04 35.27  ? 61  SER A CB  1 
ATOM   521  O  OG  A SER A 1 62  ? 13.617  -6.195  -0.685  0.47 43.75  ? 61  SER A OG  1 
ATOM   522  O  OG  B SER A 1 62  ? 12.734  -7.444  0.679   0.04 34.78  ? 61  SER A OG  1 
ATOM   523  N  N   . GLU A 1 63  ? 10.045  -7.388  -0.526  1.00 35.03  ? 62  GLU A N   1 
ATOM   524  C  CA  . GLU A 1 63  ? 9.287   -8.281  -1.448  1.00 34.36  ? 62  GLU A CA  1 
ATOM   525  C  C   . GLU A 1 63  ? 8.037   -7.549  -1.951  1.00 32.10  ? 62  GLU A C   1 
ATOM   526  O  O   . GLU A 1 63  ? 7.701   -7.718  -3.140  1.00 31.44  ? 62  GLU A O   1 
ATOM   527  C  CB  . GLU A 1 63  ? 8.976   -9.626  -0.790  1.00 32.37  ? 62  GLU A CB  1 
ATOM   528  C  CG  . GLU A 1 63  ? 8.096   -10.498 -1.670  1.00 35.19  ? 62  GLU A CG  1 
ATOM   529  C  CD  . GLU A 1 63  ? 8.654   -10.836 -3.048  1.00 37.08  ? 62  GLU A CD  1 
ATOM   530  O  OE1 . GLU A 1 63  ? 9.907   -10.624 -3.301  1.00 35.26  ? 62  GLU A OE1 1 
ATOM   531  O  OE2 . GLU A 1 63  ? 7.864   -11.309 -3.894  1.00 32.89  ? 62  GLU A OE2 1 
ATOM   532  N  N   . LEU A 1 64  ? 7.321   -6.806  -1.092  1.00 37.42  ? 63  LEU A N   1 
ATOM   533  C  CA  . LEU A 1 64  ? 6.132   -6.021  -1.534  1.00 35.96  ? 63  LEU A CA  1 
ATOM   534  C  C   . LEU A 1 64  ? 6.534   -5.035  -2.633  1.00 36.64  ? 63  LEU A C   1 
ATOM   535  O  O   . LEU A 1 64  ? 5.777   -4.861  -3.603  1.00 35.57  ? 63  LEU A O   1 
ATOM   536  C  CB  . LEU A 1 64  ? 5.455   -5.301  -0.361  1.00 37.55  ? 63  LEU A CB  1 
ATOM   537  C  CG  . LEU A 1 64  ? 4.164   -4.561  -0.717  1.00 41.50  ? 63  LEU A CG  1 
ATOM   538  C  CD1 . LEU A 1 64  ? 3.241   -5.422  -1.560  1.00 43.57  ? 63  LEU A CD1 1 
ATOM   539  C  CD2 . LEU A 1 64  ? 3.423   -4.056  0.520   1.00 42.74  ? 63  LEU A CD2 1 
ATOM   540  N  N   . ILE A 1 65  ? 7.680   -4.374  -2.506  1.00 40.02  ? 64  ILE A N   1 
ATOM   541  C  CA  . ILE A 1 65  ? 8.173   -3.445  -3.564  1.00 37.14  ? 64  ILE A CA  1 
ATOM   542  C  C   . ILE A 1 65  ? 8.359   -4.239  -4.855  1.00 35.21  ? 64  ILE A C   1 
ATOM   543  O  O   . ILE A 1 65  ? 7.880   -3.747  -5.911  1.00 38.75  ? 64  ILE A O   1 
ATOM   544  C  CB  . ILE A 1 65  ? 9.461   -2.703  -3.128  1.00 41.88  ? 64  ILE A CB  1 
ATOM   545  C  CG1 . ILE A 1 65  ? 9.190   -1.699  -1.999  1.00 43.91  ? 64  ILE A CG1 1 
ATOM   546  C  CG2 . ILE A 1 65  ? 10.133  -2.036  -4.330  1.00 44.10  ? 64  ILE A CG2 1 
ATOM   547  C  CD1 . ILE A 1 65  ? 10.439  -1.271  -1.224  1.00 45.63  ? 64  ILE A CD1 1 
ATOM   548  N  N   . LYS A 1 66  ? 8.956   -5.453  -4.788  1.00 34.48  ? 65  LYS A N   1 
ATOM   549  C  CA  . LYS A 1 66  ? 9.159   -6.293  -6.002  1.00 34.25  ? 65  LYS A CA  1 
ATOM   550  C  C   . LYS A 1 66  ? 7.808   -6.651  -6.642  1.00 36.03  ? 65  LYS A C   1 
ATOM   551  O  O   . LYS A 1 66  ? 7.671   -6.585  -7.872  1.00 32.15  ? 65  LYS A O   1 
ATOM   552  C  CB  . LYS A 1 66  ? 9.975   -7.511  -5.619  1.00 35.34  ? 65  LYS A CB  1 
ATOM   553  C  CG  . LYS A 1 66  ? 11.417  -7.134  -5.350  1.00 38.46  ? 65  LYS A CG  1 
ATOM   554  C  CD  . LYS A 1 66  ? 12.345  -8.274  -5.151  1.00 38.61  ? 65  LYS A CD  1 
ATOM   555  C  CE  . LYS A 1 66  ? 13.662  -7.785  -4.568  1.00 48.85  ? 65  LYS A CE  1 
ATOM   556  N  NZ  . LYS A 1 66  ? 14.244  -8.788  -3.657  1.00 60.68  ? 65  LYS A NZ  1 
ATOM   557  N  N   . ILE A 1 67  ? 6.834   -6.966  -5.811  1.00 35.72  ? 66  ILE A N   1 
ATOM   558  C  CA  . ILE A 1 67  ? 5.473   -7.356  -6.249  1.00 34.68  ? 66  ILE A CA  1 
ATOM   559  C  C   . ILE A 1 67  ? 4.840   -6.198  -7.038  1.00 36.67  ? 66  ILE A C   1 
ATOM   560  O  O   . ILE A 1 67  ? 4.286   -6.440  -8.111  1.00 35.90  ? 66  ILE A O   1 
ATOM   561  C  CB  . ILE A 1 67  ? 4.661   -7.775  -5.006  1.00 32.86  ? 66  ILE A CB  1 
ATOM   562  C  CG1 . ILE A 1 67  ? 5.161   -9.094  -4.414  1.00 32.67  ? 66  ILE A CG1 1 
ATOM   563  C  CG2 . ILE A 1 67  ? 3.170   -7.824  -5.325  1.00 36.59  ? 66  ILE A CG2 1 
ATOM   564  C  CD1 . ILE A 1 67  ? 4.476   -9.463  -3.086  1.00 32.29  ? 66  ILE A CD1 1 
ATOM   565  N  N   A ILE A 1 68  ? 4.915   -4.973  -6.512  0.17 36.84  ? 67  ILE A N   1 
ATOM   566  N  N   B ILE A 1 68  ? 4.916   -4.977  -6.498  0.34 35.47  ? 67  ILE A N   1 
ATOM   567  C  CA  A ILE A 1 68  ? 4.254   -3.779  -7.119  0.17 38.47  ? 67  ILE A CA  1 
ATOM   568  C  CA  B ILE A 1 68  ? 4.281   -3.763  -7.091  0.34 37.27  ? 67  ILE A CA  1 
ATOM   569  C  C   A ILE A 1 68  ? 5.018   -3.356  -8.382  0.17 39.03  ? 67  ILE A C   1 
ATOM   570  C  C   B ILE A 1 68  ? 5.016   -3.395  -8.386  0.34 38.84  ? 67  ILE A C   1 
ATOM   571  O  O   A ILE A 1 68  ? 4.352   -2.909  -9.335  0.17 40.36  ? 67  ILE A O   1 
ATOM   572  O  O   B ILE A 1 68  ? 4.331   -3.039  -9.364  0.34 40.70  ? 67  ILE A O   1 
ATOM   573  C  CB  A ILE A 1 68  ? 4.123   -2.622  -6.112  0.17 39.62  ? 67  ILE A CB  1 
ATOM   574  C  CB  B ILE A 1 68  ? 4.261   -2.580  -6.105  0.34 38.02  ? 67  ILE A CB  1 
ATOM   575  C  CG1 A ILE A 1 68  ? 3.291   -3.022  -4.888  0.17 40.67  ? 67  ILE A CG1 1 
ATOM   576  C  CG1 B ILE A 1 68  ? 3.480   -2.906  -4.826  0.34 38.17  ? 67  ILE A CG1 1 
ATOM   577  C  CG2 A ILE A 1 68  ? 3.557   -1.388  -6.801  0.17 39.44  ? 67  ILE A CG2 1 
ATOM   578  C  CG2 B ILE A 1 68  ? 3.714   -1.344  -6.812  0.34 38.12  ? 67  ILE A CG2 1 
ATOM   579  C  CD1 A ILE A 1 68  ? 2.000   -3.744  -5.223  0.17 41.06  ? 67  ILE A CD1 1 
ATOM   580  C  CD1 B ILE A 1 68  ? 3.700   -1.931  -3.688  0.34 37.76  ? 67  ILE A CD1 1 
ATOM   581  N  N   . ARG A 1 69  ? 6.351   -3.493  -8.397  1.00 39.54  ? 68  ARG A N   1 
ATOM   582  C  CA  . ARG A 1 69  ? 7.170   -3.232  -9.624  1.00 35.69  ? 68  ARG A CA  1 
ATOM   583  C  C   . ARG A 1 69  ? 6.718   -4.198  -10.736 1.00 37.72  ? 68  ARG A C   1 
ATOM   584  O  O   . ARG A 1 69  ? 6.534   -3.740  -11.898 1.00 43.20  ? 68  ARG A O   1 
ATOM   585  C  CB  . ARG A 1 69  ? 8.667   -3.350  -9.308  1.00 32.89  ? 68  ARG A CB  1 
ATOM   586  C  CG  . ARG A 1 69  ? 9.259   -2.186  -8.522  1.00 37.27  ? 68  ARG A CG  1 
ATOM   587  C  CD  . ARG A 1 69  ? 10.792  -2.326  -8.336  1.00 37.25  ? 68  ARG A CD  1 
ATOM   588  N  NE  . ARG A 1 69  ? 11.444  -2.204  -9.644  1.00 40.77  ? 68  ARG A NE  1 
ATOM   589  C  CZ  . ARG A 1 69  ? 11.814  -1.058  -10.236 1.00 46.81  ? 68  ARG A CZ  1 
ATOM   590  N  NH1 . ARG A 1 69  ? 11.658  0.111   -9.622  1.00 46.96  ? 68  ARG A NH1 1 
ATOM   591  N  NH2 . ARG A 1 69  ? 12.337  -1.083  -11.453 1.00 47.82  ? 68  ARG A NH2 1 
ATOM   592  N  N   . ARG A 1 70  ? 6.505   -5.475  -10.410 1.00 34.87  ? 69  ARG A N   1 
ATOM   593  C  CA  . ARG A 1 70  ? 5.985   -6.496  -11.354 1.00 33.72  ? 69  ARG A CA  1 
ATOM   594  C  C   . ARG A 1 70  ? 4.580   -6.129  -11.836 1.00 34.86  ? 69  ARG A C   1 
ATOM   595  O  O   . ARG A 1 70  ? 4.318   -6.260  -13.035 1.00 39.83  ? 69  ARG A O   1 
ATOM   596  C  CB  . ARG A 1 70  ? 6.087   -7.899  -10.747 1.00 35.20  ? 69  ARG A CB  1 
ATOM   597  C  CG  . ARG A 1 70  ? 7.515   -8.436  -10.710 1.00 33.69  ? 69  ARG A CG  1 
ATOM   598  C  CD  . ARG A 1 70  ? 7.636   -9.925  -10.443 1.00 29.68  ? 69  ARG A CD  1 
ATOM   599  N  NE  . ARG A 1 70  ? 7.177   -10.404 -9.123  1.00 30.42  ? 69  ARG A NE  1 
ATOM   600  C  CZ  . ARG A 1 70  ? 7.969   -10.616 -8.069  1.00 32.43  ? 69  ARG A CZ  1 
ATOM   601  N  NH1 . ARG A 1 70  ? 9.251   -10.315 -8.172  1.00 31.62  ? 69  ARG A NH1 1 
ATOM   602  N  NH2 . ARG A 1 70  ? 7.482   -11.095 -6.922  1.00 30.95  ? 69  ARG A NH2 1 
ATOM   603  N  N   . ARG A 1 71  ? 3.715   -5.655  -10.946 1.00 37.07  ? 70  ARG A N   1 
ATOM   604  C  CA  . ARG A 1 71  ? 2.305   -5.371  -11.275 1.00 39.97  ? 70  ARG A CA  1 
ATOM   605  C  C   . ARG A 1 71  ? 2.211   -4.126  -12.182 1.00 46.44  ? 70  ARG A C   1 
ATOM   606  O  O   . ARG A 1 71  ? 1.311   -4.111  -13.078 1.00 44.41  ? 70  ARG A O   1 
ATOM   607  C  CB  . ARG A 1 71  ? 1.482   -5.219  -10.005 1.00 42.65  ? 70  ARG A CB  1 
ATOM   608  C  CG  . ARG A 1 71  ? 0.000   -5.068  -10.310 1.00 46.45  ? 70  ARG A CG  1 
ATOM   609  C  CD  . ARG A 1 71  ? -0.836  -5.859  -9.354  1.00 50.39  ? 70  ARG A CD  1 
ATOM   610  N  NE  . ARG A 1 71  ? -2.276  -5.894  -9.649  1.00 51.21  ? 70  ARG A NE  1 
ATOM   611  C  CZ  . ARG A 1 71  ? -3.082  -6.802  -9.132  1.00 48.67  ? 70  ARG A CZ  1 
ATOM   612  N  NH1 . ARG A 1 71  ? -2.570  -7.754  -8.358  1.00 45.99  ? 70  ARG A NH1 1 
ATOM   613  N  NH2 . ARG A 1 71  ? -4.384  -6.792  -9.412  1.00 49.87  ? 70  ARG A NH2 1 
ATOM   614  N  N   . LEU A 1 72  ? 3.081   -3.135  -11.953 1.00 48.02  ? 71  LEU A N   1 
ATOM   615  C  CA  . LEU A 1 72  ? 3.227   -1.905  -12.783 1.00 48.16  ? 71  LEU A CA  1 
ATOM   616  C  C   . LEU A 1 72  ? 3.982   -2.225  -14.083 1.00 47.61  ? 71  LEU A C   1 
ATOM   617  O  O   . LEU A 1 72  ? 3.978   -1.364  -14.976 1.00 50.44  ? 71  LEU A O   1 
ATOM   618  C  CB  . LEU A 1 72  ? 3.988   -0.843  -11.989 1.00 44.57  ? 71  LEU A CB  1 
ATOM   619  C  CG  . LEU A 1 72  ? 3.216   -0.182  -10.855 1.00 49.88  ? 71  LEU A CG  1 
ATOM   620  C  CD1 . LEU A 1 72  ? 4.125   0.736   -10.053 1.00 47.99  ? 71  LEU A CD1 1 
ATOM   621  C  CD2 . LEU A 1 72  ? 2.007   0.567   -11.380 1.00 52.59  ? 71  LEU A CD2 1 
ATOM   622  N  N   . GLN A 1 73  ? 4.582   -3.412  -14.187 1.00 46.48  ? 72  GLN A N   1 
ATOM   623  C  CA  . GLN A 1 73  ? 5.357   -3.850  -15.368 1.00 53.82  ? 72  GLN A CA  1 
ATOM   624  C  C   . GLN A 1 73  ? 6.479   -2.835  -15.641 1.00 57.91  ? 72  GLN A C   1 
ATOM   625  O  O   . GLN A 1 73  ? 6.596   -2.368  -16.782 1.00 59.44  ? 72  GLN A O   1 
ATOM   626  C  CB  . GLN A 1 73  ? 4.390   -4.051  -16.541 1.00 61.91  ? 72  GLN A CB  1 
ATOM   627  C  CG  . GLN A 1 73  ? 3.788   -5.451  -16.612 1.00 69.33  ? 72  GLN A CG  1 
ATOM   628  C  CD  . GLN A 1 73  ? 4.786   -6.586  -16.772 1.00 78.49  ? 72  GLN A CD  1 
ATOM   629  O  OE1 . GLN A 1 73  ? 4.854   -7.250  -17.810 1.00 56.11  ? 72  GLN A OE1 1 
ATOM   630  N  NE2 . GLN A 1 73  ? 5.544   -6.870  -15.714 1.00 90.57  ? 72  GLN A NE2 1 
ATOM   631  N  N   . LEU A 1 74  ? 7.272   -2.513  -14.618 1.00 54.12  ? 73  LEU A N   1 
ATOM   632  C  CA  . LEU A 1 74  ? 8.433   -1.582  -14.703 1.00 55.84  ? 73  LEU A CA  1 
ATOM   633  C  C   . LEU A 1 74  ? 9.622   -2.288  -15.350 1.00 50.24  ? 73  LEU A C   1 
ATOM   634  O  O   . LEU A 1 74  ? 9.668   -3.512  -15.345 1.00 51.66  ? 73  LEU A O   1 
ATOM   635  C  CB  . LEU A 1 74  ? 8.820   -1.089  -13.302 1.00 52.64  ? 73  LEU A CB  1 
ATOM   636  C  CG  . LEU A 1 74  ? 7.742   -0.323  -12.529 1.00 52.56  ? 73  LEU A CG  1 
ATOM   637  C  CD1 . LEU A 1 74  ? 8.365   0.477   -11.396 1.00 50.86  ? 73  LEU A CD1 1 
ATOM   638  C  CD2 . LEU A 1 74  ? 6.939   0.601   -13.431 1.00 53.78  ? 73  LEU A CD2 1 
ATOM   639  N  N   . ASN A 1 75  ? 10.564  -1.524  -15.901 1.00 54.71  ? 74  ASN A N   1 
ATOM   640  C  CA  . ASN A 1 75  ? 11.871  -2.078  -16.344 1.00 57.31  ? 74  ASN A CA  1 
ATOM   641  C  C   . ASN A 1 75  ? 12.914  -1.648  -15.318 1.00 53.16  ? 74  ASN A C   1 
ATOM   642  O  O   . ASN A 1 75  ? 12.567  -0.797  -14.437 1.00 49.36  ? 74  ASN A O   1 
ATOM   643  C  CB  . ASN A 1 75  ? 12.240  -1.684  -17.776 1.00 67.90  ? 74  ASN A CB  1 
ATOM   644  C  CG  . ASN A 1 75  ? 12.080  -0.203  -18.025 1.00 70.26  ? 74  ASN A CG  1 
ATOM   645  O  OD1 . ASN A 1 75  ? 12.819  0.607   -17.466 1.00 68.68  ? 74  ASN A OD1 1 
ATOM   646  N  ND2 . ASN A 1 75  ? 11.101  0.150   -18.845 1.00 70.57  ? 74  ASN A ND2 1 
ATOM   647  N  N   . ALA A 1 76  ? 14.125  -2.196  -15.460 1.00 60.44  ? 75  ALA A N   1 
ATOM   648  C  CA  . ALA A 1 76  ? 15.172  -2.257  -14.421 1.00 63.84  ? 75  ALA A CA  1 
ATOM   649  C  C   . ALA A 1 76  ? 15.574  -0.848  -13.979 1.00 73.49  ? 75  ALA A C   1 
ATOM   650  O  O   . ALA A 1 76  ? 15.984  -0.713  -12.825 1.00 82.17  ? 75  ALA A O   1 
ATOM   651  C  CB  . ALA A 1 76  ? 16.355  -3.031  -14.934 1.00 70.38  ? 75  ALA A CB  1 
ATOM   652  N  N   . ASN A 1 77  ? 15.470  0.169   -14.837 1.00 76.52  ? 76  ASN A N   1 
ATOM   653  C  CA  . ASN A 1 77  ? 16.084  1.492   -14.531 1.00 80.36  ? 76  ASN A CA  1 
ATOM   654  C  C   . ASN A 1 77  ? 15.035  2.526   -14.085 1.00 77.05  ? 76  ASN A C   1 
ATOM   655  O  O   . ASN A 1 77  ? 15.494  3.553   -13.531 1.00 80.20  ? 76  ASN A O   1 
ATOM   656  C  CB  . ASN A 1 77  ? 16.958  2.006   -15.675 1.00 89.36  ? 76  ASN A CB  1 
ATOM   657  C  CG  . ASN A 1 77  ? 16.279  1.899   -17.020 1.00 99.25  ? 76  ASN A CG  1 
ATOM   658  O  OD1 . ASN A 1 77  ? 15.100  2.227   -17.146 1.00 111.02 ? 76  ASN A OD1 1 
ATOM   659  N  ND2 . ASN A 1 77  ? 17.008  1.423   -18.017 1.00 104.70 ? 76  ASN A ND2 1 
ATOM   660  N  N   . GLN A 1 78  ? 13.718  2.278   -14.260 1.00 63.51  ? 77  GLN A N   1 
ATOM   661  C  CA  . GLN A 1 78  ? 12.637  3.184   -13.757 1.00 57.95  ? 77  GLN A CA  1 
ATOM   662  C  C   . GLN A 1 78  ? 12.717  3.222   -12.227 1.00 57.05  ? 77  GLN A C   1 
ATOM   663  O  O   . GLN A 1 78  ? 12.860  2.145   -11.607 1.00 53.84  ? 77  GLN A O   1 
ATOM   664  C  CB  . GLN A 1 78  ? 11.218  2.766   -14.162 1.00 57.39  ? 77  GLN A CB  1 
ATOM   665  C  CG  . GLN A 1 78  ? 10.878  2.971   -15.635 1.00 64.96  ? 77  GLN A CG  1 
ATOM   666  C  CD  . GLN A 1 78  ? 9.736   2.097   -16.108 1.00 62.61  ? 77  GLN A CD  1 
ATOM   667  O  OE1 . GLN A 1 78  ? 9.884   0.901   -16.345 1.00 69.48  ? 77  GLN A OE1 1 
ATOM   668  N  NE2 . GLN A 1 78  ? 8.569   2.686   -16.284 1.00 65.65  ? 77  GLN A NE2 1 
ATOM   669  N  N   . ALA A 1 79  ? 12.673  4.421   -11.638 1.00 52.29  ? 78  ALA A N   1 
ATOM   670  C  CA  . ALA A 1 79  ? 12.739  4.620   -10.176 1.00 51.13  ? 78  ALA A CA  1 
ATOM   671  C  C   . ALA A 1 79  ? 11.348  4.374   -9.603  1.00 48.19  ? 78  ALA A C   1 
ATOM   672  O  O   . ALA A 1 79  ? 10.368  4.599   -10.318 1.00 54.01  ? 78  ALA A O   1 
ATOM   673  C  CB  . ALA A 1 79  ? 13.211  6.005   -9.811  1.00 55.10  ? 78  ALA A CB  1 
ATOM   674  N  N   . PHE A 1 80  ? 11.299  3.966   -8.338  1.00 45.75  ? 79  PHE A N   1 
ATOM   675  C  CA  . PHE A 1 80  ? 10.048  3.662   -7.611  1.00 50.71  ? 79  PHE A CA  1 
ATOM   676  C  C   . PHE A 1 80  ? 10.337  3.865   -6.122  1.00 52.48  ? 79  PHE A C   1 
ATOM   677  O  O   . PHE A 1 80  ? 11.381  3.338   -5.604  1.00 48.05  ? 79  PHE A O   1 
ATOM   678  C  CB  . PHE A 1 80  ? 9.549   2.267   -8.006  1.00 44.71  ? 79  PHE A CB  1 
ATOM   679  C  CG  . PHE A 1 80  ? 8.355   1.779   -7.236  1.00 43.78  ? 79  PHE A CG  1 
ATOM   680  C  CD1 . PHE A 1 80  ? 7.076   2.039   -7.690  1.00 46.28  ? 79  PHE A CD1 1 
ATOM   681  C  CD2 . PHE A 1 80  ? 8.511   1.098   -6.038  1.00 45.10  ? 79  PHE A CD2 1 
ATOM   682  C  CE1 . PHE A 1 80  ? 5.972   1.579   -6.986  1.00 46.79  ? 79  PHE A CE1 1 
ATOM   683  C  CE2 . PHE A 1 80  ? 7.406   0.666   -5.323  1.00 43.20  ? 79  PHE A CE2 1 
ATOM   684  C  CZ  . PHE A 1 80  ? 6.137   0.904   -5.802  1.00 44.17  ? 79  PHE A CZ  1 
ATOM   685  N  N   . PHE A 1 81  ? 9.487   4.687   -5.498  1.00 52.08  ? 80  PHE A N   1 
ATOM   686  C  CA  . PHE A 1 81  ? 9.543   5.055   -4.062  1.00 48.09  ? 80  PHE A CA  1 
ATOM   687  C  C   . PHE A 1 81  ? 8.157   4.797   -3.501  1.00 43.14  ? 80  PHE A C   1 
ATOM   688  O  O   . PHE A 1 81  ? 7.165   5.114   -4.177  1.00 46.64  ? 80  PHE A O   1 
ATOM   689  C  CB  . PHE A 1 81  ? 10.004  6.505   -3.875  1.00 49.47  ? 80  PHE A CB  1 
ATOM   690  C  CG  . PHE A 1 81  ? 11.367  6.753   -4.462  1.00 51.23  ? 80  PHE A CG  1 
ATOM   691  C  CD1 . PHE A 1 81  ? 11.500  7.173   -5.783  1.00 61.00  ? 80  PHE A CD1 1 
ATOM   692  C  CD2 . PHE A 1 81  ? 12.513  6.444   -3.740  1.00 50.46  ? 80  PHE A CD2 1 
ATOM   693  C  CE1 . PHE A 1 81  ? 12.759  7.353   -6.343  1.00 57.55  ? 80  PHE A CE1 1 
ATOM   694  C  CE2 . PHE A 1 81  ? 13.771  6.633   -4.298  1.00 52.96  ? 80  PHE A CE2 1 
ATOM   695  C  CZ  . PHE A 1 81  ? 13.888  7.088   -5.595  1.00 55.40  ? 80  PHE A CZ  1 
ATOM   696  N  N   . LEU A 1 82  ? 8.122   4.141   -2.354  1.00 42.98  ? 81  LEU A N   1 
ATOM   697  C  CA  . LEU A 1 82  ? 6.883   3.704   -1.675  1.00 43.51  ? 81  LEU A CA  1 
ATOM   698  C  C   . LEU A 1 82  ? 6.862   4.348   -0.286  1.00 49.15  ? 81  LEU A C   1 
ATOM   699  O  O   . LEU A 1 82  ? 7.791   4.102   0.494   1.00 47.25  ? 81  LEU A O   1 
ATOM   700  C  CB  . LEU A 1 82  ? 6.902   2.176   -1.590  1.00 46.41  ? 81  LEU A CB  1 
ATOM   701  C  CG  . LEU A 1 82  ? 5.607   1.523   -1.126  1.00 43.85  ? 81  LEU A CG  1 
ATOM   702  C  CD1 . LEU A 1 82  ? 4.508   1.745   -2.156  1.00 44.05  ? 81  LEU A CD1 1 
ATOM   703  C  CD2 . LEU A 1 82  ? 5.821   0.037   -0.870  1.00 46.16  ? 81  LEU A CD2 1 
ATOM   704  N  N   . LEU A 1 83  ? 5.869   5.195   -0.018  1.00 44.78  ? 82  LEU A N   1 
ATOM   705  C  CA  . LEU A 1 83  ? 5.627   5.706   1.349   1.00 44.65  ? 82  LEU A CA  1 
ATOM   706  C  C   . LEU A 1 83  ? 4.629   4.802   2.048   1.00 42.74  ? 82  LEU A C   1 
ATOM   707  O  O   . LEU A 1 83  ? 3.744   4.206   1.378   1.00 44.30  ? 82  LEU A O   1 
ATOM   708  C  CB  . LEU A 1 83  ? 5.072   7.122   1.278   1.00 47.77  ? 82  LEU A CB  1 
ATOM   709  C  CG  . LEU A 1 83  ? 5.995   8.147   0.640   1.00 50.49  ? 82  LEU A CG  1 
ATOM   710  C  CD1 . LEU A 1 83  ? 5.392   9.523   0.833   1.00 54.53  ? 82  LEU A CD1 1 
ATOM   711  C  CD2 . LEU A 1 83  ? 7.402   8.081   1.222   1.00 49.06  ? 82  LEU A CD2 1 
ATOM   712  N  N   . VAL A 1 84  ? 4.784   4.705   3.355   1.00 39.30  ? 83  VAL A N   1 
ATOM   713  C  CA  . VAL A 1 84  ? 3.878   3.904   4.215   1.00 40.53  ? 83  VAL A CA  1 
ATOM   714  C  C   . VAL A 1 84  ? 3.376   4.875   5.274   1.00 43.51  ? 83  VAL A C   1 
ATOM   715  O  O   . VAL A 1 84  ? 4.235   5.488   5.963   1.00 36.87  ? 83  VAL A O   1 
ATOM   716  C  CB  . VAL A 1 84  ? 4.576   2.670   4.825   1.00 43.52  ? 83  VAL A CB  1 
ATOM   717  C  CG1 . VAL A 1 84  ? 3.604   1.861   5.669   1.00 48.35  ? 83  VAL A CG1 1 
ATOM   718  C  CG2 . VAL A 1 84  ? 5.231   1.785   3.772   1.00 47.35  ? 83  VAL A CG2 1 
ATOM   719  N  N   . ASN A 1 85  ? 2.049   5.015   5.393   1.00 37.59  ? 84  ASN A N   1 
ATOM   720  C  CA  . ASN A 1 85  ? 1.404   5.817   6.459   1.00 40.56  ? 84  ASN A CA  1 
ATOM   721  C  C   . ASN A 1 85  ? 1.951   7.254   6.351   1.00 38.87  ? 84  ASN A C   1 
ATOM   722  O  O   . ASN A 1 85  ? 2.174   7.893   7.386   1.00 44.35  ? 84  ASN A O   1 
ATOM   723  C  CB  . ASN A 1 85  ? 1.598   5.141   7.826   1.00 42.26  ? 84  ASN A CB  1 
ATOM   724  C  CG  . ASN A 1 85  ? 0.943   5.882   8.971   1.00 42.91  ? 84  ASN A CG  1 
ATOM   725  O  OD1 . ASN A 1 85  ? -0.123  6.479   8.814   1.00 41.08  ? 84  ASN A OD1 1 
ATOM   726  N  ND2 . ASN A 1 85  ? 1.586   5.876   10.124  1.00 46.65  ? 84  ASN A ND2 1 
ATOM   727  N  N   . GLY A 1 86  ? 2.205   7.729   5.130   1.00 37.21  ? 85  GLY A N   1 
ATOM   728  C  CA  . GLY A 1 86  ? 2.601   9.125   4.870   1.00 42.67  ? 85  GLY A CA  1 
ATOM   729  C  C   . GLY A 1 86  ? 4.105   9.380   4.870   1.00 45.92  ? 85  GLY A C   1 
ATOM   730  O  O   . GLY A 1 86  ? 4.460   10.521  4.602   1.00 46.24  ? 85  GLY A O   1 
ATOM   731  N  N   . HIS A 1 87  ? 4.974   8.417   5.193   1.00 39.61  ? 86  HIS A N   1 
ATOM   732  C  CA  . HIS A 1 87  ? 6.428   8.665   5.399   1.00 41.13  ? 86  HIS A CA  1 
ATOM   733  C  C   . HIS A 1 87  ? 7.275   7.539   4.782   1.00 42.16  ? 86  HIS A C   1 
ATOM   734  O  O   . HIS A 1 87  ? 6.734   6.452   4.498   1.00 37.43  ? 86  HIS A O   1 
ATOM   735  C  CB  . HIS A 1 87  ? 6.730   8.794   6.895   1.00 40.99  ? 86  HIS A CB  1 
ATOM   736  C  CG  . HIS A 1 87  ? 6.303   7.628   7.711   1.00 44.42  ? 86  HIS A CG  1 
ATOM   737  N  ND1 . HIS A 1 87  ? 7.091   6.489   7.828   1.00 51.83  ? 86  HIS A ND1 1 
ATOM   738  C  CD2 . HIS A 1 87  ? 5.180   7.396   8.425   1.00 45.48  ? 86  HIS A CD2 1 
ATOM   739  C  CE1 . HIS A 1 87  ? 6.480   5.625   8.609   1.00 47.86  ? 86  HIS A CE1 1 
ATOM   740  N  NE2 . HIS A 1 87  ? 5.320   6.173   9.011   1.00 48.33  ? 86  HIS A NE2 1 
ATOM   741  N  N   A SER A 1 88  ? 8.572   7.794   4.588   0.06 40.74  ? 87  SER A N   1 
ATOM   742  N  N   B SER A 1 88  ? 8.575   7.800   4.593   0.44 39.37  ? 87  SER A N   1 
ATOM   743  C  CA  A SER A 1 88  ? 9.548   6.822   4.030   0.06 41.34  ? 87  SER A CA  1 
ATOM   744  C  CA  B SER A 1 88  ? 9.587   6.824   4.099   0.44 43.35  ? 87  SER A CA  1 
ATOM   745  C  C   A SER A 1 88  ? 9.661   5.615   4.968   0.06 41.98  ? 87  SER A C   1 
ATOM   746  C  C   B SER A 1 88  ? 9.584   5.584   4.986   0.44 40.80  ? 87  SER A C   1 
ATOM   747  O  O   A SER A 1 88  ? 9.542   5.803   6.192   0.06 42.51  ? 87  SER A O   1 
ATOM   748  O  O   B SER A 1 88  ? 9.352   5.720   6.196   0.44 46.10  ? 87  SER A O   1 
ATOM   749  C  CB  A SER A 1 88  ? 10.892  7.467   3.798   0.06 40.70  ? 87  SER A CB  1 
ATOM   750  C  CB  B SER A 1 88  ? 10.984  7.406   4.079   0.44 45.07  ? 87  SER A CB  1 
ATOM   751  O  OG  A SER A 1 88  ? 11.562  7.700   5.028   0.06 39.41  ? 87  SER A OG  1 
ATOM   752  O  OG  B SER A 1 88  ? 11.059  8.530   3.227   0.44 47.61  ? 87  SER A OG  1 
ATOM   753  N  N   . MET A 1 89  ? 9.872   4.425   4.398   1.00 42.34  ? 88  MET A N   1 
ATOM   754  C  CA  . MET A 1 89  ? 10.064  3.175   5.153   1.00 49.50  ? 88  MET A CA  1 
ATOM   755  C  C   . MET A 1 89  ? 11.413  3.234   5.874   1.00 50.59  ? 88  MET A C   1 
ATOM   756  O  O   . MET A 1 89  ? 12.427  3.607   5.236   1.00 46.32  ? 88  MET A O   1 
ATOM   757  C  CB  . MET A 1 89  ? 10.048  2.009   4.175   1.00 54.20  ? 88  MET A CB  1 
ATOM   758  C  CG  . MET A 1 89  ? 8.642   1.726   3.691   1.00 65.77  ? 88  MET A CG  1 
ATOM   759  S  SD  . MET A 1 89  ? 8.732   0.695   2.237   1.00 71.31  ? 88  MET A SD  1 
ATOM   760  C  CE  . MET A 1 89  ? 10.180  -0.281  2.632   1.00 65.40  ? 88  MET A CE  1 
ATOM   761  N  N   . VAL A 1 90  ? 11.411  2.948   7.170   1.00 52.98  ? 89  VAL A N   1 
ATOM   762  C  CA  . VAL A 1 90  ? 12.659  2.986   7.973   1.00 55.94  ? 89  VAL A CA  1 
ATOM   763  C  C   . VAL A 1 90  ? 13.521  1.822   7.492   1.00 52.16  ? 89  VAL A C   1 
ATOM   764  O  O   . VAL A 1 90  ? 14.746  2.051   7.327   1.00 49.71  ? 89  VAL A O   1 
ATOM   765  C  CB  . VAL A 1 90  ? 12.350  2.960   9.481   1.00 63.05  ? 89  VAL A CB  1 
ATOM   766  C  CG1 . VAL A 1 90  ? 13.604  2.753   10.312  1.00 63.61  ? 89  VAL A CG1 1 
ATOM   767  C  CG2 . VAL A 1 90  ? 11.632  4.237   9.895   1.00 72.03  ? 89  VAL A CG2 1 
ATOM   768  N  N   . SER A 1 91  ? 12.875  0.668   7.205   1.00 49.93  ? 90  SER A N   1 
ATOM   769  C  CA  . SER A 1 91  ? 13.498  -0.581  6.691   1.00 55.29  ? 90  SER A CA  1 
ATOM   770  C  C   . SER A 1 91  ? 12.542  -1.415  5.820   1.00 51.33  ? 90  SER A C   1 
ATOM   771  O  O   . SER A 1 91  ? 11.346  -1.556  6.161   1.00 57.15  ? 90  SER A O   1 
ATOM   772  C  CB  . SER A 1 91  ? 14.023  -1.460  7.799   1.00 55.57  ? 90  SER A CB  1 
ATOM   773  O  OG  . SER A 1 91  ? 14.952  -2.408  7.257   1.00 64.30  ? 90  SER A OG  1 
ATOM   774  N  N   . VAL A 1 92  ? 13.137  -2.067  4.824   1.00 54.43  ? 91  VAL A N   1 
ATOM   775  C  CA  . VAL A 1 92  ? 12.477  -2.966  3.839   1.00 56.22  ? 91  VAL A CA  1 
ATOM   776  C  C   . VAL A 1 92  ? 12.545  -4.408  4.359   1.00 53.33  ? 91  VAL A C   1 
ATOM   777  O  O   . VAL A 1 92  ? 11.880  -5.269  3.770   1.00 54.87  ? 91  VAL A O   1 
ATOM   778  C  CB  . VAL A 1 92  ? 13.089  -2.809  2.426   1.00 60.35  ? 91  VAL A CB  1 
ATOM   779  C  CG1 . VAL A 1 92  ? 13.014  -1.369  1.919   1.00 62.37  ? 91  VAL A CG1 1 
ATOM   780  C  CG2 . VAL A 1 92  ? 14.524  -3.319  2.347   1.00 61.02  ? 91  VAL A CG2 1 
ATOM   781  N  N   . SER A 1 93  ? 13.275  -4.696  5.437   1.00 46.14  ? 92  SER A N   1 
ATOM   782  C  CA  . SER A 1 93  ? 13.419  -6.089  5.918   1.00 46.28  ? 92  SER A CA  1 
ATOM   783  C  C   . SER A 1 93  ? 12.285  -6.476  6.867   1.00 45.19  ? 92  SER A C   1 
ATOM   784  O  O   . SER A 1 93  ? 12.208  -7.651  7.256   1.00 47.77  ? 92  SER A O   1 
ATOM   785  C  CB  . SER A 1 93  ? 14.737  -6.303  6.589   1.00 61.00  ? 92  SER A CB  1 
ATOM   786  O  OG  . SER A 1 93  ? 14.736  -5.676  7.864   1.00 67.52  ? 92  SER A OG  1 
ATOM   787  N  N   . THR A 1 94  ? 11.455  -5.532  7.300   1.00 43.45  ? 93  THR A N   1 
ATOM   788  C  CA  . THR A 1 94  ? 10.430  -5.819  8.327   1.00 45.59  ? 93  THR A CA  1 
ATOM   789  C  C   . THR A 1 94  ? 9.288   -6.629  7.697   1.00 45.16  ? 93  THR A C   1 
ATOM   790  O  O   . THR A 1 94  ? 8.804   -6.261  6.630   1.00 42.33  ? 93  THR A O   1 
ATOM   791  C  CB  . THR A 1 94  ? 9.852   -4.512  8.883   1.00 48.95  ? 93  THR A CB  1 
ATOM   792  O  OG1 . THR A 1 94  ? 10.863  -3.501  8.821   1.00 62.85  ? 93  THR A OG1 1 
ATOM   793  C  CG2 . THR A 1 94  ? 9.304   -4.703  10.276  1.00 49.44  ? 93  THR A CG2 1 
ATOM   794  N  N   . PRO A 1 95  ? 8.831   -7.722  8.335   1.00 39.59  ? 94  PRO A N   1 
ATOM   795  C  CA  . PRO A 1 95  ? 7.614   -8.421  7.932   1.00 39.99  ? 94  PRO A CA  1 
ATOM   796  C  C   . PRO A 1 95  ? 6.407   -7.479  7.986   1.00 35.47  ? 94  PRO A C   1 
ATOM   797  O  O   . PRO A 1 95  ? 6.294   -6.722  8.933   1.00 37.82  ? 94  PRO A O   1 
ATOM   798  C  CB  . PRO A 1 95  ? 7.401   -9.527  8.969   1.00 41.54  ? 94  PRO A CB  1 
ATOM   799  C  CG  . PRO A 1 95  ? 8.728   -9.643  9.699   1.00 49.63  ? 94  PRO A CG  1 
ATOM   800  C  CD  . PRO A 1 95  ? 9.454   -8.335  9.514   1.00 44.30  ? 94  PRO A CD  1 
ATOM   801  N  N   . ILE A 1 96  ? 5.547   -7.525  6.953   1.00 35.23  ? 95  ILE A N   1 
ATOM   802  C  CA  . ILE A 1 96  ? 4.395   -6.602  6.838   1.00 33.07  ? 95  ILE A CA  1 
ATOM   803  C  C   . ILE A 1 96  ? 3.484   -6.776  8.068   1.00 31.02  ? 95  ILE A C   1 
ATOM   804  O  O   . ILE A 1 96  ? 2.821   -5.753  8.417   1.00 29.98  ? 95  ILE A O   1 
ATOM   805  C  CB  . ILE A 1 96  ? 3.667   -6.702  5.468   1.00 31.43  ? 95  ILE A CB  1 
ATOM   806  C  CG1 . ILE A 1 96  ? 2.751   -5.499  5.265   1.00 32.88  ? 95  ILE A CG1 1 
ATOM   807  C  CG2 . ILE A 1 96  ? 2.925   -8.026  5.279   1.00 30.77  ? 95  ILE A CG2 1 
ATOM   808  C  CD1 . ILE A 1 96  ? 2.249   -5.347  3.841   1.00 32.86  ? 95  ILE A CD1 1 
ATOM   809  N  N   . SER A 1 97  ? 3.420   -7.949  8.719   1.00 31.78  ? 96  SER A N   1 
ATOM   810  C  CA  . SER A 1 97  ? 2.604   -8.142  9.967   1.00 33.52  ? 96  SER A CA  1 
ATOM   811  C  C   . SER A 1 97  ? 3.048   -7.138  11.056  1.00 38.46  ? 96  SER A C   1 
ATOM   812  O  O   . SER A 1 97  ? 2.164   -6.586  11.794  1.00 31.56  ? 96  SER A O   1 
ATOM   813  C  CB  . SER A 1 97  ? 2.686   -9.531  10.497  1.00 36.02  ? 96  SER A CB  1 
ATOM   814  O  OG  . SER A 1 97  ? 4.042   -9.913  10.678  1.00 35.61  ? 96  SER A OG  1 
ATOM   815  N  N   . GLU A 1 98  ? 4.376   -6.942  11.183  1.00 36.26  ? 97  GLU A N   1 
ATOM   816  C  CA  . GLU A 1 98  ? 5.004   -5.994  12.152  1.00 39.13  ? 97  GLU A CA  1 
ATOM   817  C  C   . GLU A 1 98  ? 4.775   -4.556  11.692  1.00 36.27  ? 97  GLU A C   1 
ATOM   818  O  O   . GLU A 1 98  ? 4.373   -3.741  12.557  1.00 35.82  ? 97  GLU A O   1 
ATOM   819  C  CB  . GLU A 1 98  ? 6.520   -6.165  12.252  1.00 45.40  ? 97  GLU A CB  1 
ATOM   820  C  CG  . GLU A 1 98  ? 6.980   -7.033  13.408  1.00 61.65  ? 97  GLU A CG  1 
ATOM   821  C  CD  . GLU A 1 98  ? 8.451   -7.439  13.283  1.00 67.08  ? 97  GLU A CD  1 
ATOM   822  O  OE1 . GLU A 1 98  ? 8.734   -8.668  13.293  1.00 68.72  ? 97  GLU A OE1 1 
ATOM   823  O  OE2 . GLU A 1 98  ? 9.302   -6.530  13.116  1.00 63.21  ? 97  GLU A OE2 1 
ATOM   824  N  N   . VAL A 1 99  ? 4.944   -4.264  10.382  1.00 30.50  ? 98  VAL A N   1 
ATOM   825  C  CA  . VAL A 1 99  ? 4.721   -2.906  9.814   1.00 37.28  ? 98  VAL A CA  1 
ATOM   826  C  C   . VAL A 1 99  ? 3.261   -2.542  10.094  1.00 36.94  ? 98  VAL A C   1 
ATOM   827  O  O   . VAL A 1 99  ? 2.976   -1.398  10.498  1.00 36.84  ? 98  VAL A O   1 
ATOM   828  C  CB  . VAL A 1 99  ? 5.061   -2.797  8.311   1.00 35.51  ? 98  VAL A CB  1 
ATOM   829  C  CG1 . VAL A 1 99  ? 4.704   -1.432  7.740   1.00 41.00  ? 98  VAL A CG1 1 
ATOM   830  C  CG2 . VAL A 1 99  ? 6.526   -3.085  8.063   1.00 42.07  ? 98  VAL A CG2 1 
ATOM   831  N  N   . TYR A 1 100 ? 2.347   -3.480  9.900   1.00 30.98  ? 99  TYR A N   1 
ATOM   832  C  CA  . TYR A 1 100 ? 0.884   -3.196  10.043  1.00 31.61  ? 99  TYR A CA  1 
ATOM   833  C  C   . TYR A 1 100 ? 0.556   -2.736  11.472  1.00 35.76  ? 99  TYR A C   1 
ATOM   834  O  O   . TYR A 1 100 ? -0.150  -1.731  11.645  1.00 36.87  ? 99  TYR A O   1 
ATOM   835  C  CB  . TYR A 1 100 ? 0.081   -4.433  9.683   1.00 32.28  ? 99  TYR A CB  1 
ATOM   836  C  CG  . TYR A 1 100 ? -1.398  -4.243  9.880   1.00 32.62  ? 99  TYR A CG  1 
ATOM   837  C  CD1 . TYR A 1 100 ? -2.155  -3.600  8.913   1.00 29.19  ? 99  TYR A CD1 1 
ATOM   838  C  CD2 . TYR A 1 100 ? -2.040  -4.765  10.986  1.00 30.17  ? 99  TYR A CD2 1 
ATOM   839  C  CE1 . TYR A 1 100 ? -3.520  -3.440  9.081   1.00 30.88  ? 99  TYR A CE1 1 
ATOM   840  C  CE2 . TYR A 1 100 ? -3.402  -4.596  11.178  1.00 36.48  ? 99  TYR A CE2 1 
ATOM   841  C  CZ  . TYR A 1 100 ? -4.144  -3.942  10.203  1.00 30.66  ? 99  TYR A CZ  1 
ATOM   842  O  OH  . TYR A 1 100 ? -5.481  -3.758  10.393  1.00 34.88  ? 99  TYR A OH  1 
ATOM   843  N  N   . GLU A 1 101 ? 1.064   -3.444  12.481  1.00 32.85  ? 100 GLU A N   1 
ATOM   844  C  CA  . GLU A 1 101 ? 0.752   -3.191  13.904  1.00 37.62  ? 100 GLU A CA  1 
ATOM   845  C  C   . GLU A 1 101 ? 1.201   -1.781  14.296  1.00 34.12  ? 100 GLU A C   1 
ATOM   846  O  O   . GLU A 1 101 ? 0.543   -1.185  15.151  1.00 39.59  ? 100 GLU A O   1 
ATOM   847  C  CB  . GLU A 1 101 ? 1.438   -4.197  14.831  1.00 41.82  ? 100 GLU A CB  1 
ATOM   848  C  CG  . GLU A 1 101 ? 0.694   -5.479  15.045  1.00 51.06  ? 100 GLU A CG  1 
ATOM   849  C  CD  . GLU A 1 101 ? 0.813   -5.973  16.481  1.00 54.14  ? 100 GLU A CD  1 
ATOM   850  O  OE1 . GLU A 1 101 ? 1.745   -5.557  17.174  1.00 54.99  ? 100 GLU A OE1 1 
ATOM   851  O  OE2 . GLU A 1 101 ? -0.038  -6.745  16.896  1.00 65.25  ? 100 GLU A OE2 1 
ATOM   852  N  N   . SER A 1 102 ? 2.272   -1.276  13.709  1.00 39.12  ? 101 SER A N   1 
ATOM   853  C  CA  . SER A 1 102 ? 2.803   0.053   14.075  1.00 39.20  ? 101 SER A CA  1 
ATOM   854  C  C   . SER A 1 102 ? 2.289   1.157   13.143  1.00 41.52  ? 101 SER A C   1 
ATOM   855  O  O   . SER A 1 102 ? 2.103   2.249   13.646  1.00 42.47  ? 101 SER A O   1 
ATOM   856  C  CB  . SER A 1 102 ? 4.285   0.005   14.202  1.00 44.76  ? 101 SER A CB  1 
ATOM   857  O  OG  . SER A 1 102 ? 4.902   0.352   12.997  1.00 62.04  ? 101 SER A OG  1 
ATOM   858  N  N   . GLU A 1 103 ? 1.983   0.884   11.869  1.00 35.65  ? 102 GLU A N   1 
ATOM   859  C  CA  . GLU A 1 103 ? 1.686   1.909   10.843  1.00 36.04  ? 102 GLU A CA  1 
ATOM   860  C  C   . GLU A 1 103 ? 0.223   1.863   10.353  1.00 36.42  ? 102 GLU A C   1 
ATOM   861  O  O   . GLU A 1 103 ? -0.142  2.740   9.595   1.00 39.31  ? 102 GLU A O   1 
ATOM   862  C  CB  . GLU A 1 103 ? 2.671   1.783   9.691   1.00 38.74  ? 102 GLU A CB  1 
ATOM   863  C  CG  . GLU A 1 103 ? 4.121   1.895   10.102  1.00 39.39  ? 102 GLU A CG  1 
ATOM   864  C  CD  . GLU A 1 103 ? 4.545   3.268   10.611  1.00 45.88  ? 102 GLU A CD  1 
ATOM   865  O  OE1 . GLU A 1 103 ? 3.838   4.271   10.361  1.00 45.10  ? 102 GLU A OE1 1 
ATOM   866  O  OE2 . GLU A 1 103 ? 5.573   3.327   11.265  1.00 47.94  ? 102 GLU A OE2 1 
ATOM   867  N  N   . LYS A 1 104 ? -0.610  0.944   10.803  1.00 35.15  ? 103 LYS A N   1 
ATOM   868  C  CA  . LYS A 1 104 ? -2.035  0.900   10.384  1.00 33.14  ? 103 LYS A CA  1 
ATOM   869  C  C   . LYS A 1 104 ? -2.705  2.251   10.649  1.00 37.22  ? 103 LYS A C   1 
ATOM   870  O  O   . LYS A 1 104 ? -2.370  2.894   11.655  1.00 37.00  ? 103 LYS A O   1 
ATOM   871  C  CB  . LYS A 1 104 ? -2.812  -0.175  11.140  1.00 33.91  ? 103 LYS A CB  1 
ATOM   872  C  CG  . LYS A 1 104 ? -2.874  -0.056  12.641  1.00 36.53  ? 103 LYS A CG  1 
ATOM   873  C  CD  . LYS A 1 104 ? -3.312  -1.320  13.314  1.00 41.00  ? 103 LYS A CD  1 
ATOM   874  C  CE  . LYS A 1 104 ? -3.437  -1.138  14.807  1.00 41.66  ? 103 LYS A CE  1 
ATOM   875  N  NZ  . LYS A 1 104 ? -2.094  -1.035  15.434  1.00 49.06  ? 103 LYS A NZ  1 
ATOM   876  N  N   . ASP A 1 105 ? -3.615  2.642   9.765   1.00 39.37  ? 104 ASP A N   1 
ATOM   877  C  CA  . ASP A 1 105 ? -4.575  3.757   9.958   1.00 40.30  ? 104 ASP A CA  1 
ATOM   878  C  C   . ASP A 1 105 ? -5.614  3.383   11.027  1.00 41.03  ? 104 ASP A C   1 
ATOM   879  O  O   . ASP A 1 105 ? -5.833  2.182   11.308  1.00 38.65  ? 104 ASP A O   1 
ATOM   880  C  CB  . ASP A 1 105 ? -5.235  4.052   8.615   1.00 41.42  ? 104 ASP A CB  1 
ATOM   881  C  CG  . ASP A 1 105 ? -5.891  5.421   8.552   1.00 46.78  ? 104 ASP A CG  1 
ATOM   882  O  OD1 . ASP A 1 105 ? -5.155  6.387   8.223   1.00 46.36  ? 104 ASP A OD1 1 
ATOM   883  O  OD2 . ASP A 1 105 ? -7.089  5.503   8.884   1.00 42.78  ? 104 ASP A OD2 1 
ATOM   884  N  N   . GLU A 1 106 ? -6.269  4.383   11.617  1.00 42.25  ? 105 GLU A N   1 
ATOM   885  C  CA  . GLU A 1 106 ? -7.384  4.166   12.575  1.00 41.42  ? 105 GLU A CA  1 
ATOM   886  C  C   . GLU A 1 106 ? -8.537  3.385   11.930  1.00 37.85  ? 105 GLU A C   1 
ATOM   887  O  O   . GLU A 1 106 ? -9.230  2.687   12.696  1.00 38.41  ? 105 GLU A O   1 
ATOM   888  C  CB  . GLU A 1 106 ? -7.958  5.488   13.095  1.00 49.42  ? 105 GLU A CB  1 
ATOM   889  C  CG  . GLU A 1 106 ? -7.028  6.260   14.020  1.00 57.43  ? 105 GLU A CG  1 
ATOM   890  C  CD  . GLU A 1 106 ? -7.756  7.158   15.024  1.00 66.25  ? 105 GLU A CD  1 
ATOM   891  O  OE1 . GLU A 1 106 ? -8.860  7.634   14.700  1.00 59.96  ? 105 GLU A OE1 1 
ATOM   892  O  OE2 . GLU A 1 106 ? -7.245  7.334   16.155  1.00 69.50  ? 105 GLU A OE2 1 
ATOM   893  N  N   . ASP A 1 107 ? -8.738  3.467   10.603  1.00 34.41  ? 106 ASP A N   1 
ATOM   894  C  CA  . ASP A 1 107 ? -9.764  2.631   9.879   1.00 39.24  ? 106 ASP A CA  1 
ATOM   895  C  C   . ASP A 1 107 ? -9.354  1.143   9.816   1.00 44.86  ? 106 ASP A C   1 
ATOM   896  O  O   . ASP A 1 107 ? -10.255 0.263   9.645   1.00 37.78  ? 106 ASP A O   1 
ATOM   897  C  CB  . ASP A 1 107 ? -10.125 3.181   8.493   1.00 38.79  ? 106 ASP A CB  1 
ATOM   898  C  CG  . ASP A 1 107 ? -9.049  3.159   7.411   1.00 43.97  ? 106 ASP A CG  1 
ATOM   899  O  OD1 . ASP A 1 107 ? -7.988  2.526   7.618   1.00 38.67  ? 106 ASP A OD1 1 
ATOM   900  O  OD2 . ASP A 1 107 ? -9.302  3.757   6.325   1.00 43.86  ? 106 ASP A OD2 1 
ATOM   901  N  N   . GLY A 1 108 ? -8.067  0.836   9.987   1.00 39.65  ? 107 GLY A N   1 
ATOM   902  C  CA  . GLY A 1 108 ? -7.569  -0.552  9.952   1.00 36.85  ? 107 GLY A CA  1 
ATOM   903  C  C   . GLY A 1 108 ? -6.865  -0.904  8.653   1.00 35.46  ? 107 GLY A C   1 
ATOM   904  O  O   . GLY A 1 108 ? -6.271  -2.005  8.605   1.00 34.81  ? 107 GLY A O   1 
ATOM   905  N  N   . PHE A 1 109 ? -6.846  -0.026  7.646   1.00 32.98  ? 108 PHE A N   1 
ATOM   906  C  CA  . PHE A 1 109 ? -6.056  -0.235  6.403   1.00 33.51  ? 108 PHE A CA  1 
ATOM   907  C  C   . PHE A 1 109 ? -4.614  0.205   6.670   1.00 37.07  ? 108 PHE A C   1 
ATOM   908  O  O   . PHE A 1 109 ? -4.395  1.090   7.561   1.00 36.68  ? 108 PHE A O   1 
ATOM   909  C  CB  . PHE A 1 109 ? -6.633  0.505   5.185   1.00 37.24  ? 108 PHE A CB  1 
ATOM   910  C  CG  . PHE A 1 109 ? -7.773  -0.188  4.483   1.00 39.97  ? 108 PHE A CG  1 
ATOM   911  C  CD1 . PHE A 1 109 ? -7.552  -1.331  3.732   1.00 34.58  ? 108 PHE A CD1 1 
ATOM   912  C  CD2 . PHE A 1 109 ? -9.081  0.271   4.601   1.00 38.54  ? 108 PHE A CD2 1 
ATOM   913  C  CE1 . PHE A 1 109 ? -8.609  -1.996  3.118   1.00 38.12  ? 108 PHE A CE1 1 
ATOM   914  C  CE2 . PHE A 1 109 ? -10.134 -0.377  3.963   1.00 40.16  ? 108 PHE A CE2 1 
ATOM   915  C  CZ  . PHE A 1 109 ? -9.897  -1.521  3.224   1.00 40.19  ? 108 PHE A CZ  1 
ATOM   916  N  N   . LEU A 1 110 ? -3.680  -0.358  5.899   1.00 34.16  ? 109 LEU A N   1 
ATOM   917  C  CA  . LEU A 1 110 ? -2.283  0.152   5.748   1.00 34.66  ? 109 LEU A CA  1 
ATOM   918  C  C   . LEU A 1 110 ? -2.216  0.947   4.430   1.00 35.58  ? 109 LEU A C   1 
ATOM   919  O  O   . LEU A 1 110 ? -2.438  0.346   3.380   1.00 35.93  ? 109 LEU A O   1 
ATOM   920  C  CB  . LEU A 1 110 ? -1.311  -1.033  5.765   1.00 32.04  ? 109 LEU A CB  1 
ATOM   921  C  CG  . LEU A 1 110 ? 0.178   -0.710  5.908   1.00 36.81  ? 109 LEU A CG  1 
ATOM   922  C  CD1 . LEU A 1 110 ? 0.447   0.189   7.140   1.00 36.69  ? 109 LEU A CD1 1 
ATOM   923  C  CD2 . LEU A 1 110 ? 0.984   -2.019  5.989   1.00 33.67  ? 109 LEU A CD2 1 
ATOM   924  N  N   . TYR A 1 111 ? -1.907  2.247   4.495   1.00 34.80  ? 110 TYR A N   1 
ATOM   925  C  CA  . TYR A 1 111 ? -1.910  3.203   3.355   1.00 35.32  ? 110 TYR A CA  1 
ATOM   926  C  C   . TYR A 1 111 ? -0.485  3.357   2.806   1.00 35.11  ? 110 TYR A C   1 
ATOM   927  O  O   . TYR A 1 111 ? 0.494   3.554   3.554   1.00 38.14  ? 110 TYR A O   1 
ATOM   928  C  CB  . TYR A 1 111 ? -2.562  4.527   3.783   1.00 36.36  ? 110 TYR A CB  1 
ATOM   929  C  CG  . TYR A 1 111 ? -4.073  4.447   3.934   1.00 35.22  ? 110 TYR A CG  1 
ATOM   930  C  CD1 . TYR A 1 111 ? -4.667  4.094   5.125   1.00 33.81  ? 110 TYR A CD1 1 
ATOM   931  C  CD2 . TYR A 1 111 ? -4.908  4.699   2.855   1.00 37.16  ? 110 TYR A CD2 1 
ATOM   932  C  CE1 . TYR A 1 111 ? -6.048  3.960   5.235   1.00 34.97  ? 110 TYR A CE1 1 
ATOM   933  C  CE2 . TYR A 1 111 ? -6.288  4.641   2.971   1.00 35.50  ? 110 TYR A CE2 1 
ATOM   934  C  CZ  . TYR A 1 111 ? -6.861  4.264   4.161   1.00 34.12  ? 110 TYR A CZ  1 
ATOM   935  O  OH  . TYR A 1 111 ? -8.231  4.206   4.243   1.00 38.28  ? 110 TYR A OH  1 
ATOM   936  N  N   . MET A 1 112 ? -0.364  3.204   1.496   1.00 33.92  ? 111 MET A N   1 
ATOM   937  C  CA  . MET A 1 112 ? 0.916   3.389   0.776   1.00 40.57  ? 111 MET A CA  1 
ATOM   938  C  C   . MET A 1 112 ? 0.671   4.254   -0.445  1.00 40.58  ? 111 MET A C   1 
ATOM   939  O  O   . MET A 1 112 ? -0.411  4.166   -1.071  1.00 38.41  ? 111 MET A O   1 
ATOM   940  C  CB  . MET A 1 112 ? 1.499   2.052   0.318   1.00 38.96  ? 111 MET A CB  1 
ATOM   941  C  CG  . MET A 1 112 ? 1.547   1.066   1.442   1.00 38.82  ? 111 MET A CG  1 
ATOM   942  S  SD  . MET A 1 112 ? 2.543   -0.375  1.044   1.00 42.73  ? 111 MET A SD  1 
ATOM   943  C  CE  . MET A 1 112 ? 2.424   -1.129  2.667   1.00 42.05  ? 111 MET A CE  1 
ATOM   944  N  N   A VAL A 1 113 ? 1.664   5.077   -0.770  0.41 40.86  ? 112 VAL A N   1 
ATOM   945  N  N   B VAL A 1 113 ? 1.643   5.107   -0.773  0.10 40.82  ? 112 VAL A N   1 
ATOM   946  C  CA  A VAL A 1 113 ? 1.681   5.950   -1.975  0.41 42.15  ? 112 VAL A CA  1 
ATOM   947  C  CA  B VAL A 1 113 ? 1.635   5.943   -2.009  0.10 41.48  ? 112 VAL A CA  1 
ATOM   948  C  C   A VAL A 1 113 ? 3.023   5.746   -2.668  0.41 42.83  ? 112 VAL A C   1 
ATOM   949  C  C   B VAL A 1 113 ? 3.009   5.828   -2.672  0.10 42.03  ? 112 VAL A C   1 
ATOM   950  O  O   A VAL A 1 113 ? 4.023   5.637   -1.951  0.41 40.44  ? 112 VAL A O   1 
ATOM   951  O  O   B VAL A 1 113 ? 4.018   5.867   -1.944  0.10 41.37  ? 112 VAL A O   1 
ATOM   952  C  CB  A VAL A 1 113 ? 1.469   7.432   -1.618  0.41 43.16  ? 112 VAL A CB  1 
ATOM   953  C  CB  B VAL A 1 113 ? 1.255   7.409   -1.724  0.10 41.64  ? 112 VAL A CB  1 
ATOM   954  C  CG1 A VAL A 1 113 ? 1.382   8.281   -2.872  0.41 43.44  ? 112 VAL A CG1 1 
ATOM   955  C  CG1 B VAL A 1 113 ? -0.189  7.533   -1.258  0.10 41.26  ? 112 VAL A CG1 1 
ATOM   956  C  CG2 A VAL A 1 113 ? 0.243   7.633   -0.733  0.41 43.77  ? 112 VAL A CG2 1 
ATOM   957  C  CG2 B VAL A 1 113 ? 2.201   8.062   -0.729  0.10 42.06  ? 112 VAL A CG2 1 
ATOM   958  N  N   . TYR A 1 114 ? 3.025   5.687   -4.001  1.00 42.15  ? 113 TYR A N   1 
ATOM   959  C  CA  . TYR A 1 114 ? 4.258   5.510   -4.804  1.00 43.35  ? 113 TYR A CA  1 
ATOM   960  C  C   . TYR A 1 114 ? 4.432   6.692   -5.753  1.00 48.44  ? 113 TYR A C   1 
ATOM   961  O  O   . TYR A 1 114 ? 3.434   7.277   -6.244  1.00 48.57  ? 113 TYR A O   1 
ATOM   962  C  CB  . TYR A 1 114 ? 4.258   4.159   -5.530  1.00 41.11  ? 113 TYR A CB  1 
ATOM   963  C  CG  . TYR A 1 114 ? 3.252   3.987   -6.633  1.00 41.37  ? 113 TYR A CG  1 
ATOM   964  C  CD1 . TYR A 1 114 ? 2.010   3.443   -6.383  1.00 39.53  ? 113 TYR A CD1 1 
ATOM   965  C  CD2 . TYR A 1 114 ? 3.542   4.376   -7.930  1.00 41.80  ? 113 TYR A CD2 1 
ATOM   966  C  CE1 . TYR A 1 114 ? 1.074   3.292   -7.394  1.00 43.46  ? 113 TYR A CE1 1 
ATOM   967  C  CE2 . TYR A 1 114 ? 2.631   4.197   -8.961  1.00 41.91  ? 113 TYR A CE2 1 
ATOM   968  C  CZ  . TYR A 1 114 ? 1.395   3.649   -8.694  1.00 45.11  ? 113 TYR A CZ  1 
ATOM   969  O  OH  . TYR A 1 114 ? 0.509   3.471   -9.704  1.00 46.89  ? 113 TYR A OH  1 
ATOM   970  N  N   . ALA A 1 115 ? 5.700   6.968   -6.025  1.00 46.33  ? 114 ALA A N   1 
ATOM   971  C  CA  . ALA A 1 115 ? 6.189   8.049   -6.901  1.00 55.22  ? 114 ALA A CA  1 
ATOM   972  C  C   . ALA A 1 115 ? 7.555   7.657   -7.481  1.00 53.05  ? 114 ALA A C   1 
ATOM   973  O  O   . ALA A 1 115 ? 8.173   6.712   -6.943  1.00 48.48  ? 114 ALA A O   1 
ATOM   974  C  CB  . ALA A 1 115 ? 6.283   9.313   -6.081  1.00 49.97  ? 114 ALA A CB  1 
ATOM   975  N  N   . SER A 1 116 ? 8.000   8.359   -8.532  1.00 60.44  ? 115 SER A N   1 
ATOM   976  C  CA  . SER A 1 116 ? 9.296   8.126   -9.227  1.00 61.67  ? 115 SER A CA  1 
ATOM   977  C  C   . SER A 1 116 ? 10.389  8.991   -8.603  1.00 66.57  ? 115 SER A C   1 
ATOM   978  O  O   . SER A 1 116 ? 11.580  8.715   -8.893  1.00 65.12  ? 115 SER A O   1 
ATOM   979  C  CB  . SER A 1 116 ? 9.202   8.372   -10.711 1.00 57.53  ? 115 SER A CB  1 
ATOM   980  O  OG  . SER A 1 116 ? 8.285   9.409   -10.985 1.00 67.55  ? 115 SER A OG  1 
ATOM   981  N  N   . GLN A 1 117 ? 10.001  9.986   -7.792  1.00 60.60  ? 116 GLN A N   1 
ATOM   982  C  CA  . GLN A 1 117 ? 10.945  10.839  -7.019  1.00 65.65  ? 116 GLN A CA  1 
ATOM   983  C  C   . GLN A 1 117 ? 10.795  10.528  -5.520  1.00 63.77  ? 116 GLN A C   1 
ATOM   984  O  O   . GLN A 1 117 ? 9.663   10.231  -5.090  1.00 63.92  ? 116 GLN A O   1 
ATOM   985  C  CB  . GLN A 1 117 ? 10.674  12.312  -7.330  1.00 61.28  ? 116 GLN A CB  1 
ATOM   986  N  N   . GLU A 1 118 ? 11.885  10.628  -4.752  1.00 75.39  ? 117 GLU A N   1 
ATOM   987  C  CA  . GLU A 1 118 ? 11.891  10.629  -3.259  1.00 87.45  ? 117 GLU A CA  1 
ATOM   988  C  C   . GLU A 1 118 ? 11.166  11.860  -2.692  1.00 100.22 ? 117 GLU A C   1 
ATOM   989  O  O   . GLU A 1 118 ? 10.580  11.742  -1.590  1.00 104.56 ? 117 GLU A O   1 
ATOM   990  C  CB  . GLU A 1 118 ? 13.323  10.634  -2.728  1.00 95.06  ? 117 GLU A CB  1 
ATOM   991  C  CG  . GLU A 1 118 ? 13.650  9.429   -1.877  1.00 100.46 ? 117 GLU A CG  1 
ATOM   992  C  CD  . GLU A 1 118 ? 15.108  9.351   -1.466  1.00 109.11 ? 117 GLU A CD  1 
ATOM   993  O  OE1 . GLU A 1 118 ? 15.951  9.932   -2.179  1.00 109.94 ? 117 GLU A OE1 1 
ATOM   994  O  OE2 . GLU A 1 118 ? 15.394  8.715   -0.432  1.00 112.72 ? 117 GLU A OE2 1 
ATOM   995  N  N   . THR A 1 119 ? 11.254  13.007  -3.377  1.00 110.15 ? 118 THR A N   1 
ATOM   996  C  CA  . THR A 1 119 ? 10.547  14.269  -3.025  1.00 119.45 ? 118 THR A CA  1 
ATOM   997  C  C   . THR A 1 119 ? 9.079   14.174  -3.489  1.00 128.42 ? 118 THR A C   1 
ATOM   998  O  O   . THR A 1 119 ? 8.811   14.524  -4.661  1.00 134.81 ? 118 THR A O   1 
ATOM   999  C  CB  . THR A 1 119 ? 11.296  15.479  -3.603  1.00 103.30 ? 118 THR A CB  1 
ATOM   1000 N  N   . PHE A 1 120 ? 8.176   13.698  -2.615  1.00 129.23 ? 119 PHE A N   1 
ATOM   1001 C  CA  . PHE A 1 120 ? 6.707   13.603  -2.851  1.00 123.59 ? 119 PHE A CA  1 
ATOM   1002 C  C   . PHE A 1 120 ? 6.085   14.989  -2.647  1.00 120.79 ? 119 PHE A C   1 
ATOM   1003 O  O   . PHE A 1 120 ? 5.125   15.138  -1.891  1.00 114.04 ? 119 PHE A O   1 
ATOM   1004 C  CB  . PHE A 1 120 ? 6.035   12.586  -1.918  1.00 122.91 ? 119 PHE A CB  1 
ATOM   1005 C  CG  . PHE A 1 120 ? 6.286   11.129  -2.233  1.00 126.84 ? 119 PHE A CG  1 
ATOM   1006 C  CD1 . PHE A 1 120 ? 7.537   10.562  -2.018  1.00 126.74 ? 119 PHE A CD1 1 
ATOM   1007 C  CD2 . PHE A 1 120 ? 5.264   10.310  -2.702  1.00 118.10 ? 119 PHE A CD2 1 
ATOM   1008 C  CE1 . PHE A 1 120 ? 7.769   9.219   -2.288  1.00 120.61 ? 119 PHE A CE1 1 
ATOM   1009 C  CE2 . PHE A 1 120 ? 5.497   8.967   -2.969  1.00 115.82 ? 119 PHE A CE2 1 
ATOM   1010 C  CZ  . PHE A 1 120 ? 6.751   8.425   -2.769  1.00 118.91 ? 119 PHE A CZ  1 
HETATM 1011 N  N1  . LRF B 2 .   ? -15.821 -8.580  12.591  0.90 64.85  ? 201 LRF A N1  1 
HETATM 1012 N  N3  . LRF B 2 .   ? -12.524 -7.119  13.928  0.90 55.04  ? 201 LRF A N3  1 
HETATM 1013 C  C4  . LRF B 2 .   ? -14.801 -7.955  13.297  0.90 59.45  ? 201 LRF A C4  1 
HETATM 1014 C  C5  . LRF B 2 .   ? -13.467 -6.578  14.699  0.90 57.77  ? 201 LRF A C5  1 
HETATM 1015 C  C6  . LRF B 2 .   ? -13.086 -5.582  15.746  0.90 56.89  ? 201 LRF A C6  1 
HETATM 1016 C  C7  . LRF B 2 .   ? -14.791 -7.034  14.381  0.90 57.32  ? 201 LRF A C7  1 
HETATM 1017 C  C8  . LRF B 2 .   ? -15.944 -6.553  15.068  0.90 56.90  ? 201 LRF A C8  1 
HETATM 1018 C  C1  . LRF B 2 .   ? -15.670 -9.965  12.180  0.90 66.14  ? 201 LRF A C1  1 
HETATM 1019 C  C2  . LRF B 2 .   ? -16.997 -7.911  12.040  0.90 72.28  ? 201 LRF A C2  1 
HETATM 1020 C  C3  . LRF B 2 .   ? -17.917 -7.265  13.051  0.90 70.43  ? 201 LRF A C3  1 
HETATM 1021 O  O1  . LRF B 2 .   ? -18.333 -7.903  14.023  0.90 78.35  ? 201 LRF A O1  1 
HETATM 1022 N  N2  . LRF B 2 .   ? -18.247 -6.010  12.786  0.90 75.15  ? 201 LRF A N2  1 
HETATM 1023 S  S1  . LRF B 2 .   ? -13.137 -8.260  12.875  0.90 50.82  ? 201 LRF A S1  1 
HETATM 1024 N  N4  . LRF B 2 .   ? -16.756 -6.256  15.870  0.90 53.91  ? 201 LRF A N4  1 
HETATM 1025 C  C1  . EDO C 3 .   ? 11.368  7.445   8.450   1.00 96.81  ? 202 EDO A C1  1 
HETATM 1026 O  O1  . EDO C 3 .   ? 10.451  8.466   8.060   1.00 95.14  ? 202 EDO A O1  1 
HETATM 1027 C  C2  . EDO C 3 .   ? 12.791  7.715   8.091   1.00 92.24  ? 202 EDO A C2  1 
HETATM 1028 O  O2  . EDO C 3 .   ? 13.573  8.230   9.163   1.00 70.74  ? 202 EDO A O2  1 
HETATM 1029 C  C1  . EDO D 3 .   ? -0.953  -8.980  -4.297  1.00 65.67  ? 203 EDO A C1  1 
HETATM 1030 O  O1  . EDO D 3 .   ? -0.602  -8.915  -2.947  1.00 61.91  ? 203 EDO A O1  1 
HETATM 1031 C  C2  . EDO D 3 .   ? -1.987  -10.012 -4.531  1.00 64.96  ? 203 EDO A C2  1 
HETATM 1032 O  O2  . EDO D 3 .   ? -3.300  -9.442  -4.516  1.00 67.75  ? 203 EDO A O2  1 
HETATM 1033 C  C1  . EDO E 3 .   ? -8.060  9.323   9.659   1.00 67.18  ? 204 EDO A C1  1 
HETATM 1034 O  O1  . EDO E 3 .   ? -7.736  9.853   8.377   1.00 59.98  ? 204 EDO A O1  1 
HETATM 1035 C  C2  . EDO E 3 .   ? -9.059  8.203   9.671   1.00 71.38  ? 204 EDO A C2  1 
HETATM 1036 O  O2  . EDO E 3 .   ? -9.210  7.512   8.433   1.00 67.89  ? 204 EDO A O2  1 
HETATM 1037 C  C1  . EDO F 3 .   ? 14.481  -6.188  -9.098  1.00 59.70  ? 205 EDO A C1  1 
HETATM 1038 O  O1  . EDO F 3 .   ? 14.940  -7.315  -8.360  1.00 57.99  ? 205 EDO A O1  1 
HETATM 1039 C  C2  . EDO F 3 .   ? 13.034  -5.957  -8.866  1.00 55.76  ? 205 EDO A C2  1 
HETATM 1040 O  O2  . EDO F 3 .   ? 12.766  -4.956  -7.940  1.00 64.82  ? 205 EDO A O2  1 
HETATM 1041 C  C1  . EDO G 3 .   ? 14.280  -3.447  -2.550  1.00 81.35  ? 206 EDO A C1  1 
HETATM 1042 O  O1  . EDO G 3 .   ? 13.906  -2.329  -1.754  1.00 76.59  ? 206 EDO A O1  1 
HETATM 1043 C  C2  . EDO G 3 .   ? 13.126  -4.245  -3.107  1.00 67.64  ? 206 EDO A C2  1 
HETATM 1044 O  O2  . EDO G 3 .   ? 12.948  -4.138  -4.505  1.00 77.04  ? 206 EDO A O2  1 
HETATM 1045 C  C1  . EDO H 3 .   ? -2.899  10.427  -2.950  1.00 93.12  ? 207 EDO A C1  1 
HETATM 1046 O  O1  . EDO H 3 .   ? -3.083  9.599   -1.824  1.00 85.38  ? 207 EDO A O1  1 
HETATM 1047 C  C2  . EDO H 3 .   ? -1.469  10.688  -3.257  1.00 97.90  ? 207 EDO A C2  1 
HETATM 1048 O  O2  . EDO H 3 .   ? -0.977  11.936  -2.785  1.00 99.12  ? 207 EDO A O2  1 
HETATM 1049 C  C1  . EDO I 3 .   ? -13.673 -0.826  1.201   1.00 74.99  ? 208 EDO A C1  1 
HETATM 1050 O  O1  . EDO I 3 .   ? -14.598 -1.003  2.261   1.00 65.53  ? 208 EDO A O1  1 
HETATM 1051 C  C2  . EDO I 3 .   ? -14.138 -1.431  -0.096  1.00 79.47  ? 208 EDO A C2  1 
HETATM 1052 O  O2  . EDO I 3 .   ? -13.237 -1.290  -1.198  1.00 79.27  ? 208 EDO A O2  1 
HETATM 1053 C  C1  . EDO J 3 .   ? -2.268  12.113  5.564   1.00 103.33 ? 209 EDO A C1  1 
HETATM 1054 O  O1  . EDO J 3 .   ? -3.074  12.566  4.489   1.00 97.50  ? 209 EDO A O1  1 
HETATM 1055 C  C2  . EDO J 3 .   ? -0.807  12.279  5.322   1.00 100.41 ? 209 EDO A C2  1 
HETATM 1056 O  O2  . EDO J 3 .   ? -0.119  12.958  6.363   1.00 83.23  ? 209 EDO A O2  1 
HETATM 1057 C  C1  . EDO K 3 .   ? 7.756   1.261   7.859   1.00 68.32  ? 210 EDO A C1  1 
HETATM 1058 O  O1  . EDO K 3 .   ? 8.438   2.455   8.245   1.00 66.24  ? 210 EDO A O1  1 
HETATM 1059 C  C2  . EDO K 3 .   ? 8.508   0.375   6.898   1.00 75.84  ? 210 EDO A C2  1 
HETATM 1060 O  O2  . EDO K 3 .   ? 9.457   -0.547  7.463   1.00 66.47  ? 210 EDO A O2  1 
HETATM 1061 CL CL  . CL  L 4 .   ? -6.287  -16.142 4.776   1.00 39.90  ? 211 CL  A CL  1 
HETATM 1062 O  O   . HOH M 5 .   ? 5.345   -7.348  -19.493 1.00 56.03  ? 301 HOH A O   1 
HETATM 1063 O  O   . HOH M 5 .   ? -7.497  10.802  0.429   1.00 82.90  ? 302 HOH A O   1 
HETATM 1064 O  O   . HOH M 5 .   ? -6.940  5.037   -5.506  1.00 69.48  ? 303 HOH A O   1 
HETATM 1065 O  O   . HOH M 5 .   ? -1.514  10.439  -9.468  1.00 64.58  ? 304 HOH A O   1 
HETATM 1066 O  O   . HOH M 5 .   ? -5.408  -8.819  -3.732  1.00 39.38  ? 305 HOH A O   1 
HETATM 1067 O  O   . HOH M 5 .   ? 5.426   -10.032 6.683   1.00 148.50 ? 306 HOH A O   1 
HETATM 1068 O  O   . HOH M 5 .   ? 13.761  6.981   0.029   1.00 62.19  ? 307 HOH A O   1 
HETATM 1069 O  O   . HOH M 5 .   ? 10.013  4.664   1.366   1.00 46.05  ? 308 HOH A O   1 
HETATM 1070 O  O   . HOH M 5 .   ? -4.221  9.042   5.106   1.00 51.19  ? 309 HOH A O   1 
HETATM 1071 O  O   . HOH M 5 .   ? -5.133  11.280  5.142   1.00 80.76  ? 310 HOH A O   1 
HETATM 1072 O  O   . HOH M 5 .   ? 5.355   -3.341  14.842  1.00 60.97  ? 311 HOH A O   1 
HETATM 1073 O  O   . HOH M 5 .   ? -4.226  2.276   -6.884  1.00 48.63  ? 312 HOH A O   1 
HETATM 1074 O  O   . HOH M 5 .   ? 4.220   -5.324  16.540  1.00 64.08  ? 313 HOH A O   1 
HETATM 1075 O  O   . HOH M 5 .   ? -0.278  12.579  -11.541 1.00 81.75  ? 314 HOH A O   1 
HETATM 1076 O  O   . HOH M 5 .   ? 9.549   -4.032  13.724  1.00 61.90  ? 315 HOH A O   1 
HETATM 1077 O  O   . HOH M 5 .   ? -1.425  -2.662  -12.801 1.00 45.79  ? 316 HOH A O   1 
HETATM 1078 O  O   . HOH M 5 .   ? 2.791   -8.448  -8.874  1.00 37.60  ? 317 HOH A O   1 
HETATM 1079 O  O   . HOH M 5 .   ? -13.261 1.363   -3.447  1.00 64.97  ? 318 HOH A O   1 
HETATM 1080 O  O   . HOH M 5 .   ? -0.674  3.086   13.643  1.00 55.17  ? 319 HOH A O   1 
HETATM 1081 O  O   . HOH M 5 .   ? 16.962  -6.591  -6.829  1.00 80.88  ? 320 HOH A O   1 
HETATM 1082 O  O   . HOH M 5 .   ? -0.956  8.621   10.152  1.00 43.47  ? 321 HOH A O   1 
HETATM 1083 O  O   . HOH M 5 .   ? -2.371  6.071   7.446   1.00 40.04  ? 322 HOH A O   1 
HETATM 1084 O  O   . HOH M 5 .   ? -4.013  8.512   9.358   1.00 73.63  ? 323 HOH A O   1 
HETATM 1085 O  O   . HOH M 5 .   ? -9.038  -6.224  -3.913  1.00 59.77  ? 324 HOH A O   1 
HETATM 1086 O  O   . HOH M 5 .   ? 13.322  8.227   1.841   1.00 75.73  ? 325 HOH A O   1 
HETATM 1087 O  O   . HOH M 5 .   ? -17.639 -1.795  3.627   1.00 57.15  ? 326 HOH A O   1 
HETATM 1088 O  O   . HOH M 5 .   ? 12.752  -9.280  -1.471  1.00 45.58  ? 327 HOH A O   1 
HETATM 1089 O  O   . HOH M 5 .   ? 14.227  10.941  -6.049  1.00 77.00  ? 328 HOH A O   1 
HETATM 1090 O  O   . HOH M 5 .   ? -6.811  7.343   0.352   1.00 45.93  ? 329 HOH A O   1 
HETATM 1091 O  O   . HOH M 5 .   ? -6.387  -10.532 10.256  1.00 34.43  ? 330 HOH A O   1 
HETATM 1092 O  O   . HOH M 5 .   ? -0.180  -8.011  12.041  1.00 33.01  ? 331 HOH A O   1 
HETATM 1093 O  O   . HOH M 5 .   ? -2.643  5.455   -0.073  1.00 51.28  ? 332 HOH A O   1 
HETATM 1094 O  O   . HOH M 5 .   ? -7.220  -9.877  7.495   1.00 41.66  ? 333 HOH A O   1 
HETATM 1095 O  O   . HOH M 5 .   ? -0.949  -15.310 4.117   1.00 38.53  ? 334 HOH A O   1 
HETATM 1096 O  O   . HOH M 5 .   ? 17.025  12.197  -0.979  1.00 74.84  ? 335 HOH A O   1 
HETATM 1097 O  O   . HOH M 5 .   ? 0.870   -15.591 6.068   1.00 43.14  ? 336 HOH A O   1 
HETATM 1098 O  O   . HOH M 5 .   ? 3.266   -14.683 9.465   1.00 38.36  ? 337 HOH A O   1 
HETATM 1099 O  O   . HOH M 5 .   ? -1.450  1.664   15.870  1.00 57.88  ? 338 HOH A O   1 
HETATM 1100 O  O   . HOH M 5 .   ? -6.996  -15.794 1.877   1.00 40.84  ? 339 HOH A O   1 
HETATM 1101 O  O   . HOH M 5 .   ? -1.115  -0.958  -14.160 1.00 69.29  ? 340 HOH A O   1 
HETATM 1102 O  O   . HOH M 5 .   ? 8.662   -3.127  -18.595 1.00 60.38  ? 341 HOH A O   1 
HETATM 1103 O  O   . HOH M 5 .   ? -11.390 -1.889  11.163  1.00 48.26  ? 342 HOH A O   1 
HETATM 1104 O  O   . HOH M 5 .   ? -10.627 -3.059  15.113  1.00 55.60  ? 343 HOH A O   1 
HETATM 1105 O  O   . HOH M 5 .   ? -8.540  1.395   -8.588  1.00 62.94  ? 344 HOH A O   1 
HETATM 1106 O  O   . HOH M 5 .   ? 17.455  -1.192  6.451   1.00 57.02  ? 345 HOH A O   1 
HETATM 1107 O  O   . HOH M 5 .   ? 1.533   6.557   2.561   1.00 45.54  ? 346 HOH A O   1 
HETATM 1108 O  O   . HOH M 5 .   ? 14.002  3.200   -6.856  1.00 58.33  ? 347 HOH A O   1 
HETATM 1109 O  O   . HOH M 5 .   ? -1.509  3.485   7.138   1.00 39.36  ? 348 HOH A O   1 
HETATM 1110 O  O   . HOH M 5 .   ? 8.856   -6.073  -14.229 1.00 45.70  ? 349 HOH A O   1 
HETATM 1111 O  O   . HOH M 5 .   ? -1.364  4.556   -16.246 1.00 60.42  ? 350 HOH A O   1 
HETATM 1112 O  O   . HOH M 5 .   ? 10.207  5.896   -12.947 1.00 75.87  ? 351 HOH A O   1 
HETATM 1113 O  O   . HOH M 5 .   ? -11.399 0.341   -4.729  1.00 75.17  ? 352 HOH A O   1 
HETATM 1114 O  O   . HOH M 5 .   ? -6.553  -6.501  9.971   1.00 35.11  ? 353 HOH A O   1 
HETATM 1115 O  O   . HOH M 5 .   ? 14.423  2.185   3.552   1.00 57.92  ? 354 HOH A O   1 
HETATM 1116 O  O   . HOH M 5 .   ? -8.124  -7.014  7.695   1.00 41.68  ? 355 HOH A O   1 
HETATM 1117 O  O   . HOH M 5 .   ? 0.530   6.857   12.756  1.00 44.57  ? 356 HOH A O   1 
HETATM 1118 O  O   . HOH M 5 .   ? 12.159  0.358   -6.666  1.00 49.61  ? 357 HOH A O   1 
HETATM 1119 O  O   . HOH M 5 .   ? 9.457   -11.719 2.067   1.00 38.27  ? 358 HOH A O   1 
HETATM 1120 O  O   . HOH M 5 .   ? -10.327 5.221   15.897  1.00 76.00  ? 359 HOH A O   1 
HETATM 1121 O  O   . HOH M 5 .   ? 10.346  -6.758  -9.403  1.00 48.14  ? 360 HOH A O   1 
HETATM 1122 O  O   . HOH M 5 .   ? -0.460  9.529   7.323   1.00 48.58  ? 361 HOH A O   1 
HETATM 1123 O  O   . HOH M 5 .   ? 0.182   -8.817  -7.388  1.00 38.08  ? 362 HOH A O   1 
HETATM 1124 O  O   . HOH M 5 .   ? -2.822  3.557   -8.692  1.00 54.46  ? 363 HOH A O   1 
HETATM 1125 O  O   . HOH M 5 .   ? -9.660  -1.728  -5.399  1.00 41.82  ? 364 HOH A O   1 
HETATM 1126 O  O   . HOH M 5 .   ? -4.111  5.735   -7.413  1.00 59.00  ? 365 HOH A O   1 
HETATM 1127 O  O   . HOH M 5 .   ? 1.982   12.381  3.869   1.00 59.64  ? 366 HOH A O   1 
HETATM 1128 O  O   . HOH M 5 .   ? 15.894  -0.596  4.204   1.00 82.40  ? 367 HOH A O   1 
HETATM 1129 O  O   . HOH M 5 .   ? -4.556  7.082   11.735  1.00 56.27  ? 368 HOH A O   1 
HETATM 1130 O  O   . HOH M 5 .   ? 6.894   12.574  -11.466 1.00 57.60  ? 369 HOH A O   1 
HETATM 1131 O  O   . HOH M 5 .   ? 10.909  2.971   -1.152  1.00 53.55  ? 370 HOH A O   1 
HETATM 1132 O  O   . HOH M 5 .   ? 11.247  1.960   -2.532  1.00 69.81  ? 371 HOH A O   1 
HETATM 1133 O  O   . HOH M 5 .   ? -1.779  6.194   12.016  1.00 60.81  ? 372 HOH A O   1 
HETATM 1134 O  O   . HOH M 5 .   ? -9.946  -0.005  -7.459  1.00 75.82  ? 373 HOH A O   1 
HETATM 1135 O  O   . HOH M 5 .   ? 5.631   -16.408 0.235   1.00 73.83  ? 374 HOH A O   1 
HETATM 1136 O  O   . HOH M 5 .   ? -7.502  2.324   -10.306 1.00 66.06  ? 375 HOH A O   1 
HETATM 1137 O  O   . HOH M 5 .   ? -19.174 -11.647 0.932   1.00 53.54  ? 376 HOH A O   1 
HETATM 1138 O  O   . HOH M 5 .   ? 8.281   12.527  -9.362  1.00 63.26  ? 377 HOH A O   1 
HETATM 1139 O  O   . HOH M 5 .   ? 12.283  7.380   -13.397 1.00 61.93  ? 378 HOH A O   1 
HETATM 1140 O  O   . HOH M 5 .   ? -10.452 -18.577 5.046   1.00 51.83  ? 379 HOH A O   1 
HETATM 1141 O  O   . HOH M 5 .   ? -2.505  7.680   1.146   1.00 56.45  ? 380 HOH A O   1 
HETATM 1142 O  O   . HOH M 5 .   ? -13.050 0.893   14.931  1.00 57.96  ? 381 HOH A O   1 
HETATM 1143 O  O   . HOH M 5 .   ? 15.885  -6.902  2.553   1.00 78.09  ? 382 HOH A O   1 
HETATM 1144 O  O   . HOH M 5 .   ? 2.502   -15.627 -0.624  1.00 59.81  ? 383 HOH A O   1 
HETATM 1145 O  O   . HOH M 5 .   ? -0.790  8.037   2.741   1.00 51.89  ? 384 HOH A O   1 
HETATM 1146 O  O   . HOH M 5 .   ? -16.105 -3.402  -2.769  1.00 83.26  ? 385 HOH A O   1 
HETATM 1147 O  O   . HOH M 5 .   ? -10.541 -4.290  -5.148  1.00 67.86  ? 386 HOH A O   1 
HETATM 1148 O  O   . HOH M 5 .   ? -1.858  7.864   5.259   1.00 57.94  ? 387 HOH A O   1 
HETATM 1149 O  O   . HOH M 5 .   ? -5.431  8.416   2.033   1.00 53.11  ? 388 HOH A O   1 
HETATM 1150 O  O   . HOH M 5 .   ? 0.097   10.866  2.455   1.00 63.66  ? 389 HOH A O   1 
HETATM 1151 O  O   . HOH M 5 .   ? -9.398  -7.709  -2.273  1.00 67.12  ? 390 HOH A O   1 
HETATM 1152 O  O   . HOH M 5 .   ? -21.471 -1.217  -1.870  1.00 107.57 ? 391 HOH A O   1 
HETATM 1153 O  O   . HOH M 5 .   ? 8.704   -13.645 -0.190  1.00 61.57  ? 392 HOH A O   1 
# 
